data_9QC7
#
_entry.id   9QC7
#
_cell.length_a   1.00
_cell.length_b   1.00
_cell.length_c   1.00
_cell.angle_alpha   90.00
_cell.angle_beta   90.00
_cell.angle_gamma   90.00
#
_symmetry.space_group_name_H-M   'P 1'
#
loop_
_entity.id
_entity.type
_entity.pdbx_description
1 polymer 'Botulinum neurotoxin type B'
2 polymer 'Non-toxic non-hemagglutinin component'
#
loop_
_entity_poly.entity_id
_entity_poly.type
_entity_poly.pdbx_seq_one_letter_code
_entity_poly.pdbx_strand_id
1 'polypeptide(L)'
;MGPVTINNFNYNDPIDNNNIIMMEPPFARGTGRYYKAFKITDRIWIIPERYTFGYKPEDFNKSSGIFNRDVCEYYDPDYL
NTNDKKNIFLQTMIKLFNRIKSKPLGEKLLEMIINGIPYLGDRRVPLEEFNTNIASVTVNKLISNPGEVERKKGIFANLI
IFGPGPVLNENETIDIGIQNHFASREGFGGIMQMKFCPEYVSVFNNVQENKGASIFNRRGYFSDPALILMHQLIYVLHGL
YGIKVDDLPIVPNEKKFFMQSTDAIQAEELYTFGGQDPSIITPSTDKSIYDKVLQNFRGIVDRLNKVLVCISDPNININI
YKNKFKDKYKFVEDSEGKYSIDVESFDKLYKSLMFGFTETNIAENYKIKTRASYFSDSLPPVKIKNLLDNEIYTIEEGFN
ISDKDMEKEYRGQNKAINKQAYEEISKEHLAVYKIQMCKSVKAPGICIDVDNEDLFFIADKNSFSDDLSKNERIEYNTQS
NYIENDFPINELILDTDLISKIELPSENTESLTDFNVDVPVYEKQPAIKKIFTDENTIFQYLYSQTFPLDIRDISLTSSF
DDALLFSNKVYSFFSMDYIKTANKVVEAGLFAGWVKQIVNDFVIEANKSNTMDKIADISLIVPYIGLALNVGNETAKGNF
ENAFEIAGASILLEFIPELLIPVVGAFLLESYIDNKNKIIKTIDNALTKRNEKWSDMYGLIVAQWLSTVNTQFYTIKEGM
YKALNYQAQALEEIIKYRYNIYSEKEKSNINIDFNDINSKLNEGINQAIDNINNFINGCSVSYLMKKMIPLAVEKLLDFD
NTLKKNLLNYIDENKLYLIGSAEYEKSKVNKYLKTIMPFDLSIYTNDTILIEMFNKYNSEILNNIILNLRYKDNNLIDLS
GYGAKVEVYDGVELNDKNQFKLTSSANSKIRVTQNQNIIFNSVFLDFSVSFWIRIPKYKNDGIQNYIHNEYTIINCMKNN
SGWKISIRGNRIIWTLIDINGKTKSVFFEYNIREDISEYINRWFFVTITNNLNNAKIYINGKLESNTDIKDIREVIANGE
IIFKLDGDIDRTQFIWMKYFSIFNTELSQSNIEERYKIQSYSEYLKDFWGNPLMYNKEYYMFNAGNKNSYIKLKKDSPVG
EILTRSKYNQNSKYINYRDLYIGEKFIIRRKSNSQSINDDIVRKEDYIYLDFFNLNQEWRVYTYKYFKKEEEKLFLAPIS
DSDEFYNTIQIKEYDEQPTYSCQLLFKKDEESTDEIGLIGIHRFYESGIVFEEYKDYFCISKWYLKEVKRKPYNLKLGCN
WQFIPKDEGWTEHHHHHHHHHH
;
A
2 'polypeptide(L)'
;MNINDNLSINSPVDNKNVVVVRARKTDTVFKAFKVAPNIWVAPERYYGESLSIDEEYKVDGGIYDSNFLSQDSEKDKFLQ
AIITLLKRINSTNAGEKLLSLISTAIPFPYGYIGGGYYAPNMITFGSAPKSNKKLNSLISSTIPFPYAGYRETNYLSSED
NKSFYASNIVIFGPGANIVENNTVFYKKEDAENGMGTMTEIWFQPFLTYKYDEFYIDPAIELIKCLIKSLYFLYGIKPSD
DLVIPYRLRSELENIEYSQLNIVDLLVSGGIDPKFINTDPYWFTDNYFSNAKKVFEDHRNIYETQIEGNNAIGNDIKLRL
KQKFRININDIWELNLNYFSKEFSIMMPDRFNNALKHFYRKQYYKIDYPENYSINGFVNGQINVQLSLSDRNQDIINKPE
EIINLLNGNNVSLMRSNIYGDGLKSTVDDFYSNYKIPYNRAYEYHFNNSNDSSLDNVNIGVIDNIPEIIDVNPYKENCDK
FSPVQKITSTREINTNIPWPINYLQAQNTNNEKFSLSSDFVEVVSSKDKSLVYSFLSNVMFYLDSIKDNSPIDTDKKYYL
WLREIFRNYSFDITATQEINTDCGINKVVTWFGKALNILNTSDSFVEEFQNLGPISLINKKENLSMPIIEIYGIPNDMLG
LPLNDLNEKLFNIYLKNILYFKKVYFNFLDQWWTEYYSQYFDLICMAKQSILAQEKLIKQIIQNKLQDLFKADISMDKLN
LMNLATEKTFIDLSNESQIAINNINDFLNKSAICVFDTNIYPKFISFMEQCINSVNSNVTAFIQKCTNITEDEKLQLIKL
NTFMNIDFEFFDIQSIKDLITSETDLIKEEKESDYNLFLFTLQEDNNKVIEDISGKNTLVKYSDSISLVYGVNGDALYLK
EPDESVSFSNKAFENGLTNSFSICFWLRNLGEDIITSKLIENKADNCGWEIYFENNGLVFSIVDCNGNEENIYLSDVISK
NWYYISISIDRLRNQLLIFINDKLIANQSIEQILNIYSSNTISLVNENNPIYIEGLSILNRSITSEEVVNNYFSYLNNSY
IRDISGERLEYNKTYELYNYVFPENSLYEVTENNNIYLSIKDTNNLNIQGAKFKLINIDANKQYVQKWDEGVVCLLGDEE
KYVDISSENNRIQLVNSKDTAKRIIFNNDIFMPNCLTFAYNNKYLSLSLRDRNYNWMICNNNDNIPKAAHLWALKGI
;
B
#
# COMPACT_ATOMS: atom_id res chain seq x y z
N PRO A 3 -1.88 -46.45 20.59
CA PRO A 3 -2.58 -47.61 20.00
C PRO A 3 -1.82 -48.33 18.88
N VAL A 4 -1.12 -47.60 18.03
CA VAL A 4 -0.25 -48.20 16.99
C VAL A 4 1.11 -48.48 17.62
N THR A 5 1.60 -49.70 17.46
CA THR A 5 2.89 -50.14 18.01
C THR A 5 3.78 -50.60 16.86
N ILE A 6 5.04 -50.21 16.90
CA ILE A 6 6.03 -50.64 15.88
C ILE A 6 6.97 -51.65 16.53
N ASN A 7 7.15 -52.79 15.89
CA ASN A 7 8.01 -53.87 16.41
C ASN A 7 9.48 -53.60 16.09
N ASN A 8 10.37 -54.44 16.63
CA ASN A 8 11.82 -54.33 16.41
C ASN A 8 12.39 -55.67 16.02
N PHE A 9 13.38 -55.66 15.13
CA PHE A 9 13.91 -56.89 14.53
C PHE A 9 15.38 -56.71 14.16
N ASN A 10 16.01 -57.82 13.85
CA ASN A 10 17.27 -57.88 13.07
C ASN A 10 17.12 -59.00 12.05
N TYR A 11 17.66 -58.80 10.87
CA TYR A 11 17.46 -59.73 9.74
C TYR A 11 17.91 -61.14 10.11
N ASN A 12 18.82 -61.29 11.06
CA ASN A 12 19.39 -62.62 11.39
C ASN A 12 18.63 -63.32 12.52
N ASP A 13 17.50 -62.79 12.97
CA ASP A 13 16.73 -63.41 14.06
C ASP A 13 16.11 -64.71 13.59
N PRO A 14 15.95 -65.72 14.47
CA PRO A 14 15.33 -66.96 14.06
C PRO A 14 13.84 -66.80 13.73
N ILE A 15 13.33 -67.74 12.94
CA ILE A 15 11.88 -67.83 12.64
C ILE A 15 11.15 -68.27 13.91
N ASP A 16 10.12 -67.51 14.29
CA ASP A 16 9.30 -67.81 15.49
C ASP A 16 7.86 -68.15 15.12
N ASN A 17 7.47 -67.99 13.85
CA ASN A 17 6.10 -68.29 13.35
C ASN A 17 5.05 -67.38 14.01
N ASN A 18 5.46 -66.26 14.60
CA ASN A 18 4.50 -65.30 15.15
C ASN A 18 4.78 -63.90 14.59
N ASN A 19 6.05 -63.51 14.53
CA ASN A 19 6.46 -62.18 14.01
C ASN A 19 7.50 -62.31 12.90
N ILE A 20 8.14 -63.46 12.75
CA ILE A 20 9.05 -63.73 11.62
C ILE A 20 8.63 -65.05 11.04
N ILE A 21 8.34 -65.07 9.74
CA ILE A 21 7.73 -66.24 9.10
C ILE A 21 8.36 -66.46 7.74
N MET A 22 7.96 -67.53 7.08
CA MET A 22 8.24 -67.76 5.65
C MET A 22 6.93 -67.61 4.92
N MET A 23 6.87 -66.68 3.96
CA MET A 23 5.60 -66.34 3.28
C MET A 23 5.70 -66.66 1.80
N GLU A 24 4.56 -66.96 1.20
CA GLU A 24 4.44 -67.16 -0.26
C GLU A 24 3.55 -66.06 -0.83
N PRO A 25 4.13 -64.99 -1.40
CA PRO A 25 3.33 -63.83 -1.77
C PRO A 25 2.31 -64.15 -2.86
N PRO A 26 1.28 -63.30 -3.04
CA PRO A 26 0.22 -63.58 -4.01
C PRO A 26 0.67 -63.91 -5.44
N PHE A 27 1.67 -63.21 -5.99
CA PHE A 27 2.06 -63.43 -7.40
C PHE A 27 3.02 -64.62 -7.53
N ALA A 28 3.23 -65.40 -6.49
CA ALA A 28 4.03 -66.65 -6.60
C ALA A 28 3.16 -67.78 -7.15
N ARG A 29 1.83 -67.61 -7.20
CA ARG A 29 0.89 -68.60 -7.78
C ARG A 29 1.03 -69.96 -7.08
N GLY A 30 1.50 -69.98 -5.83
CA GLY A 30 1.59 -71.25 -5.09
C GLY A 30 2.63 -72.20 -5.66
N THR A 31 3.63 -71.70 -6.37
CA THR A 31 4.66 -72.57 -7.00
C THR A 31 5.86 -72.78 -6.07
N GLY A 32 5.87 -72.14 -4.89
CA GLY A 32 6.98 -72.26 -3.92
C GLY A 32 7.81 -71.00 -3.84
N ARG A 33 9.11 -71.17 -3.56
CA ARG A 33 10.05 -70.03 -3.41
C ARG A 33 9.55 -69.09 -2.30
N TYR A 34 9.53 -69.57 -1.07
CA TYR A 34 9.07 -68.78 0.09
C TYR A 34 10.07 -67.69 0.41
N TYR A 35 9.58 -66.60 0.99
CA TYR A 35 10.42 -65.44 1.39
C TYR A 35 10.31 -65.27 2.90
N LYS A 36 11.31 -64.64 3.50
CA LYS A 36 11.31 -64.35 4.94
C LYS A 36 10.72 -62.96 5.19
N ALA A 37 9.75 -62.87 6.07
CA ALA A 37 8.97 -61.63 6.28
C ALA A 37 8.98 -61.24 7.76
N PHE A 38 8.75 -59.96 8.01
CA PHE A 38 8.74 -59.38 9.35
C PHE A 38 7.47 -58.58 9.53
N LYS A 39 6.82 -58.72 10.68
CA LYS A 39 5.56 -58.00 10.98
C LYS A 39 5.90 -56.66 11.62
N ILE A 40 5.96 -55.62 10.82
CA ILE A 40 6.20 -54.24 11.33
C ILE A 40 5.07 -53.86 12.28
N THR A 41 3.85 -54.27 11.97
CA THR A 41 2.65 -53.93 12.77
C THR A 41 1.50 -54.83 12.35
N ASP A 42 0.47 -54.92 13.19
CA ASP A 42 -0.74 -55.72 12.91
C ASP A 42 -1.18 -55.56 11.46
N ARG A 43 -1.20 -56.68 10.74
CA ARG A 43 -1.69 -56.77 9.34
C ARG A 43 -0.73 -56.08 8.34
N ILE A 44 0.50 -55.73 8.72
CA ILE A 44 1.49 -55.14 7.78
C ILE A 44 2.79 -55.93 7.86
N TRP A 45 3.35 -56.27 6.71
CA TRP A 45 4.56 -57.12 6.60
C TRP A 45 5.61 -56.50 5.71
N ILE A 46 6.87 -56.89 5.88
CA ILE A 46 8.03 -56.37 5.09
C ILE A 46 8.88 -57.53 4.61
N ILE A 47 9.23 -57.52 3.33
CA ILE A 47 10.07 -58.57 2.70
C ILE A 47 11.26 -57.89 2.04
N PRO A 48 12.45 -57.85 2.68
CA PRO A 48 13.60 -57.17 2.09
C PRO A 48 14.21 -57.94 0.91
N GLU A 49 13.61 -57.75 -0.25
CA GLU A 49 14.03 -58.45 -1.49
C GLU A 49 13.77 -57.52 -2.68
N ARG A 50 14.31 -57.89 -3.83
CA ARG A 50 13.96 -57.16 -5.08
C ARG A 50 12.62 -57.69 -5.59
N TYR A 51 11.74 -56.77 -5.99
CA TYR A 51 10.43 -57.10 -6.58
C TYR A 51 10.65 -57.62 -8.00
N THR A 52 10.70 -58.91 -8.20
CA THR A 52 11.07 -59.49 -9.51
C THR A 52 9.86 -59.96 -10.34
N PHE A 53 8.66 -59.91 -9.78
CA PHE A 53 7.47 -60.53 -10.42
C PHE A 53 7.15 -59.78 -11.71
N GLY A 54 7.20 -60.50 -12.83
CA GLY A 54 6.85 -59.96 -14.16
C GLY A 54 7.96 -59.15 -14.81
N TYR A 55 9.17 -59.14 -14.26
CA TYR A 55 10.34 -58.51 -14.91
C TYR A 55 11.29 -59.60 -15.39
N LYS A 56 11.90 -59.38 -16.55
CA LYS A 56 12.90 -60.31 -17.09
C LYS A 56 14.18 -60.19 -16.27
N PRO A 57 14.93 -61.28 -16.04
CA PRO A 57 16.17 -61.19 -15.27
C PRO A 57 17.21 -60.19 -15.82
N GLU A 58 17.26 -60.04 -17.14
CA GLU A 58 18.24 -59.15 -17.80
C GLU A 58 17.80 -57.69 -17.70
N ASP A 59 16.57 -57.42 -17.30
CA ASP A 59 16.06 -56.02 -17.25
C ASP A 59 16.69 -55.24 -16.11
N PHE A 60 17.46 -55.89 -15.23
CA PHE A 60 18.07 -55.19 -14.07
C PHE A 60 19.33 -54.42 -14.48
N ASN A 61 19.80 -54.61 -15.71
CA ASN A 61 20.99 -53.88 -16.22
C ASN A 61 20.56 -52.77 -17.15
N LYS A 62 21.23 -51.63 -17.09
CA LYS A 62 20.93 -50.51 -18.01
C LYS A 62 21.21 -50.94 -19.45
N SER A 63 20.37 -50.49 -20.37
CA SER A 63 20.50 -50.82 -21.80
C SER A 63 20.05 -49.61 -22.63
N SER A 64 19.78 -49.84 -23.91
CA SER A 64 19.25 -48.79 -24.83
C SER A 64 17.76 -48.53 -24.54
N GLY A 65 17.09 -49.42 -23.80
CA GLY A 65 15.64 -49.35 -23.59
C GLY A 65 15.26 -48.38 -22.49
N ILE A 66 13.98 -48.39 -22.17
CA ILE A 66 13.41 -47.56 -21.08
C ILE A 66 12.04 -48.13 -20.71
N PHE A 67 11.60 -47.86 -19.50
CA PHE A 67 10.29 -48.36 -18.99
C PHE A 67 9.26 -47.22 -19.01
N ASN A 68 9.60 -46.08 -18.46
CA ASN A 68 8.67 -44.93 -18.38
C ASN A 68 9.21 -43.80 -19.25
N ARG A 69 8.29 -42.98 -19.75
CA ARG A 69 8.62 -41.87 -20.67
C ARG A 69 8.60 -40.50 -19.97
N ASP A 70 8.51 -40.43 -18.65
CA ASP A 70 8.42 -39.13 -17.95
C ASP A 70 9.30 -39.10 -16.72
N VAL A 71 10.39 -39.84 -16.72
CA VAL A 71 11.32 -39.87 -15.56
C VAL A 71 12.70 -40.26 -16.02
N CYS A 72 13.71 -39.80 -15.30
CA CYS A 72 15.10 -40.29 -15.45
C CYS A 72 15.23 -41.56 -14.61
N GLU A 73 15.60 -42.66 -15.24
CA GLU A 73 15.59 -43.99 -14.60
C GLU A 73 17.00 -44.39 -14.19
N TYR A 74 17.19 -44.83 -12.95
CA TYR A 74 18.49 -45.29 -12.41
C TYR A 74 18.48 -46.80 -12.22
N TYR A 75 19.51 -47.47 -12.70
CA TYR A 75 19.62 -48.95 -12.64
C TYR A 75 20.81 -49.33 -11.77
N ASP A 76 20.66 -50.34 -10.92
CA ASP A 76 21.77 -50.82 -10.05
C ASP A 76 21.46 -52.25 -9.63
N PRO A 77 22.03 -53.26 -10.30
CA PRO A 77 21.67 -54.64 -10.02
C PRO A 77 22.28 -55.24 -8.75
N ASP A 78 23.08 -54.48 -8.00
CA ASP A 78 23.72 -54.99 -6.77
C ASP A 78 23.04 -54.49 -5.50
N TYR A 79 22.13 -53.53 -5.59
CA TYR A 79 21.37 -53.05 -4.41
C TYR A 79 20.63 -54.24 -3.77
N LEU A 80 20.74 -54.37 -2.45
CA LEU A 80 20.05 -55.43 -1.65
C LEU A 80 20.45 -56.82 -2.16
N ASN A 81 21.71 -57.19 -2.03
CA ASN A 81 22.18 -58.53 -2.48
C ASN A 81 22.99 -59.28 -1.41
N THR A 82 23.10 -58.73 -0.20
CA THR A 82 23.79 -59.40 0.93
C THR A 82 23.05 -59.10 2.22
N ASN A 83 23.18 -60.02 3.17
CA ASN A 83 22.45 -59.92 4.46
C ASN A 83 22.79 -58.60 5.15
N ASP A 84 24.03 -58.15 5.05
CA ASP A 84 24.42 -56.86 5.68
C ASP A 84 23.57 -55.74 5.07
N LYS A 85 23.50 -55.67 3.75
CA LYS A 85 22.69 -54.63 3.07
C LYS A 85 21.22 -54.88 3.41
N LYS A 86 20.81 -56.14 3.37
CA LYS A 86 19.39 -56.50 3.60
C LYS A 86 18.94 -56.06 4.99
N ASN A 87 19.82 -56.09 5.98
CA ASN A 87 19.48 -55.64 7.34
C ASN A 87 19.40 -54.11 7.39
N ILE A 88 20.19 -53.42 6.58
CA ILE A 88 20.12 -51.94 6.54
C ILE A 88 18.74 -51.51 6.04
N PHE A 89 18.13 -52.29 5.17
CA PHE A 89 16.79 -51.95 4.64
C PHE A 89 15.75 -51.97 5.76
N LEU A 90 15.75 -52.99 6.61
CA LEU A 90 14.75 -53.09 7.70
C LEU A 90 14.91 -51.93 8.68
N GLN A 91 16.14 -51.60 9.05
CA GLN A 91 16.35 -50.57 10.08
C GLN A 91 15.83 -49.22 9.57
N THR A 92 16.08 -48.90 8.33
CA THR A 92 15.59 -47.63 7.77
C THR A 92 14.06 -47.64 7.74
N MET A 93 13.45 -48.77 7.33
CA MET A 93 11.96 -48.84 7.24
C MET A 93 11.35 -48.57 8.62
N ILE A 94 11.90 -49.17 9.66
CA ILE A 94 11.34 -48.98 11.03
C ILE A 94 11.46 -47.51 11.41
N LYS A 95 12.55 -46.85 11.03
CA LYS A 95 12.72 -45.43 11.36
C LYS A 95 11.64 -44.58 10.67
N LEU A 96 11.33 -44.88 9.41
CA LEU A 96 10.33 -44.06 8.67
C LEU A 96 8.94 -44.23 9.28
N PHE A 97 8.58 -45.46 9.68
CA PHE A 97 7.25 -45.66 10.32
C PHE A 97 7.15 -44.91 11.65
N ASN A 98 8.22 -44.90 12.42
CA ASN A 98 8.23 -44.15 13.70
C ASN A 98 8.05 -42.66 13.42
N ARG A 99 8.60 -42.15 12.33
CA ARG A 99 8.40 -40.71 11.99
C ARG A 99 6.93 -40.47 11.60
N ILE A 100 6.31 -41.40 10.87
CA ILE A 100 4.91 -41.18 10.41
C ILE A 100 3.99 -41.04 11.63
N LYS A 101 4.11 -41.91 12.60
CA LYS A 101 3.16 -41.92 13.74
C LYS A 101 3.55 -40.89 14.80
N SER A 102 4.43 -39.94 14.50
CA SER A 102 4.84 -38.90 15.46
C SER A 102 3.82 -37.77 15.55
N LYS A 103 2.82 -37.72 14.68
CA LYS A 103 1.76 -36.69 14.74
C LYS A 103 0.38 -37.33 14.60
N PRO A 104 -0.67 -36.70 15.14
CA PRO A 104 -2.01 -37.30 15.09
C PRO A 104 -2.48 -37.63 13.67
N LEU A 105 -2.19 -36.78 12.70
CA LEU A 105 -2.66 -37.06 11.33
C LEU A 105 -2.04 -38.36 10.82
N GLY A 106 -0.75 -38.57 11.05
CA GLY A 106 -0.09 -39.82 10.64
C GLY A 106 -0.66 -41.02 11.38
N GLU A 107 -0.99 -40.87 12.66
CA GLU A 107 -1.53 -42.02 13.43
C GLU A 107 -2.90 -42.42 12.88
N LYS A 108 -3.72 -41.45 12.47
CA LYS A 108 -5.04 -41.78 11.91
C LYS A 108 -4.90 -42.56 10.61
N LEU A 109 -3.95 -42.17 9.77
CA LEU A 109 -3.74 -42.88 8.50
C LEU A 109 -3.36 -44.33 8.79
N LEU A 110 -2.46 -44.55 9.74
CA LEU A 110 -2.09 -45.95 10.08
C LEU A 110 -3.27 -46.66 10.72
N GLU A 111 -4.03 -45.97 11.54
CA GLU A 111 -5.16 -46.60 12.26
C GLU A 111 -6.19 -47.08 11.24
N MET A 112 -6.50 -46.27 10.24
CA MET A 112 -7.50 -46.63 9.21
C MET A 112 -7.02 -47.83 8.41
N ILE A 113 -5.75 -47.89 8.09
CA ILE A 113 -5.22 -49.01 7.29
C ILE A 113 -5.37 -50.30 8.08
N ILE A 114 -5.06 -50.28 9.37
CA ILE A 114 -5.16 -51.52 10.21
C ILE A 114 -6.62 -51.96 10.31
N ASN A 115 -7.53 -51.02 10.55
CA ASN A 115 -8.95 -51.38 10.77
C ASN A 115 -9.63 -51.76 9.46
N GLY A 116 -9.14 -51.25 8.33
CA GLY A 116 -9.80 -51.47 7.03
C GLY A 116 -9.62 -52.88 6.53
N ILE A 117 -10.09 -53.88 7.26
CA ILE A 117 -9.92 -55.28 6.81
C ILE A 117 -10.67 -55.46 5.50
N PRO A 118 -10.14 -56.20 4.51
CA PRO A 118 -10.93 -56.55 3.35
C PRO A 118 -12.15 -57.42 3.69
N TYR A 119 -13.25 -57.16 3.01
CA TYR A 119 -14.50 -57.94 3.17
C TYR A 119 -14.21 -59.39 2.78
N LEU A 120 -14.71 -60.32 3.58
CA LEU A 120 -14.44 -61.77 3.35
C LEU A 120 -15.33 -62.27 2.21
N GLY A 121 -15.15 -61.73 1.01
CA GLY A 121 -16.00 -62.10 -0.12
C GLY A 121 -15.49 -61.51 -1.42
N ASP A 122 -16.25 -61.74 -2.46
CA ASP A 122 -15.89 -61.31 -3.83
C ASP A 122 -17.16 -61.32 -4.67
N ARG A 123 -17.12 -60.65 -5.81
CA ARG A 123 -18.32 -60.50 -6.67
C ARG A 123 -18.85 -61.88 -7.10
N ARG A 124 -18.02 -62.92 -7.10
CA ARG A 124 -18.46 -64.27 -7.51
C ARG A 124 -19.07 -65.06 -6.36
N VAL A 125 -19.17 -64.49 -5.16
CA VAL A 125 -19.68 -65.24 -3.98
C VAL A 125 -21.18 -65.00 -3.86
N PRO A 126 -21.98 -66.00 -3.43
CA PRO A 126 -23.39 -65.75 -3.11
C PRO A 126 -23.54 -64.72 -1.98
N LEU A 127 -24.65 -64.01 -1.99
CA LEU A 127 -24.89 -62.89 -1.04
C LEU A 127 -25.10 -63.39 0.39
N GLU A 128 -25.25 -64.71 0.61
CA GLU A 128 -25.70 -65.22 1.93
C GLU A 128 -24.53 -65.78 2.74
N GLU A 129 -23.29 -65.52 2.34
CA GLU A 129 -22.16 -66.22 2.99
C GLU A 129 -20.87 -65.42 2.88
N PHE A 130 -19.90 -65.82 3.69
CA PHE A 130 -18.49 -65.40 3.57
C PHE A 130 -17.70 -66.50 2.89
N ASN A 131 -16.51 -66.13 2.43
CA ASN A 131 -15.55 -67.09 1.83
C ASN A 131 -14.14 -66.53 1.98
N THR A 132 -13.16 -67.42 2.10
CA THR A 132 -11.76 -67.02 2.39
C THR A 132 -10.75 -67.72 1.49
N ASN A 133 -11.15 -68.56 0.55
CA ASN A 133 -10.19 -69.17 -0.39
C ASN A 133 -10.03 -68.26 -1.60
N ILE A 134 -9.69 -67.00 -1.38
CA ILE A 134 -9.53 -66.01 -2.47
C ILE A 134 -8.14 -65.40 -2.32
N ALA A 135 -7.41 -65.30 -3.42
CA ALA A 135 -6.01 -64.82 -3.41
C ALA A 135 -5.94 -63.39 -2.89
N SER A 136 -7.05 -62.66 -2.87
CA SER A 136 -7.07 -61.24 -2.42
C SER A 136 -7.34 -61.11 -0.92
N VAL A 137 -7.47 -62.23 -0.20
CA VAL A 137 -7.83 -62.20 1.25
C VAL A 137 -6.75 -62.89 2.06
N THR A 138 -6.29 -64.06 1.63
CA THR A 138 -5.41 -64.93 2.44
C THR A 138 -4.05 -65.10 1.79
N VAL A 139 -3.04 -65.32 2.60
CA VAL A 139 -1.66 -65.68 2.13
C VAL A 139 -1.17 -66.86 2.96
N ASN A 140 -0.44 -67.76 2.34
CA ASN A 140 0.08 -68.96 3.02
C ASN A 140 1.39 -68.66 3.75
N LYS A 141 1.63 -69.37 4.84
CA LYS A 141 2.92 -69.36 5.55
C LYS A 141 3.41 -70.78 5.78
N LEU A 142 4.72 -70.96 5.85
CA LEU A 142 5.32 -72.31 6.01
C LEU A 142 5.61 -72.57 7.47
N ILE A 143 5.21 -73.73 7.95
CA ILE A 143 5.34 -74.10 9.39
C ILE A 143 6.41 -75.17 9.53
N SER A 144 6.48 -76.09 8.59
CA SER A 144 7.43 -77.23 8.64
C SER A 144 8.86 -76.70 8.67
N ASN A 145 9.74 -77.46 9.32
CA ASN A 145 11.19 -77.13 9.37
C ASN A 145 11.79 -77.44 8.00
N PRO A 146 12.97 -76.89 7.67
CA PRO A 146 13.57 -77.11 6.36
C PRO A 146 13.78 -78.58 6.01
N GLY A 147 14.10 -79.40 7.03
CA GLY A 147 14.33 -80.85 6.88
C GLY A 147 13.07 -81.65 7.14
N GLU A 148 11.91 -81.17 6.73
CA GLU A 148 10.63 -81.86 7.00
C GLU A 148 9.69 -81.68 5.82
N VAL A 149 8.75 -82.60 5.68
CA VAL A 149 7.65 -82.48 4.69
C VAL A 149 6.94 -81.14 4.89
N GLU A 150 6.55 -80.52 3.78
CA GLU A 150 5.94 -79.17 3.81
C GLU A 150 4.64 -79.19 4.62
N ARG A 151 4.46 -78.18 5.45
CA ARG A 151 3.18 -77.94 6.16
C ARG A 151 2.88 -76.45 6.10
N LYS A 152 1.65 -76.11 5.73
CA LYS A 152 1.29 -74.71 5.43
C LYS A 152 0.15 -74.25 6.33
N LYS A 153 0.06 -72.94 6.48
CA LYS A 153 -1.05 -72.31 7.23
C LYS A 153 -1.36 -70.97 6.58
N GLY A 154 -2.61 -70.54 6.74
CA GLY A 154 -3.10 -69.28 6.16
C GLY A 154 -3.18 -68.17 7.17
N ILE A 155 -3.12 -66.93 6.70
CA ILE A 155 -3.25 -65.74 7.58
C ILE A 155 -3.95 -64.63 6.82
N PHE A 156 -4.53 -63.71 7.55
CA PHE A 156 -5.08 -62.44 6.99
C PHE A 156 -3.98 -61.40 6.97
N ALA A 157 -4.03 -60.52 5.98
CA ALA A 157 -3.10 -59.38 5.88
C ALA A 157 -3.76 -58.24 5.12
N ASN A 158 -3.17 -57.07 5.22
CA ASN A 158 -3.64 -55.86 4.51
C ASN A 158 -2.57 -55.36 3.55
N LEU A 159 -1.33 -55.23 3.99
CA LEU A 159 -0.25 -54.62 3.18
C LEU A 159 1.01 -55.50 3.20
N ILE A 160 1.69 -55.59 2.07
CA ILE A 160 3.01 -56.24 1.95
C ILE A 160 3.95 -55.30 1.20
N ILE A 161 5.14 -55.07 1.73
CA ILE A 161 6.12 -54.07 1.20
C ILE A 161 7.36 -54.81 0.73
N PHE A 162 7.79 -54.56 -0.50
CA PHE A 162 8.95 -55.21 -1.13
C PHE A 162 10.05 -54.17 -1.35
N GLY A 163 11.16 -54.61 -1.94
CA GLY A 163 12.20 -53.70 -2.40
C GLY A 163 11.93 -53.24 -3.83
N PRO A 164 12.77 -52.33 -4.33
CA PRO A 164 12.56 -51.76 -5.65
C PRO A 164 12.72 -52.80 -6.75
N GLY A 165 12.06 -52.57 -7.89
CA GLY A 165 12.22 -53.40 -9.09
C GLY A 165 13.47 -52.95 -9.86
N PRO A 166 13.48 -53.08 -11.20
CA PRO A 166 14.64 -52.68 -11.98
C PRO A 166 15.00 -51.19 -11.88
N VAL A 167 14.02 -50.33 -11.66
CA VAL A 167 14.29 -48.88 -11.48
C VAL A 167 14.17 -48.53 -10.00
N LEU A 168 15.16 -47.88 -9.44
CA LEU A 168 15.21 -47.67 -7.98
C LEU A 168 14.46 -46.41 -7.59
N ASN A 169 14.30 -45.44 -8.47
CA ASN A 169 13.68 -44.14 -8.08
C ASN A 169 12.21 -44.08 -8.51
N GLU A 170 11.57 -45.21 -8.78
CA GLU A 170 10.12 -45.23 -9.10
C GLU A 170 9.42 -46.21 -8.18
N ASN A 171 8.35 -45.79 -7.53
CA ASN A 171 7.61 -46.59 -6.54
C ASN A 171 6.16 -46.76 -7.00
N GLU A 172 5.56 -47.85 -6.62
CA GLU A 172 4.22 -48.21 -7.11
C GLU A 172 3.46 -48.96 -6.02
N THR A 173 2.16 -48.95 -6.16
CA THR A 173 1.24 -49.79 -5.39
C THR A 173 0.45 -50.62 -6.37
N ILE A 174 0.45 -51.91 -6.19
CA ILE A 174 -0.17 -52.85 -7.15
C ILE A 174 -1.40 -53.48 -6.49
N ASP A 175 -2.47 -53.61 -7.25
CA ASP A 175 -3.70 -54.32 -6.81
C ASP A 175 -3.70 -55.73 -7.39
N ILE A 176 -4.56 -56.58 -6.83
CA ILE A 176 -4.72 -57.98 -7.27
C ILE A 176 -6.02 -58.07 -8.06
N GLY A 177 -5.91 -58.55 -9.30
CA GLY A 177 -7.04 -58.74 -10.22
C GLY A 177 -7.24 -60.20 -10.53
N ILE A 178 -8.48 -60.69 -10.41
CA ILE A 178 -8.84 -62.10 -10.75
C ILE A 178 -9.88 -62.07 -11.85
N GLN A 179 -9.64 -62.83 -12.92
CA GLN A 179 -10.57 -62.89 -14.09
C GLN A 179 -10.82 -61.47 -14.62
N ASN A 180 -9.79 -60.64 -14.61
CA ASN A 180 -9.82 -59.25 -15.16
C ASN A 180 -10.77 -58.37 -14.33
N HIS A 181 -11.05 -58.75 -13.10
CA HIS A 181 -11.86 -57.93 -12.18
C HIS A 181 -11.07 -57.68 -10.89
N PHE A 182 -11.14 -56.46 -10.39
CA PHE A 182 -10.38 -56.03 -9.20
C PHE A 182 -11.34 -55.81 -8.05
N ALA A 183 -11.14 -56.52 -6.94
CA ALA A 183 -11.96 -56.33 -5.72
C ALA A 183 -11.76 -54.94 -5.10
N SER A 184 -10.65 -54.27 -5.38
CA SER A 184 -10.39 -52.91 -4.82
C SER A 184 -11.15 -51.83 -5.58
N ARG A 185 -11.79 -52.15 -6.70
CA ARG A 185 -12.58 -51.16 -7.47
C ARG A 185 -14.07 -51.51 -7.41
N GLU A 186 -14.49 -52.35 -6.47
CA GLU A 186 -15.90 -52.80 -6.39
C GLU A 186 -16.41 -52.77 -4.97
N GLY A 187 -15.80 -51.98 -4.07
CA GLY A 187 -16.29 -51.75 -2.70
C GLY A 187 -15.86 -52.79 -1.68
N PHE A 188 -15.23 -53.91 -2.08
CA PHE A 188 -14.84 -54.97 -1.13
C PHE A 188 -13.46 -54.69 -0.51
N GLY A 189 -12.45 -54.41 -1.31
CA GLY A 189 -11.06 -54.25 -0.86
C GLY A 189 -10.30 -55.54 -0.99
N GLY A 190 -8.99 -55.46 -0.80
CA GLY A 190 -8.14 -56.65 -0.89
C GLY A 190 -6.72 -56.34 -0.49
N ILE A 191 -5.91 -57.38 -0.40
CA ILE A 191 -4.48 -57.22 -0.05
C ILE A 191 -3.83 -56.29 -1.08
N MET A 192 -2.97 -55.43 -0.61
CA MET A 192 -2.23 -54.51 -1.49
C MET A 192 -0.73 -54.78 -1.38
N GLN A 193 -0.01 -54.52 -2.45
CA GLN A 193 1.46 -54.66 -2.49
C GLN A 193 2.10 -53.35 -2.92
N MET A 194 3.31 -53.11 -2.44
CA MET A 194 4.03 -51.86 -2.74
C MET A 194 5.51 -52.17 -2.91
N LYS A 195 6.11 -51.57 -3.94
CA LYS A 195 7.57 -51.61 -4.15
C LYS A 195 8.15 -50.28 -3.76
N PHE A 196 9.16 -50.30 -2.92
CA PHE A 196 9.65 -49.08 -2.25
C PHE A 196 11.17 -49.09 -2.15
N CYS A 197 11.77 -47.92 -2.24
CA CYS A 197 13.21 -47.72 -2.02
C CYS A 197 13.43 -46.38 -1.32
N PRO A 198 13.90 -46.37 -0.07
CA PRO A 198 14.03 -45.12 0.67
C PRO A 198 15.35 -44.37 0.48
N GLU A 199 16.26 -44.85 -0.36
CA GLU A 199 17.62 -44.26 -0.48
C GLU A 199 17.70 -43.22 -1.59
N TYR A 200 17.23 -43.53 -2.79
CA TYR A 200 17.29 -42.60 -3.94
C TYR A 200 15.96 -41.84 -4.04
N VAL A 201 16.04 -40.53 -4.09
CA VAL A 201 14.86 -39.64 -3.95
C VAL A 201 14.82 -38.68 -5.12
N SER A 202 13.66 -38.08 -5.33
CA SER A 202 13.40 -37.18 -6.47
C SER A 202 13.80 -35.77 -6.10
N VAL A 203 14.09 -35.00 -7.13
CA VAL A 203 14.52 -33.59 -7.01
C VAL A 203 13.54 -32.73 -7.77
N PHE A 204 13.18 -31.60 -7.18
CA PHE A 204 12.26 -30.65 -7.84
C PHE A 204 12.75 -29.23 -7.66
N ASN A 205 11.96 -28.28 -8.12
CA ASN A 205 12.30 -26.85 -8.05
C ASN A 205 11.04 -26.05 -7.82
N ASN A 206 11.20 -24.78 -7.45
CA ASN A 206 10.07 -23.93 -7.03
C ASN A 206 10.13 -22.64 -7.83
N VAL A 207 10.22 -22.76 -9.14
CA VAL A 207 10.38 -21.59 -10.05
C VAL A 207 9.23 -20.58 -9.84
N GLN A 208 8.06 -21.03 -9.44
CA GLN A 208 6.86 -20.16 -9.36
C GLN A 208 6.74 -19.47 -8.00
N GLU A 209 7.68 -19.66 -7.08
CA GLU A 209 7.58 -19.07 -5.73
C GLU A 209 8.40 -17.78 -5.69
N ASN A 210 7.76 -16.69 -5.29
CA ASN A 210 8.42 -15.36 -5.27
C ASN A 210 8.91 -15.06 -3.86
N LYS A 211 10.19 -14.81 -3.71
CA LYS A 211 10.76 -14.40 -2.39
C LYS A 211 11.81 -13.31 -2.57
N GLY A 212 11.78 -12.57 -3.68
CA GLY A 212 12.66 -11.42 -3.91
C GLY A 212 14.10 -11.84 -4.17
N ALA A 213 15.01 -10.87 -4.08
CA ALA A 213 16.44 -11.07 -4.36
C ALA A 213 17.04 -11.99 -3.28
N SER A 214 17.24 -13.26 -3.59
CA SER A 214 17.79 -14.25 -2.63
C SER A 214 18.87 -15.07 -3.31
N ILE A 215 19.93 -15.35 -2.60
CA ILE A 215 21.08 -16.10 -3.19
C ILE A 215 20.68 -17.55 -3.42
N PHE A 216 19.94 -18.15 -2.50
CA PHE A 216 19.72 -19.63 -2.51
C PHE A 216 18.32 -20.00 -2.98
N ASN A 217 17.43 -19.04 -3.20
CA ASN A 217 16.08 -19.36 -3.71
C ASN A 217 16.21 -19.99 -5.10
N ARG A 218 15.37 -20.97 -5.39
CA ARG A 218 15.31 -21.60 -6.73
C ARG A 218 16.67 -22.21 -7.09
N ARG A 219 17.12 -23.19 -6.31
CA ARG A 219 18.39 -23.89 -6.55
C ARG A 219 18.23 -25.41 -6.52
N GLY A 220 17.02 -25.93 -6.25
CA GLY A 220 16.77 -27.38 -6.26
C GLY A 220 16.58 -27.92 -4.86
N TYR A 221 15.61 -28.81 -4.70
CA TYR A 221 15.29 -29.45 -3.41
C TYR A 221 15.17 -30.95 -3.64
N PHE A 222 15.52 -31.73 -2.64
CA PHE A 222 15.29 -33.19 -2.66
C PHE A 222 14.18 -33.54 -1.68
N SER A 223 13.46 -34.59 -2.01
CA SER A 223 12.25 -35.05 -1.27
C SER A 223 12.64 -35.70 0.05
N ASP A 224 11.75 -35.58 1.03
CA ASP A 224 11.81 -36.36 2.27
C ASP A 224 11.23 -37.75 2.04
N PRO A 225 12.00 -38.83 2.28
CA PRO A 225 11.49 -40.18 2.04
C PRO A 225 10.25 -40.57 2.87
N ALA A 226 10.05 -39.93 4.02
CA ALA A 226 8.83 -40.19 4.82
C ALA A 226 7.58 -39.76 4.02
N LEU A 227 7.61 -38.61 3.35
CA LEU A 227 6.44 -38.15 2.57
C LEU A 227 6.25 -39.05 1.36
N ILE A 228 7.30 -39.59 0.80
CA ILE A 228 7.13 -40.55 -0.33
C ILE A 228 6.35 -41.77 0.17
N LEU A 229 6.70 -42.31 1.33
CA LEU A 229 5.98 -43.49 1.86
C LEU A 229 4.51 -43.14 2.12
N MET A 230 4.24 -42.01 2.74
CA MET A 230 2.85 -41.59 3.05
C MET A 230 2.04 -41.46 1.76
N HIS A 231 2.60 -40.80 0.77
CA HIS A 231 1.92 -40.65 -0.54
C HIS A 231 1.50 -42.02 -1.08
N GLN A 232 2.35 -43.01 -0.93
CA GLN A 232 2.01 -44.37 -1.37
C GLN A 232 0.99 -45.01 -0.43
N LEU A 233 0.98 -44.65 0.84
CA LEU A 233 0.02 -45.26 1.79
C LEU A 233 -1.40 -44.75 1.51
N ILE A 234 -1.55 -43.55 0.95
CA ILE A 234 -2.90 -43.07 0.56
C ILE A 234 -3.48 -43.96 -0.54
N TYR A 235 -2.68 -44.41 -1.49
CA TYR A 235 -3.15 -45.36 -2.51
C TYR A 235 -3.59 -46.66 -1.84
N VAL A 236 -2.91 -47.08 -0.78
CA VAL A 236 -3.30 -48.32 -0.07
C VAL A 236 -4.67 -48.11 0.55
N LEU A 237 -4.88 -46.94 1.15
CA LEU A 237 -6.15 -46.66 1.85
C LEU A 237 -7.31 -46.73 0.85
N HIS A 238 -7.16 -46.19 -0.35
CA HIS A 238 -8.21 -46.29 -1.38
C HIS A 238 -8.46 -47.76 -1.73
N GLY A 239 -7.41 -48.54 -1.90
CA GLY A 239 -7.59 -49.93 -2.33
C GLY A 239 -8.26 -50.78 -1.27
N LEU A 240 -8.00 -50.52 0.01
CA LEU A 240 -8.59 -51.35 1.08
C LEU A 240 -10.08 -51.07 1.22
N TYR A 241 -10.49 -49.83 1.00
CA TYR A 241 -11.91 -49.43 1.11
C TYR A 241 -12.66 -49.68 -0.19
N GLY A 242 -12.00 -50.16 -1.23
CA GLY A 242 -12.70 -50.48 -2.49
C GLY A 242 -13.30 -49.26 -3.19
N ILE A 243 -12.58 -48.15 -3.28
CA ILE A 243 -13.07 -46.94 -3.98
C ILE A 243 -12.04 -46.55 -5.04
N LYS A 244 -11.36 -47.53 -5.61
CA LYS A 244 -10.34 -47.28 -6.66
C LYS A 244 -10.99 -47.46 -8.03
N VAL A 245 -12.03 -46.69 -8.29
CA VAL A 245 -12.84 -46.86 -9.54
C VAL A 245 -12.08 -46.30 -10.74
N ASP A 246 -12.45 -46.79 -11.90
CA ASP A 246 -11.94 -46.28 -13.20
C ASP A 246 -13.06 -45.54 -13.91
N ASP A 247 -12.71 -44.45 -14.57
CA ASP A 247 -13.64 -43.64 -15.37
C ASP A 247 -12.83 -42.82 -16.38
N LEU A 248 -13.41 -41.74 -16.89
CA LEU A 248 -12.79 -40.99 -18.01
C LEU A 248 -11.45 -40.38 -17.60
N PRO A 249 -10.32 -40.77 -18.23
CA PRO A 249 -9.02 -40.22 -17.85
C PRO A 249 -8.60 -38.99 -18.65
N ILE A 250 -7.46 -38.42 -18.28
CA ILE A 250 -6.80 -37.32 -19.03
C ILE A 250 -5.82 -37.95 -20.02
N VAL A 251 -5.96 -37.62 -21.29
CA VAL A 251 -5.12 -38.20 -22.38
C VAL A 251 -4.40 -37.06 -23.04
N PRO A 252 -3.07 -37.13 -23.19
CA PRO A 252 -2.33 -36.05 -23.84
C PRO A 252 -2.54 -36.03 -25.35
N ASN A 253 -2.25 -34.87 -25.93
CA ASN A 253 -2.33 -34.65 -27.39
C ASN A 253 -0.94 -34.88 -27.98
N GLU A 254 -0.88 -35.67 -29.04
CA GLU A 254 0.44 -36.07 -29.62
C GLU A 254 0.42 -35.90 -31.14
N LYS A 255 -0.14 -34.81 -31.65
CA LYS A 255 -0.29 -34.61 -33.12
C LYS A 255 0.74 -33.61 -33.64
N LYS A 256 1.69 -33.17 -32.81
CA LYS A 256 2.71 -32.20 -33.26
C LYS A 256 4.05 -32.52 -32.60
N PHE A 257 5.12 -32.11 -33.25
CA PHE A 257 6.50 -32.49 -32.83
C PHE A 257 6.85 -31.92 -31.44
N PHE A 258 6.21 -30.83 -31.00
CA PHE A 258 6.57 -30.17 -29.74
C PHE A 258 5.63 -30.56 -28.60
N MET A 259 4.83 -31.62 -28.76
CA MET A 259 3.92 -32.08 -27.68
C MET A 259 4.64 -33.13 -26.83
N GLN A 260 4.27 -33.19 -25.56
CA GLN A 260 4.79 -34.20 -24.61
C GLN A 260 3.95 -35.47 -24.69
N SER A 261 4.60 -36.62 -24.63
CA SER A 261 3.97 -37.94 -24.76
C SER A 261 3.96 -38.64 -23.41
N THR A 262 2.82 -39.21 -23.04
CA THR A 262 2.64 -39.83 -21.71
C THR A 262 1.46 -40.79 -21.76
N ASP A 263 1.36 -41.66 -20.76
CA ASP A 263 0.20 -42.55 -20.60
C ASP A 263 -0.97 -41.80 -19.94
N ALA A 264 -2.15 -42.38 -20.01
CA ALA A 264 -3.38 -41.72 -19.50
C ALA A 264 -3.28 -41.52 -17.98
N ILE A 265 -3.89 -40.46 -17.51
CA ILE A 265 -3.90 -40.10 -16.06
C ILE A 265 -5.31 -40.32 -15.53
N GLN A 266 -5.41 -41.00 -14.41
CA GLN A 266 -6.70 -41.33 -13.76
C GLN A 266 -7.05 -40.29 -12.71
N ALA A 267 -8.33 -40.05 -12.50
CA ALA A 267 -8.81 -38.98 -11.60
C ALA A 267 -8.31 -39.21 -10.16
N GLU A 268 -8.14 -40.47 -9.77
CA GLU A 268 -7.64 -40.80 -8.41
C GLU A 268 -6.27 -40.17 -8.18
N GLU A 269 -5.38 -40.25 -9.16
CA GLU A 269 -4.00 -39.70 -9.00
C GLU A 269 -4.10 -38.20 -8.72
N LEU A 270 -4.99 -37.49 -9.39
CA LEU A 270 -5.08 -36.03 -9.19
C LEU A 270 -5.75 -35.71 -7.85
N TYR A 271 -6.72 -36.52 -7.44
CA TYR A 271 -7.35 -36.37 -6.10
C TYR A 271 -6.29 -36.55 -5.03
N THR A 272 -5.44 -37.56 -5.18
CA THR A 272 -4.43 -37.90 -4.15
C THR A 272 -3.44 -36.76 -3.99
N PHE A 273 -3.03 -36.14 -5.06
CA PHE A 273 -2.02 -35.07 -5.00
C PHE A 273 -2.57 -33.87 -4.24
N GLY A 274 -3.81 -33.50 -4.49
CA GLY A 274 -4.42 -32.31 -3.87
C GLY A 274 -3.99 -31.03 -4.51
N GLY A 275 -4.23 -29.92 -3.83
CA GLY A 275 -4.00 -28.56 -4.34
C GLY A 275 -5.12 -28.17 -5.31
N GLN A 276 -4.78 -27.57 -6.44
CA GLN A 276 -5.77 -27.20 -7.48
C GLN A 276 -5.85 -28.29 -8.55
N ASP A 277 -5.15 -29.39 -8.39
CA ASP A 277 -5.20 -30.49 -9.39
C ASP A 277 -6.58 -31.11 -9.55
N PRO A 278 -7.35 -31.35 -8.47
CA PRO A 278 -8.71 -31.89 -8.64
C PRO A 278 -9.65 -30.95 -9.43
N SER A 279 -9.28 -29.68 -9.57
CA SER A 279 -10.02 -28.74 -10.45
C SER A 279 -9.91 -29.13 -11.91
N ILE A 280 -9.00 -30.01 -12.28
CA ILE A 280 -8.86 -30.48 -13.69
C ILE A 280 -9.92 -31.54 -13.97
N ILE A 281 -10.55 -32.10 -12.95
CA ILE A 281 -11.67 -33.06 -13.17
C ILE A 281 -12.94 -32.24 -13.15
N THR A 282 -13.71 -32.30 -14.22
CA THR A 282 -14.95 -31.49 -14.36
C THR A 282 -15.95 -31.98 -13.35
N PRO A 283 -16.83 -31.07 -12.84
CA PRO A 283 -17.92 -31.44 -11.94
C PRO A 283 -18.81 -32.58 -12.45
N SER A 284 -18.91 -32.75 -13.77
CA SER A 284 -19.71 -33.83 -14.35
C SER A 284 -19.09 -35.17 -13.95
N THR A 285 -17.78 -35.29 -14.03
CA THR A 285 -17.09 -36.56 -13.68
C THR A 285 -17.02 -36.71 -12.16
N ASP A 286 -16.95 -35.62 -11.42
CA ASP A 286 -17.03 -35.70 -9.95
C ASP A 286 -18.33 -36.41 -9.51
N LYS A 287 -19.46 -36.02 -10.08
CA LYS A 287 -20.75 -36.63 -9.72
C LYS A 287 -20.76 -38.06 -10.23
N SER A 288 -20.11 -38.35 -11.34
CA SER A 288 -20.10 -39.72 -11.90
C SER A 288 -19.40 -40.68 -10.92
N ILE A 289 -18.24 -40.30 -10.42
CA ILE A 289 -17.47 -41.15 -9.48
C ILE A 289 -18.26 -41.30 -8.19
N TYR A 290 -18.80 -40.21 -7.67
CA TYR A 290 -19.58 -40.22 -6.41
C TYR A 290 -20.71 -41.23 -6.51
N ASP A 291 -21.30 -41.38 -7.67
CA ASP A 291 -22.48 -42.26 -7.81
C ASP A 291 -22.04 -43.72 -7.83
N LYS A 292 -20.96 -44.04 -8.53
CA LYS A 292 -20.46 -45.44 -8.55
C LYS A 292 -20.08 -45.91 -7.13
N VAL A 293 -19.43 -45.06 -6.37
CA VAL A 293 -19.04 -45.43 -4.99
C VAL A 293 -20.29 -45.70 -4.16
N LEU A 294 -21.31 -44.86 -4.29
CA LEU A 294 -22.54 -45.03 -3.50
C LEU A 294 -23.20 -46.35 -3.84
N GLN A 295 -23.23 -46.71 -5.11
CA GLN A 295 -23.91 -47.97 -5.52
C GLN A 295 -23.18 -49.16 -4.92
N ASN A 296 -21.86 -49.14 -4.90
CA ASN A 296 -21.07 -50.26 -4.37
C ASN A 296 -21.38 -50.44 -2.88
N PHE A 297 -21.45 -49.35 -2.13
CA PHE A 297 -21.77 -49.44 -0.68
C PHE A 297 -23.18 -49.98 -0.48
N ARG A 298 -24.12 -49.58 -1.34
CA ARG A 298 -25.48 -50.15 -1.28
C ARG A 298 -25.41 -51.66 -1.48
N GLY A 299 -24.49 -52.14 -2.31
CA GLY A 299 -24.30 -53.59 -2.49
C GLY A 299 -23.85 -54.26 -1.22
N ILE A 300 -22.94 -53.65 -0.49
CA ILE A 300 -22.37 -54.27 0.72
C ILE A 300 -23.47 -54.39 1.77
N VAL A 301 -24.28 -53.35 1.93
CA VAL A 301 -25.36 -53.37 2.97
C VAL A 301 -26.28 -54.57 2.72
N ASP A 302 -26.61 -54.82 1.46
CA ASP A 302 -27.52 -55.95 1.14
C ASP A 302 -26.94 -57.24 1.70
N ARG A 303 -25.62 -57.43 1.61
CA ARG A 303 -25.00 -58.68 2.09
C ARG A 303 -25.05 -58.76 3.61
N LEU A 304 -24.77 -57.67 4.32
CA LEU A 304 -24.73 -57.71 5.80
C LEU A 304 -26.12 -58.06 6.36
N ASN A 305 -27.18 -57.81 5.60
CA ASN A 305 -28.55 -58.17 6.03
C ASN A 305 -28.91 -59.60 5.63
N LYS A 306 -28.00 -60.33 4.97
CA LYS A 306 -28.34 -61.65 4.41
C LYS A 306 -27.27 -62.70 4.71
N VAL A 307 -26.20 -62.34 5.39
CA VAL A 307 -25.09 -63.30 5.66
C VAL A 307 -25.50 -64.17 6.85
N LEU A 308 -25.46 -65.48 6.67
CA LEU A 308 -25.91 -66.43 7.73
C LEU A 308 -24.85 -67.50 8.01
N VAL A 309 -24.10 -67.93 7.00
CA VAL A 309 -23.20 -69.10 7.13
C VAL A 309 -21.81 -68.75 6.60
N CYS A 310 -20.84 -69.53 7.03
CA CYS A 310 -19.46 -69.48 6.51
C CYS A 310 -19.05 -70.89 6.10
N ILE A 311 -18.34 -70.99 4.98
CA ILE A 311 -17.97 -72.30 4.38
C ILE A 311 -16.48 -72.55 4.56
N SER A 312 -15.65 -71.56 4.26
CA SER A 312 -14.17 -71.74 4.22
C SER A 312 -13.65 -72.13 5.61
N ASP A 313 -14.06 -71.38 6.63
CA ASP A 313 -13.51 -71.54 7.99
C ASP A 313 -14.65 -71.58 9.00
N PRO A 314 -14.84 -72.71 9.71
CA PRO A 314 -15.87 -72.75 10.75
C PRO A 314 -15.52 -71.97 12.02
N ASN A 315 -14.28 -71.51 12.15
CA ASN A 315 -13.83 -70.76 13.36
C ASN A 315 -14.29 -69.29 13.28
N ILE A 316 -14.80 -68.86 12.14
CA ILE A 316 -15.22 -67.44 11.97
C ILE A 316 -16.50 -67.20 12.77
N ASN A 317 -16.48 -66.20 13.62
CA ASN A 317 -17.68 -65.74 14.35
C ASN A 317 -18.34 -64.65 13.51
N ILE A 318 -19.50 -64.96 12.95
CA ILE A 318 -20.19 -64.01 12.04
C ILE A 318 -20.55 -62.73 12.79
N ASN A 319 -21.08 -62.85 13.99
CA ASN A 319 -21.51 -61.64 14.76
C ASN A 319 -20.32 -60.72 15.00
N ILE A 320 -19.14 -61.26 15.27
CA ILE A 320 -17.94 -60.43 15.51
C ILE A 320 -17.61 -59.66 14.23
N TYR A 321 -17.59 -60.34 13.09
CA TYR A 321 -17.20 -59.72 11.80
C TYR A 321 -18.21 -58.66 11.41
N LYS A 322 -19.50 -58.96 11.56
CA LYS A 322 -20.56 -58.04 11.10
C LYS A 322 -20.35 -56.67 11.75
N ASN A 323 -19.92 -56.64 13.01
CA ASN A 323 -19.72 -55.36 13.72
C ASN A 323 -18.50 -54.65 13.16
N LYS A 324 -17.47 -55.38 12.75
CA LYS A 324 -16.25 -54.75 12.20
C LYS A 324 -16.61 -54.00 10.92
N PHE A 325 -17.31 -54.66 10.00
CA PHE A 325 -17.70 -54.03 8.71
C PHE A 325 -18.68 -52.89 8.96
N LYS A 326 -19.58 -53.05 9.91
CA LYS A 326 -20.52 -51.96 10.26
C LYS A 326 -19.71 -50.70 10.64
N ASP A 327 -18.62 -50.88 11.37
CA ASP A 327 -17.78 -49.74 11.77
C ASP A 327 -16.94 -49.27 10.57
N LYS A 328 -16.47 -50.20 9.73
CA LYS A 328 -15.58 -49.85 8.60
C LYS A 328 -16.29 -48.89 7.65
N TYR A 329 -17.51 -49.23 7.25
CA TYR A 329 -18.28 -48.45 6.26
C TYR A 329 -19.20 -47.45 6.92
N LYS A 330 -19.22 -47.37 8.25
CA LYS A 330 -20.03 -46.37 9.00
C LYS A 330 -21.52 -46.53 8.69
N PHE A 331 -22.00 -47.76 8.57
CA PHE A 331 -23.45 -48.03 8.45
C PHE A 331 -24.16 -47.66 9.75
N VAL A 332 -25.48 -47.70 9.69
CA VAL A 332 -26.35 -47.42 10.86
C VAL A 332 -27.20 -48.65 11.12
N GLU A 333 -27.52 -48.88 12.38
CA GLU A 333 -28.28 -50.07 12.82
C GLU A 333 -29.55 -49.64 13.54
N ASP A 334 -30.64 -50.37 13.29
CA ASP A 334 -31.94 -50.14 13.97
C ASP A 334 -32.17 -51.23 15.01
N SER A 335 -33.23 -51.08 15.80
CA SER A 335 -33.60 -52.03 16.88
C SER A 335 -33.83 -53.42 16.31
N GLU A 336 -34.54 -53.51 15.18
CA GLU A 336 -34.94 -54.82 14.60
C GLU A 336 -33.70 -55.61 14.18
N GLY A 337 -32.59 -54.94 13.87
CA GLY A 337 -31.36 -55.63 13.47
C GLY A 337 -31.10 -55.49 11.98
N LYS A 338 -31.49 -54.36 11.39
CA LYS A 338 -31.31 -54.09 9.96
C LYS A 338 -30.33 -52.94 9.80
N TYR A 339 -29.32 -53.14 8.95
CA TYR A 339 -28.33 -52.09 8.63
C TYR A 339 -28.87 -51.23 7.48
N SER A 340 -28.45 -49.97 7.45
CA SER A 340 -28.85 -49.04 6.38
C SER A 340 -27.78 -47.95 6.20
N ILE A 341 -27.88 -47.23 5.09
CA ILE A 341 -27.00 -46.08 4.79
C ILE A 341 -27.76 -44.80 5.09
N ASP A 342 -27.11 -43.89 5.80
CA ASP A 342 -27.60 -42.50 5.94
C ASP A 342 -26.66 -41.60 5.15
N VAL A 343 -27.22 -40.79 4.27
CA VAL A 343 -26.42 -40.00 3.31
C VAL A 343 -25.46 -39.06 4.05
N GLU A 344 -25.89 -38.51 5.19
CA GLU A 344 -25.03 -37.57 5.95
C GLU A 344 -23.75 -38.28 6.36
N SER A 345 -23.87 -39.50 6.87
CA SER A 345 -22.69 -40.28 7.32
C SER A 345 -21.82 -40.62 6.10
N PHE A 346 -22.42 -41.13 5.04
CA PHE A 346 -21.68 -41.54 3.82
C PHE A 346 -20.95 -40.34 3.22
N ASP A 347 -21.60 -39.18 3.23
CA ASP A 347 -21.01 -37.97 2.63
C ASP A 347 -19.72 -37.60 3.37
N LYS A 348 -19.74 -37.63 4.68
CA LYS A 348 -18.54 -37.26 5.47
C LYS A 348 -17.45 -38.31 5.24
N LEU A 349 -17.81 -39.58 5.15
CA LEU A 349 -16.78 -40.61 4.93
C LEU A 349 -16.14 -40.37 3.57
N TYR A 350 -16.94 -40.20 2.53
CA TYR A 350 -16.41 -40.11 1.15
C TYR A 350 -15.47 -38.91 1.04
N LYS A 351 -15.88 -37.77 1.55
CA LYS A 351 -15.06 -36.54 1.40
C LYS A 351 -13.78 -36.64 2.22
N SER A 352 -13.74 -37.42 3.28
CA SER A 352 -12.53 -37.57 4.12
C SER A 352 -11.48 -38.34 3.32
N LEU A 353 -11.90 -39.45 2.70
CA LEU A 353 -10.95 -40.32 1.99
C LEU A 353 -10.44 -39.62 0.73
N MET A 354 -11.28 -38.87 0.03
CA MET A 354 -10.89 -38.34 -1.31
C MET A 354 -10.19 -37.00 -1.14
N PHE A 355 -10.76 -36.06 -0.43
CA PHE A 355 -10.23 -34.68 -0.34
C PHE A 355 -9.60 -34.39 1.02
N GLY A 356 -9.69 -35.31 1.97
CA GLY A 356 -9.07 -35.12 3.28
C GLY A 356 -7.58 -35.46 3.24
N PHE A 357 -7.25 -36.72 2.98
CA PHE A 357 -5.86 -37.18 2.94
C PHE A 357 -5.26 -36.92 1.57
N THR A 358 -4.39 -35.93 1.48
CA THR A 358 -3.75 -35.51 0.22
C THR A 358 -2.33 -35.12 0.50
N GLU A 359 -1.46 -35.36 -0.47
CA GLU A 359 -0.01 -35.05 -0.32
C GLU A 359 0.17 -33.60 0.10
N THR A 360 -0.67 -32.70 -0.38
CA THR A 360 -0.54 -31.28 -0.07
C THR A 360 -0.93 -31.03 1.39
N ASN A 361 -1.96 -31.69 1.89
CA ASN A 361 -2.36 -31.55 3.31
C ASN A 361 -1.33 -32.19 4.22
N ILE A 362 -0.86 -33.38 3.86
CA ILE A 362 0.10 -34.11 4.73
C ILE A 362 1.37 -33.27 4.84
N ALA A 363 1.88 -32.77 3.72
CA ALA A 363 3.15 -32.02 3.70
C ALA A 363 3.04 -30.77 4.55
N GLU A 364 1.92 -30.08 4.45
CA GLU A 364 1.71 -28.83 5.23
C GLU A 364 1.78 -29.13 6.73
N ASN A 365 1.07 -30.14 7.16
CA ASN A 365 1.00 -30.52 8.59
C ASN A 365 2.38 -30.88 9.14
N TYR A 366 3.16 -31.65 8.40
CA TYR A 366 4.51 -32.10 8.85
C TYR A 366 5.58 -31.04 8.59
N LYS A 367 5.24 -29.94 7.90
CA LYS A 367 6.25 -28.91 7.52
C LYS A 367 7.37 -29.53 6.67
N ILE A 368 6.99 -30.08 5.53
CA ILE A 368 7.91 -30.57 4.49
C ILE A 368 7.64 -29.81 3.20
N LYS A 369 8.61 -29.73 2.33
CA LYS A 369 8.46 -29.08 1.03
C LYS A 369 8.19 -30.13 -0.04
N THR A 370 7.26 -29.86 -0.94
CA THR A 370 6.99 -30.80 -2.05
C THR A 370 6.71 -30.02 -3.32
N ARG A 371 6.47 -30.76 -4.41
CA ARG A 371 6.17 -30.16 -5.74
C ARG A 371 4.90 -29.31 -5.67
N ALA A 372 4.85 -28.28 -6.50
CA ALA A 372 3.70 -27.36 -6.58
C ALA A 372 2.51 -28.04 -7.26
N SER A 373 2.73 -28.89 -8.25
CA SER A 373 1.64 -29.48 -9.05
C SER A 373 2.07 -30.82 -9.62
N TYR A 374 1.10 -31.58 -10.07
CA TYR A 374 1.35 -32.90 -10.69
C TYR A 374 2.17 -32.76 -11.98
N PHE A 375 2.02 -31.67 -12.71
CA PHE A 375 2.64 -31.47 -14.04
C PHE A 375 3.96 -30.69 -13.93
N SER A 376 4.39 -30.31 -12.72
CA SER A 376 5.64 -29.51 -12.57
C SER A 376 6.84 -30.35 -13.02
N ASP A 377 7.92 -29.67 -13.35
CA ASP A 377 9.13 -30.30 -13.90
C ASP A 377 9.90 -31.04 -12.80
N SER A 378 10.71 -32.01 -13.20
CA SER A 378 11.53 -32.82 -12.26
C SER A 378 12.99 -32.85 -12.72
N LEU A 379 13.90 -33.14 -11.81
CA LEU A 379 15.36 -33.16 -12.08
C LEU A 379 15.92 -34.53 -11.75
N PRO A 380 17.19 -34.84 -12.10
CA PRO A 380 17.73 -36.19 -11.86
C PRO A 380 17.79 -36.49 -10.36
N PRO A 381 17.60 -37.76 -9.96
CA PRO A 381 17.59 -38.13 -8.56
C PRO A 381 18.97 -38.07 -7.91
N VAL A 382 18.98 -38.16 -6.59
CA VAL A 382 20.24 -38.19 -5.81
C VAL A 382 20.20 -39.33 -4.82
N LYS A 383 21.34 -39.67 -4.25
CA LYS A 383 21.45 -40.69 -3.17
C LYS A 383 21.62 -40.00 -1.84
N ILE A 384 20.86 -40.42 -0.84
CA ILE A 384 21.04 -39.94 0.55
C ILE A 384 22.10 -40.82 1.19
N LYS A 385 23.13 -40.20 1.74
CA LYS A 385 24.33 -40.94 2.22
C LYS A 385 23.93 -41.89 3.35
N ASN A 386 23.23 -41.39 4.36
CA ASN A 386 22.88 -42.24 5.52
C ASN A 386 21.69 -41.64 6.26
N LEU A 387 20.58 -42.38 6.29
CA LEU A 387 19.37 -41.92 7.00
C LEU A 387 19.44 -42.28 8.49
N LEU A 388 20.16 -43.33 8.85
CA LEU A 388 20.20 -43.79 10.25
C LEU A 388 21.02 -42.83 11.14
N ASP A 389 21.78 -41.91 10.54
CA ASP A 389 22.57 -40.92 11.29
C ASP A 389 21.64 -39.83 11.83
N ASN A 390 21.50 -39.75 13.14
CA ASN A 390 20.62 -38.75 13.78
C ASN A 390 21.15 -37.33 13.58
N GLU A 391 22.39 -37.16 13.13
CA GLU A 391 22.91 -35.81 12.85
C GLU A 391 22.30 -35.26 11.57
N ILE A 392 21.83 -36.13 10.67
CA ILE A 392 21.28 -35.70 9.36
C ILE A 392 19.76 -35.78 9.37
N TYR A 393 19.19 -36.89 9.85
CA TYR A 393 17.75 -37.19 9.73
C TYR A 393 17.21 -37.60 11.09
N THR A 394 16.37 -36.80 11.70
CA THR A 394 15.74 -37.11 13.01
C THR A 394 14.26 -37.44 12.85
N ILE A 395 13.73 -38.23 13.77
CA ILE A 395 12.31 -38.65 13.76
C ILE A 395 11.40 -37.43 13.91
N GLU A 396 11.72 -36.52 14.81
CA GLU A 396 10.79 -35.44 15.15
C GLU A 396 10.68 -34.46 13.98
N GLU A 397 11.77 -34.12 13.30
CA GLU A 397 11.70 -33.05 12.26
C GLU A 397 12.52 -33.35 11.01
N GLY A 398 12.86 -34.62 10.73
CA GLY A 398 13.47 -35.02 9.46
C GLY A 398 14.71 -34.20 9.13
N PHE A 399 14.88 -33.79 7.90
CA PHE A 399 16.06 -33.01 7.47
C PHE A 399 16.03 -31.61 8.11
N ASN A 400 14.87 -31.01 8.33
CA ASN A 400 14.80 -29.60 8.77
C ASN A 400 15.05 -29.47 10.28
N ILE A 401 16.22 -29.90 10.71
CA ILE A 401 16.58 -29.87 12.14
C ILE A 401 16.81 -28.42 12.59
N SER A 402 16.06 -27.96 13.56
CA SER A 402 16.10 -26.54 14.01
C SER A 402 17.43 -26.26 14.75
N ASP A 403 17.96 -27.25 15.45
CA ASP A 403 19.21 -27.07 16.24
C ASP A 403 20.35 -26.63 15.31
N LYS A 404 20.39 -27.14 14.09
CA LYS A 404 21.51 -26.87 13.15
C LYS A 404 21.20 -25.62 12.30
N ASP A 405 20.08 -24.94 12.55
CA ASP A 405 19.68 -23.75 11.75
C ASP A 405 19.32 -24.21 10.34
N MET A 406 18.57 -25.30 10.22
CA MET A 406 18.15 -25.82 8.91
C MET A 406 16.63 -25.81 8.77
N GLU A 407 15.91 -25.22 9.71
CA GLU A 407 14.41 -25.23 9.68
C GLU A 407 13.84 -24.06 8.90
N LYS A 408 14.50 -22.91 8.90
CA LYS A 408 13.95 -21.72 8.24
C LYS A 408 13.91 -21.96 6.73
N GLU A 409 12.76 -21.69 6.11
CA GLU A 409 12.60 -21.73 4.63
C GLU A 409 12.89 -23.13 4.10
N TYR A 410 12.90 -24.14 4.95
CA TYR A 410 13.25 -25.52 4.52
C TYR A 410 14.69 -25.58 4.02
N ARG A 411 15.59 -24.90 4.70
CA ARG A 411 17.02 -24.93 4.32
C ARG A 411 17.51 -26.38 4.36
N GLY A 412 16.90 -27.25 5.17
CA GLY A 412 17.35 -28.64 5.29
C GLY A 412 17.31 -29.39 3.96
N GLN A 413 16.34 -29.08 3.11
CA GLN A 413 16.20 -29.81 1.82
C GLN A 413 16.80 -29.04 0.65
N ASN A 414 17.50 -27.95 0.90
CA ASN A 414 18.08 -27.11 -0.19
C ASN A 414 19.41 -27.72 -0.66
N LYS A 415 19.48 -28.02 -1.95
CA LYS A 415 20.65 -28.70 -2.52
C LYS A 415 21.91 -27.85 -2.33
N ALA A 416 21.82 -26.53 -2.49
CA ALA A 416 23.00 -25.66 -2.45
C ALA A 416 23.53 -25.57 -1.01
N ILE A 417 22.68 -25.70 -0.01
CA ILE A 417 23.09 -25.46 1.41
C ILE A 417 23.53 -26.79 2.02
N ASN A 418 22.61 -27.74 2.15
CA ASN A 418 22.86 -29.00 2.87
C ASN A 418 23.55 -29.94 1.91
N LYS A 419 24.81 -29.66 1.63
CA LYS A 419 25.58 -30.35 0.56
C LYS A 419 26.26 -31.61 1.12
N GLN A 420 25.99 -31.98 2.35
CA GLN A 420 26.69 -33.12 3.00
C GLN A 420 25.74 -34.32 3.12
N ALA A 421 24.44 -34.15 2.85
CA ALA A 421 23.42 -35.19 3.05
C ALA A 421 23.21 -36.01 1.79
N TYR A 422 23.76 -35.62 0.64
CA TYR A 422 23.44 -36.33 -0.61
C TYR A 422 24.67 -36.47 -1.48
N GLU A 423 24.55 -37.27 -2.52
CA GLU A 423 25.64 -37.51 -3.48
C GLU A 423 25.05 -37.56 -4.89
N GLU A 424 25.65 -36.80 -5.80
CA GLU A 424 25.20 -36.74 -7.21
C GLU A 424 25.39 -38.10 -7.89
N ILE A 425 24.48 -38.45 -8.76
CA ILE A 425 24.52 -39.76 -9.46
C ILE A 425 25.42 -39.65 -10.68
N SER A 426 26.11 -40.74 -10.99
CA SER A 426 26.96 -40.86 -12.20
C SER A 426 26.07 -40.93 -13.44
N LYS A 427 26.25 -40.00 -14.37
CA LYS A 427 25.40 -39.89 -15.59
C LYS A 427 25.41 -41.22 -16.37
N GLU A 428 26.36 -42.11 -16.10
CA GLU A 428 26.50 -43.39 -16.83
C GLU A 428 25.22 -44.22 -16.70
N HIS A 429 24.64 -44.32 -15.51
CA HIS A 429 23.56 -45.30 -15.23
C HIS A 429 22.18 -44.72 -15.52
N LEU A 430 22.06 -43.43 -15.82
CA LEU A 430 20.72 -42.82 -16.05
C LEU A 430 20.29 -43.06 -17.49
N ALA A 431 19.04 -43.44 -17.68
CA ALA A 431 18.38 -43.55 -19.00
C ALA A 431 17.27 -42.51 -19.10
N VAL A 432 17.19 -41.82 -20.21
CA VAL A 432 16.12 -40.81 -20.45
C VAL A 432 15.57 -41.01 -21.85
N TYR A 433 14.30 -40.71 -22.01
CA TYR A 433 13.64 -40.68 -23.34
C TYR A 433 13.96 -39.34 -23.98
N LYS A 434 14.52 -39.39 -25.19
CA LYS A 434 14.99 -38.17 -25.89
C LYS A 434 14.30 -38.04 -27.24
N ILE A 435 14.10 -36.79 -27.63
CA ILE A 435 13.62 -36.43 -28.98
C ILE A 435 14.77 -35.78 -29.72
N GLN A 436 15.13 -36.35 -30.85
CA GLN A 436 16.26 -35.87 -31.68
C GLN A 436 15.67 -35.22 -32.94
N MET A 437 15.77 -33.90 -33.02
CA MET A 437 15.15 -33.14 -34.13
C MET A 437 16.23 -32.56 -35.02
N CYS A 438 16.31 -33.05 -36.25
CA CYS A 438 17.35 -32.68 -37.24
C CYS A 438 16.73 -31.76 -38.28
N LYS A 439 17.49 -30.76 -38.71
CA LYS A 439 17.02 -29.76 -39.71
C LYS A 439 16.84 -30.45 -41.06
N SER A 440 16.16 -29.77 -41.97
CA SER A 440 15.91 -30.24 -43.36
C SER A 440 15.05 -31.51 -43.36
N ILE A 446 22.90 -30.22 -38.95
CA ILE A 446 22.73 -29.95 -37.48
C ILE A 446 21.60 -30.83 -36.94
N CYS A 447 21.74 -31.24 -35.70
CA CYS A 447 20.67 -31.97 -34.96
C CYS A 447 20.91 -31.82 -33.46
N ILE A 448 19.84 -31.66 -32.70
CA ILE A 448 19.91 -31.44 -31.23
C ILE A 448 19.00 -32.46 -30.53
N ASP A 449 19.27 -32.70 -29.26
CA ASP A 449 18.52 -33.69 -28.45
C ASP A 449 17.78 -32.95 -27.35
N VAL A 450 16.50 -33.23 -27.20
CA VAL A 450 15.65 -32.60 -26.15
C VAL A 450 14.96 -33.72 -25.37
N ASP A 451 15.04 -33.64 -24.05
CA ASP A 451 14.37 -34.62 -23.18
C ASP A 451 12.86 -34.47 -23.32
N ASN A 452 12.16 -35.59 -23.35
CA ASN A 452 10.69 -35.57 -23.51
C ASN A 452 10.02 -34.83 -22.35
N GLU A 453 10.70 -34.65 -21.23
CA GLU A 453 10.15 -33.85 -20.10
C GLU A 453 10.15 -32.35 -20.41
N ASP A 454 10.86 -31.91 -21.45
CA ASP A 454 11.01 -30.46 -21.73
C ASP A 454 9.96 -29.94 -22.71
N LEU A 455 9.13 -30.79 -23.29
CA LEU A 455 8.15 -30.32 -24.29
C LEU A 455 6.91 -29.77 -23.57
N PHE A 456 5.88 -29.41 -24.33
CA PHE A 456 4.59 -28.93 -23.78
C PHE A 456 3.66 -30.12 -23.51
N PHE A 457 2.82 -29.98 -22.50
CA PHE A 457 1.71 -30.94 -22.24
C PHE A 457 0.38 -30.27 -22.58
N ILE A 458 -0.40 -30.91 -23.46
CA ILE A 458 -1.72 -30.37 -23.90
C ILE A 458 -2.70 -31.49 -23.93
N ALA A 459 -3.75 -31.38 -23.14
CA ALA A 459 -4.78 -32.45 -23.03
C ALA A 459 -5.59 -32.49 -24.31
N ASP A 460 -6.05 -33.67 -24.65
CA ASP A 460 -6.86 -33.89 -25.86
C ASP A 460 -8.32 -33.52 -25.58
N LYS A 461 -9.10 -33.34 -26.63
CA LYS A 461 -10.54 -33.01 -26.56
C LYS A 461 -11.32 -34.18 -25.98
N ASN A 462 -10.77 -35.39 -25.94
CA ASN A 462 -11.52 -36.58 -25.48
C ASN A 462 -11.50 -36.72 -23.96
N SER A 463 -10.78 -35.86 -23.26
CA SER A 463 -10.57 -36.01 -21.80
C SER A 463 -11.62 -35.25 -20.97
N PHE A 464 -12.62 -34.66 -21.59
CA PHE A 464 -13.68 -33.90 -20.89
C PHE A 464 -15.03 -34.45 -21.27
N SER A 465 -15.94 -34.57 -20.30
CA SER A 465 -17.27 -35.19 -20.51
C SER A 465 -18.26 -34.14 -20.98
N ASP A 466 -19.33 -34.62 -21.62
CA ASP A 466 -20.40 -33.76 -22.19
C ASP A 466 -21.75 -34.23 -21.65
N ASP A 467 -21.85 -34.47 -20.35
CA ASP A 467 -23.13 -34.86 -19.73
C ASP A 467 -24.06 -33.65 -19.60
N LEU A 468 -23.57 -32.43 -19.80
CA LEU A 468 -24.44 -31.22 -19.70
C LEU A 468 -25.56 -31.29 -20.75
N SER A 469 -25.30 -31.91 -21.89
CA SER A 469 -26.23 -31.87 -23.04
C SER A 469 -27.28 -32.99 -22.98
N LYS A 470 -27.60 -33.52 -21.80
CA LYS A 470 -28.61 -34.59 -21.66
C LYS A 470 -29.85 -34.05 -20.94
N ASN A 471 -31.00 -34.60 -21.27
CA ASN A 471 -32.30 -34.09 -20.78
C ASN A 471 -32.47 -34.39 -19.29
N GLU A 472 -33.29 -33.59 -18.63
CA GLU A 472 -33.60 -33.72 -17.19
C GLU A 472 -35.09 -34.01 -17.00
N ARG A 473 -35.40 -34.64 -15.88
CA ARG A 473 -36.79 -34.84 -15.42
C ARG A 473 -36.94 -34.16 -14.08
N ILE A 474 -37.83 -33.18 -13.99
CA ILE A 474 -38.05 -32.40 -12.75
C ILE A 474 -39.32 -32.91 -12.08
N GLU A 475 -39.22 -33.21 -10.79
CA GLU A 475 -40.34 -33.78 -10.01
C GLU A 475 -40.45 -33.01 -8.70
N TYR A 476 -41.51 -33.27 -7.96
CA TYR A 476 -41.84 -32.49 -6.74
C TYR A 476 -40.77 -32.70 -5.66
N ASN A 477 -39.92 -33.72 -5.79
CA ASN A 477 -38.92 -34.06 -4.74
C ASN A 477 -37.54 -34.22 -5.37
N THR A 478 -37.15 -33.28 -6.23
CA THR A 478 -35.84 -33.29 -6.89
C THR A 478 -34.86 -32.42 -6.11
N GLN A 479 -33.69 -32.96 -5.83
CA GLN A 479 -32.65 -32.24 -5.03
C GLN A 479 -31.48 -31.86 -5.93
N SER A 480 -30.87 -30.72 -5.65
CA SER A 480 -29.71 -30.22 -6.41
C SER A 480 -28.44 -30.76 -5.75
N ASN A 481 -28.01 -31.94 -6.16
CA ASN A 481 -26.73 -32.53 -5.68
C ASN A 481 -25.55 -31.68 -6.17
N TYR A 482 -24.56 -31.50 -5.33
CA TYR A 482 -23.33 -30.75 -5.69
C TYR A 482 -22.21 -31.20 -4.77
N ILE A 483 -21.11 -31.64 -5.35
CA ILE A 483 -19.95 -32.15 -4.59
C ILE A 483 -18.88 -31.08 -4.54
N GLU A 484 -18.52 -30.66 -3.34
CA GLU A 484 -17.42 -29.70 -3.13
C GLU A 484 -16.11 -30.48 -3.04
N ASN A 485 -15.08 -29.98 -3.72
CA ASN A 485 -13.75 -30.64 -3.67
C ASN A 485 -12.96 -30.05 -2.51
N ASP A 486 -13.40 -30.34 -1.30
CA ASP A 486 -12.72 -29.85 -0.08
C ASP A 486 -13.23 -30.62 1.14
N PHE A 487 -12.37 -30.72 2.14
CA PHE A 487 -12.72 -31.21 3.49
C PHE A 487 -11.75 -30.62 4.49
N PRO A 488 -12.24 -29.84 5.49
CA PRO A 488 -11.33 -29.15 6.41
C PRO A 488 -10.41 -30.13 7.14
N ILE A 489 -9.13 -29.81 7.18
CA ILE A 489 -8.12 -30.74 7.76
C ILE A 489 -8.31 -30.82 9.27
N ASN A 490 -8.60 -29.71 9.93
CA ASN A 490 -8.68 -29.69 11.41
C ASN A 490 -9.79 -30.61 11.90
N GLU A 491 -10.90 -30.66 11.20
CA GLU A 491 -11.99 -31.61 11.56
C GLU A 491 -11.48 -33.05 11.51
N LEU A 492 -10.59 -33.37 10.59
CA LEU A 492 -10.03 -34.75 10.49
C LEU A 492 -9.12 -35.01 11.69
N ILE A 493 -8.29 -34.05 12.06
CA ILE A 493 -7.32 -34.27 13.15
C ILE A 493 -8.07 -34.49 14.47
N LEU A 494 -9.05 -33.65 14.78
CA LEU A 494 -9.79 -33.74 16.07
C LEU A 494 -10.55 -35.06 16.15
N ASP A 495 -10.78 -35.73 15.02
CA ASP A 495 -11.57 -36.97 15.02
C ASP A 495 -10.75 -38.19 15.45
N THR A 496 -9.45 -38.08 15.61
CA THR A 496 -8.61 -39.24 15.98
C THR A 496 -8.60 -39.44 17.49
N ASP A 497 -8.54 -40.68 17.94
CA ASP A 497 -8.43 -40.97 19.39
C ASP A 497 -7.12 -41.69 19.66
N LEU A 498 -6.30 -41.11 20.52
CA LEU A 498 -4.94 -41.60 20.82
C LEU A 498 -4.95 -42.50 22.05
N ILE A 499 -6.10 -42.81 22.64
CA ILE A 499 -6.15 -43.55 23.92
C ILE A 499 -6.97 -44.82 23.78
N SER A 500 -8.00 -44.82 22.92
CA SER A 500 -8.87 -46.00 22.72
C SER A 500 -8.01 -47.16 22.21
N LYS A 501 -8.30 -48.36 22.67
CA LYS A 501 -7.55 -49.57 22.27
C LYS A 501 -7.94 -50.00 20.86
N ILE A 502 -7.12 -50.87 20.27
CA ILE A 502 -7.38 -51.45 18.93
C ILE A 502 -7.51 -52.96 19.07
N GLU A 503 -8.55 -53.53 18.49
CA GLU A 503 -8.88 -54.97 18.65
C GLU A 503 -9.31 -55.51 17.30
N LEU A 504 -8.80 -56.68 16.94
CA LEU A 504 -9.10 -57.33 15.65
C LEU A 504 -9.30 -58.81 15.91
N PRO A 505 -10.02 -59.51 15.01
CA PRO A 505 -10.09 -60.95 15.09
C PRO A 505 -8.71 -61.59 14.90
N SER A 506 -8.64 -62.89 15.16
CA SER A 506 -7.38 -63.66 14.96
C SER A 506 -7.04 -63.71 13.47
N GLU A 507 -5.76 -63.61 13.14
CA GLU A 507 -5.31 -63.66 11.74
C GLU A 507 -5.18 -65.11 11.26
N ASN A 508 -4.87 -66.04 12.14
CA ASN A 508 -4.64 -67.45 11.74
C ASN A 508 -5.93 -68.02 11.17
N THR A 509 -5.80 -68.83 10.13
CA THR A 509 -6.97 -69.44 9.45
C THR A 509 -6.49 -70.58 8.57
N GLU A 510 -7.40 -71.11 7.76
CA GLU A 510 -7.09 -72.24 6.86
C GLU A 510 -6.15 -71.79 5.74
N SER A 511 -5.44 -72.75 5.18
CA SER A 511 -4.49 -72.49 4.07
C SER A 511 -5.26 -72.20 2.78
N LEU A 512 -4.62 -71.47 1.88
CA LEU A 512 -5.19 -71.17 0.55
C LEU A 512 -5.06 -72.39 -0.35
N THR A 513 -6.00 -72.56 -1.26
CA THR A 513 -6.00 -73.71 -2.20
C THR A 513 -6.21 -73.25 -3.64
N ASP A 514 -6.93 -72.14 -3.83
CA ASP A 514 -7.18 -71.57 -5.17
C ASP A 514 -6.16 -70.47 -5.43
N PHE A 515 -5.34 -70.64 -6.46
CA PHE A 515 -4.23 -69.70 -6.78
C PHE A 515 -4.52 -68.90 -8.04
N ASN A 516 -5.76 -68.85 -8.51
CA ASN A 516 -6.10 -68.10 -9.75
C ASN A 516 -5.81 -66.62 -9.52
N VAL A 517 -4.97 -66.04 -10.36
CA VAL A 517 -4.58 -64.62 -10.23
C VAL A 517 -3.91 -64.17 -11.52
N ASP A 518 -3.99 -62.88 -11.79
CA ASP A 518 -3.42 -62.27 -13.01
C ASP A 518 -2.15 -61.51 -12.63
N VAL A 519 -1.05 -61.81 -13.32
CA VAL A 519 0.27 -61.19 -13.04
C VAL A 519 0.60 -60.26 -14.19
N PRO A 520 0.84 -58.96 -13.94
CA PRO A 520 1.23 -58.06 -15.01
C PRO A 520 2.56 -58.48 -15.66
N VAL A 521 2.77 -58.02 -16.89
CA VAL A 521 4.05 -58.23 -17.62
C VAL A 521 4.54 -56.87 -18.12
N TYR A 522 5.85 -56.67 -18.06
CA TYR A 522 6.50 -55.40 -18.46
C TYR A 522 7.52 -55.66 -19.55
N GLU A 523 7.67 -54.70 -20.45
CA GLU A 523 8.69 -54.76 -21.52
C GLU A 523 9.29 -53.37 -21.69
N LYS A 524 10.52 -53.31 -22.17
CA LYS A 524 11.18 -52.02 -22.46
C LYS A 524 10.79 -51.54 -23.86
N GLN A 525 11.08 -50.27 -24.13
CA GLN A 525 10.82 -49.66 -25.45
C GLN A 525 12.03 -48.83 -25.84
N PRO A 526 12.21 -48.54 -27.14
CA PRO A 526 13.34 -47.73 -27.57
C PRO A 526 13.31 -46.34 -26.92
N ALA A 527 14.48 -45.83 -26.59
CA ALA A 527 14.65 -44.58 -25.80
C ALA A 527 15.05 -43.40 -26.68
N ILE A 528 14.97 -43.53 -28.00
CA ILE A 528 15.34 -42.41 -28.92
C ILE A 528 14.29 -42.34 -30.02
N LYS A 529 13.91 -41.12 -30.38
CA LYS A 529 12.95 -40.86 -31.47
C LYS A 529 13.50 -39.75 -32.34
N LYS A 530 13.42 -39.92 -33.66
CA LYS A 530 14.02 -38.99 -34.62
C LYS A 530 12.92 -38.33 -35.43
N ILE A 531 12.99 -37.00 -35.56
CA ILE A 531 11.99 -36.22 -36.33
C ILE A 531 12.72 -35.20 -37.19
N PHE A 532 12.01 -34.69 -38.20
CA PHE A 532 12.55 -33.66 -39.11
C PHE A 532 11.65 -32.44 -39.06
N THR A 533 12.25 -31.28 -38.83
CA THR A 533 11.52 -30.00 -38.75
C THR A 533 12.50 -28.88 -39.06
N ASP A 534 11.98 -27.80 -39.63
CA ASP A 534 12.82 -26.64 -40.05
C ASP A 534 12.46 -25.39 -39.26
N GLU A 535 11.62 -25.50 -38.24
CA GLU A 535 11.21 -24.33 -37.45
C GLU A 535 12.26 -24.03 -36.38
N ASN A 536 12.53 -22.75 -36.17
CA ASN A 536 13.46 -22.29 -35.13
C ASN A 536 12.64 -21.81 -33.93
N THR A 537 12.24 -22.76 -33.11
CA THR A 537 11.36 -22.50 -31.94
C THR A 537 12.19 -22.48 -30.66
N ILE A 538 11.50 -22.47 -29.53
CA ILE A 538 12.13 -22.38 -28.18
C ILE A 538 13.29 -23.38 -28.02
N PHE A 539 13.18 -24.57 -28.57
CA PHE A 539 14.23 -25.59 -28.40
C PHE A 539 15.52 -25.14 -29.08
N GLN A 540 15.40 -24.55 -30.26
CA GLN A 540 16.58 -24.15 -31.06
C GLN A 540 17.22 -22.89 -30.48
N TYR A 541 16.43 -21.99 -29.90
CA TYR A 541 16.92 -20.69 -29.43
C TYR A 541 17.67 -20.85 -28.12
N LEU A 542 17.53 -21.97 -27.42
CA LEU A 542 18.22 -22.22 -26.12
C LEU A 542 19.51 -22.94 -26.42
N TYR A 543 19.52 -23.85 -27.38
CA TYR A 543 20.75 -24.57 -27.76
C TYR A 543 21.79 -23.61 -28.29
N SER A 544 21.36 -22.48 -28.86
CA SER A 544 22.30 -21.48 -29.42
C SER A 544 23.04 -20.72 -28.31
N GLN A 545 22.54 -20.75 -27.08
CA GLN A 545 23.17 -20.02 -25.95
C GLN A 545 24.07 -20.97 -25.15
N THR A 546 24.67 -21.96 -25.79
CA THR A 546 25.57 -22.92 -25.12
C THR A 546 26.89 -23.02 -25.87
N PHE A 547 27.92 -23.47 -25.19
CA PHE A 547 29.24 -23.73 -25.80
C PHE A 547 29.78 -25.03 -25.23
N PRO A 548 30.59 -25.78 -26.00
CA PRO A 548 31.24 -26.97 -25.45
C PRO A 548 32.20 -26.57 -24.31
N LEU A 549 32.31 -27.43 -23.32
CA LEU A 549 33.25 -27.24 -22.18
C LEU A 549 34.71 -27.28 -22.65
N ASP A 550 34.99 -27.75 -23.85
CA ASP A 550 36.38 -27.86 -24.37
C ASP A 550 36.89 -26.51 -24.88
N ILE A 551 36.00 -25.57 -25.16
CA ILE A 551 36.38 -24.26 -25.74
C ILE A 551 36.48 -23.24 -24.62
N ARG A 552 37.56 -22.46 -24.61
CA ARG A 552 37.80 -21.43 -23.57
C ARG A 552 37.61 -20.03 -24.13
N ASP A 553 37.77 -19.82 -25.44
CA ASP A 553 37.65 -18.48 -26.06
C ASP A 553 36.30 -18.37 -26.75
N ILE A 554 35.47 -17.43 -26.30
CA ILE A 554 34.11 -17.23 -26.87
C ILE A 554 33.80 -15.75 -26.94
N SER A 555 32.74 -15.41 -27.65
CA SER A 555 32.31 -14.00 -27.81
C SER A 555 30.80 -13.94 -28.00
N LEU A 556 30.17 -12.92 -27.43
CA LEU A 556 28.71 -12.72 -27.54
C LEU A 556 28.36 -12.17 -28.93
N THR A 557 27.20 -12.55 -29.42
CA THR A 557 26.65 -12.03 -30.71
C THR A 557 25.15 -11.88 -30.60
N SER A 558 24.60 -10.94 -31.37
CA SER A 558 23.13 -10.72 -31.50
C SER A 558 22.60 -11.46 -32.72
N SER A 559 23.46 -12.12 -33.48
CA SER A 559 23.06 -12.85 -34.71
C SER A 559 22.71 -14.28 -34.33
N PHE A 560 21.43 -14.64 -34.40
CA PHE A 560 20.99 -16.00 -34.06
C PHE A 560 21.72 -17.00 -34.95
N ASP A 561 21.74 -16.75 -36.25
CA ASP A 561 22.36 -17.71 -37.21
C ASP A 561 23.86 -17.82 -36.97
N ASP A 562 24.52 -16.69 -36.70
CA ASP A 562 25.99 -16.70 -36.52
C ASP A 562 26.35 -17.53 -35.29
N ALA A 563 25.64 -17.36 -34.19
CA ALA A 563 25.88 -18.15 -32.96
C ALA A 563 25.64 -19.63 -33.24
N LEU A 564 24.60 -19.95 -34.02
CA LEU A 564 24.23 -21.36 -34.32
C LEU A 564 25.26 -21.99 -35.27
N LEU A 565 26.11 -21.19 -35.92
CA LEU A 565 27.05 -21.72 -36.95
C LEU A 565 28.46 -21.94 -36.36
N PHE A 566 28.96 -21.01 -35.55
CA PHE A 566 30.33 -21.08 -35.01
C PHE A 566 30.31 -21.68 -33.60
N SER A 567 31.22 -22.60 -33.34
CA SER A 567 31.35 -23.29 -32.03
C SER A 567 31.74 -22.32 -30.93
N ASN A 568 32.42 -21.21 -31.25
CA ASN A 568 32.99 -20.31 -30.23
C ASN A 568 32.13 -19.05 -30.08
N LYS A 569 31.00 -18.96 -30.78
CA LYS A 569 30.13 -17.77 -30.69
C LYS A 569 28.85 -18.12 -29.93
N VAL A 570 28.42 -17.20 -29.06
CA VAL A 570 27.27 -17.43 -28.17
C VAL A 570 26.23 -16.34 -28.42
N TYR A 571 24.99 -16.73 -28.57
CA TYR A 571 23.88 -15.79 -28.77
C TYR A 571 23.54 -15.09 -27.45
N SER A 572 23.08 -13.86 -27.54
CA SER A 572 22.67 -13.05 -26.38
C SER A 572 21.53 -12.13 -26.76
N PHE A 573 20.54 -12.03 -25.90
CA PHE A 573 19.28 -11.30 -26.16
C PHE A 573 19.27 -9.97 -25.42
N PHE A 574 20.39 -9.58 -24.82
CA PHE A 574 20.46 -8.28 -24.11
C PHE A 574 20.74 -7.17 -25.12
N SER A 575 20.99 -5.96 -24.61
CA SER A 575 21.28 -4.77 -25.43
C SER A 575 22.60 -4.92 -26.19
N MET A 576 22.72 -4.16 -27.26
CA MET A 576 23.98 -4.05 -28.02
C MET A 576 25.07 -3.46 -27.11
N ASP A 577 24.72 -2.44 -26.33
CA ASP A 577 25.65 -1.83 -25.36
C ASP A 577 26.31 -2.92 -24.52
N TYR A 578 25.52 -3.83 -23.96
CA TYR A 578 26.01 -4.89 -23.06
C TYR A 578 26.93 -5.80 -23.87
N ILE A 579 26.53 -6.15 -25.07
CA ILE A 579 27.32 -7.08 -25.91
C ILE A 579 28.65 -6.41 -26.25
N LYS A 580 28.61 -5.14 -26.61
CA LYS A 580 29.85 -4.41 -27.01
C LYS A 580 30.83 -4.41 -25.84
N THR A 581 30.37 -4.11 -24.63
CA THR A 581 31.25 -4.05 -23.45
C THR A 581 31.85 -5.43 -23.16
N ALA A 582 31.06 -6.50 -23.25
CA ALA A 582 31.50 -7.84 -22.80
C ALA A 582 32.67 -8.31 -23.66
N ASN A 583 32.63 -8.06 -24.97
CA ASN A 583 33.69 -8.54 -25.90
C ASN A 583 34.97 -7.74 -25.71
N LYS A 584 34.93 -6.62 -24.99
CA LYS A 584 36.09 -5.71 -24.89
C LYS A 584 37.28 -6.40 -24.23
N VAL A 585 38.46 -5.87 -24.51
CA VAL A 585 39.73 -6.33 -23.87
C VAL A 585 40.43 -5.12 -23.25
N VAL A 586 40.88 -5.25 -22.02
CA VAL A 586 41.48 -4.12 -21.25
C VAL A 586 42.78 -4.57 -20.59
N GLU A 587 43.43 -3.65 -19.90
CA GLU A 587 44.73 -3.87 -19.23
C GLU A 587 44.53 -4.15 -17.74
N ALA A 588 45.61 -4.56 -17.08
CA ALA A 588 45.61 -4.95 -15.66
C ALA A 588 45.16 -3.78 -14.79
N GLY A 589 45.33 -2.55 -15.26
CA GLY A 589 44.93 -1.34 -14.52
C GLY A 589 43.43 -1.14 -14.49
N LEU A 590 42.69 -1.79 -15.40
CA LEU A 590 41.23 -1.55 -15.56
C LEU A 590 40.43 -2.85 -15.42
N PHE A 591 41.07 -3.98 -15.17
CA PHE A 591 40.35 -5.26 -15.01
C PHE A 591 39.43 -5.20 -13.79
N ALA A 592 39.90 -4.66 -12.68
CA ALA A 592 39.11 -4.66 -11.44
C ALA A 592 37.95 -3.68 -11.54
N GLY A 593 37.98 -2.75 -12.49
CA GLY A 593 36.87 -1.81 -12.69
C GLY A 593 35.94 -2.29 -13.78
N TRP A 594 36.49 -2.93 -14.80
CA TRP A 594 35.67 -3.51 -15.89
C TRP A 594 34.77 -4.59 -15.31
N VAL A 595 35.31 -5.41 -14.42
CA VAL A 595 34.55 -6.55 -13.85
C VAL A 595 33.33 -6.00 -13.10
N LYS A 596 33.53 -5.01 -12.26
CA LYS A 596 32.40 -4.45 -11.46
C LYS A 596 31.41 -3.77 -12.40
N GLN A 597 31.88 -3.13 -13.47
CA GLN A 597 30.98 -2.40 -14.38
C GLN A 597 30.07 -3.41 -15.09
N ILE A 598 30.65 -4.42 -15.72
CA ILE A 598 29.87 -5.34 -16.58
C ILE A 598 28.87 -6.08 -15.71
N VAL A 599 29.31 -6.57 -14.55
CA VAL A 599 28.42 -7.42 -13.72
C VAL A 599 27.21 -6.60 -13.28
N ASN A 600 27.39 -5.33 -13.02
CA ASN A 600 26.23 -4.46 -12.70
C ASN A 600 25.34 -4.27 -13.94
N ASP A 601 25.92 -4.20 -15.13
CA ASP A 601 25.14 -4.05 -16.38
C ASP A 601 24.25 -5.28 -16.60
N PHE A 602 24.78 -6.47 -16.35
CA PHE A 602 23.98 -7.71 -16.47
C PHE A 602 22.77 -7.63 -15.55
N VAL A 603 22.96 -7.18 -14.32
CA VAL A 603 21.84 -7.12 -13.34
C VAL A 603 20.86 -6.04 -13.79
N ILE A 604 21.34 -4.97 -14.41
CA ILE A 604 20.42 -3.88 -14.87
C ILE A 604 19.77 -4.30 -16.19
N GLU A 605 20.50 -4.99 -17.06
CA GLU A 605 19.92 -5.49 -18.34
C GLU A 605 18.72 -6.38 -18.03
N ALA A 606 18.89 -7.41 -17.19
CA ALA A 606 17.76 -8.19 -16.65
C ALA A 606 17.00 -7.26 -15.72
N ASN A 607 15.82 -7.56 -15.23
CA ASN A 607 15.14 -6.65 -14.25
C ASN A 607 14.67 -5.34 -14.90
N LYS A 608 14.62 -5.26 -16.23
CA LYS A 608 13.98 -4.15 -16.97
C LYS A 608 12.50 -4.49 -17.15
N SER A 609 11.59 -3.58 -16.85
CA SER A 609 10.14 -3.85 -16.89
C SER A 609 9.43 -2.58 -17.34
N ASN A 610 8.19 -2.74 -17.78
CA ASN A 610 7.32 -1.63 -18.19
C ASN A 610 5.92 -1.86 -17.65
N THR A 611 5.23 -0.79 -17.25
CA THR A 611 3.89 -0.92 -16.64
C THR A 611 2.80 -0.97 -17.72
N MET A 612 1.68 -1.59 -17.40
CA MET A 612 0.51 -1.68 -18.28
C MET A 612 -0.64 -0.93 -17.61
N ASP A 613 -1.44 -0.24 -18.42
CA ASP A 613 -2.50 0.68 -17.91
C ASP A 613 -3.85 0.35 -18.56
N LYS A 614 -3.85 0.02 -19.84
CA LYS A 614 -5.10 -0.05 -20.63
C LYS A 614 -5.67 -1.48 -20.68
N ILE A 615 -5.04 -2.46 -20.05
CA ILE A 615 -5.59 -3.84 -20.00
C ILE A 615 -6.02 -4.12 -18.56
N ALA A 616 -7.19 -4.74 -18.42
CA ALA A 616 -7.90 -4.93 -17.13
C ALA A 616 -7.08 -5.76 -16.14
N ASP A 617 -6.45 -6.84 -16.59
CA ASP A 617 -5.95 -7.88 -15.66
C ASP A 617 -4.43 -7.82 -15.49
N ILE A 618 -3.69 -7.43 -16.52
CA ILE A 618 -2.20 -7.41 -16.46
C ILE A 618 -1.76 -6.06 -15.88
N SER A 619 -0.59 -6.04 -15.26
CA SER A 619 -0.08 -4.85 -14.56
C SER A 619 1.30 -4.41 -15.06
N LEU A 620 2.15 -5.33 -15.53
CA LEU A 620 3.50 -4.95 -16.02
C LEU A 620 3.92 -5.95 -17.08
N ILE A 621 4.90 -5.55 -17.87
CA ILE A 621 5.39 -6.37 -19.01
C ILE A 621 6.91 -6.40 -19.00
N VAL A 622 7.46 -7.55 -19.37
CA VAL A 622 8.92 -7.72 -19.59
C VAL A 622 9.15 -7.78 -21.09
N PRO A 623 10.00 -6.89 -21.64
CA PRO A 623 10.06 -6.72 -23.09
C PRO A 623 10.98 -7.69 -23.86
N TYR A 624 11.87 -8.40 -23.18
CA TYR A 624 12.88 -9.23 -23.89
C TYR A 624 12.47 -10.69 -23.93
N ILE A 625 11.24 -11.05 -23.56
CA ILE A 625 10.85 -12.48 -23.57
C ILE A 625 10.85 -12.99 -25.02
N GLY A 626 10.40 -12.17 -25.95
CA GLY A 626 10.39 -12.55 -27.39
C GLY A 626 11.77 -12.88 -27.95
N LEU A 627 12.75 -12.03 -27.67
CA LEU A 627 14.12 -12.24 -28.19
C LEU A 627 14.76 -13.49 -27.58
N ALA A 628 14.51 -13.76 -26.29
CA ALA A 628 15.15 -14.90 -25.60
C ALA A 628 14.69 -16.22 -26.19
N LEU A 629 13.38 -16.38 -26.47
CA LEU A 629 12.82 -17.71 -26.80
C LEU A 629 12.22 -17.75 -28.18
N ASN A 630 11.66 -16.66 -28.71
CA ASN A 630 11.04 -16.67 -30.07
C ASN A 630 9.89 -17.70 -30.10
N VAL A 631 9.12 -17.74 -29.04
CA VAL A 631 8.01 -18.71 -28.91
C VAL A 631 6.72 -18.03 -29.39
N GLY A 632 5.87 -18.81 -30.05
CA GLY A 632 4.58 -18.31 -30.58
C GLY A 632 4.69 -17.92 -32.04
N ASN A 633 4.13 -16.77 -32.41
CA ASN A 633 4.11 -16.30 -33.82
C ASN A 633 5.34 -15.44 -34.08
N GLU A 634 6.51 -16.07 -34.01
CA GLU A 634 7.81 -15.40 -34.29
C GLU A 634 7.87 -14.07 -33.53
N THR A 635 7.80 -14.16 -32.22
CA THR A 635 7.83 -12.98 -31.34
C THR A 635 9.19 -12.29 -31.38
N ALA A 636 10.23 -12.94 -31.93
CA ALA A 636 11.59 -12.36 -31.99
C ALA A 636 11.63 -11.15 -32.93
N LYS A 637 10.72 -11.07 -33.89
CA LYS A 637 10.76 -10.00 -34.93
C LYS A 637 10.01 -8.76 -34.43
N GLY A 638 10.49 -7.60 -34.87
CA GLY A 638 9.90 -6.29 -34.57
C GLY A 638 9.87 -6.01 -33.07
N ASN A 639 8.96 -5.15 -32.66
CA ASN A 639 8.88 -4.70 -31.25
C ASN A 639 7.88 -5.60 -30.53
N PHE A 640 8.33 -6.29 -29.49
CA PHE A 640 7.51 -7.24 -28.72
C PHE A 640 6.32 -6.52 -28.07
N GLU A 641 6.57 -5.36 -27.46
CA GLU A 641 5.52 -4.67 -26.67
C GLU A 641 4.41 -4.17 -27.60
N ASN A 642 4.76 -3.64 -28.76
CA ASN A 642 3.75 -3.12 -29.71
C ASN A 642 2.83 -4.26 -30.16
N ALA A 643 3.40 -5.41 -30.51
CA ALA A 643 2.60 -6.56 -30.97
C ALA A 643 1.66 -7.02 -29.85
N PHE A 644 2.10 -6.94 -28.59
CA PHE A 644 1.29 -7.43 -27.46
C PHE A 644 0.01 -6.62 -27.34
N GLU A 645 0.10 -5.30 -27.47
CA GLU A 645 -1.07 -4.39 -27.26
C GLU A 645 -2.18 -4.71 -28.27
N ILE A 646 -1.83 -4.94 -29.52
CA ILE A 646 -2.84 -5.10 -30.60
C ILE A 646 -3.44 -6.51 -30.59
N ALA A 647 -2.79 -7.48 -29.95
CA ALA A 647 -3.20 -8.91 -30.05
C ALA A 647 -3.48 -9.55 -28.70
N GLY A 648 -2.94 -9.01 -27.60
CA GLY A 648 -3.10 -9.62 -26.27
C GLY A 648 -2.27 -10.88 -26.11
N ALA A 649 -2.64 -11.70 -25.13
CA ALA A 649 -1.83 -12.85 -24.68
C ALA A 649 -1.77 -13.94 -25.76
N SER A 650 -2.62 -13.88 -26.78
CA SER A 650 -2.68 -14.94 -27.82
C SER A 650 -1.32 -15.09 -28.52
N ILE A 651 -0.54 -14.03 -28.62
CA ILE A 651 0.73 -14.09 -29.38
C ILE A 651 1.71 -15.07 -28.71
N LEU A 652 1.64 -15.22 -27.39
CA LEU A 652 2.63 -16.07 -26.68
C LEU A 652 2.29 -17.55 -26.85
N LEU A 653 1.03 -17.91 -26.92
CA LEU A 653 0.64 -19.35 -27.03
C LEU A 653 1.27 -19.95 -28.27
N GLU A 654 1.87 -21.11 -28.12
CA GLU A 654 2.41 -21.89 -29.26
C GLU A 654 1.29 -22.62 -30.01
N PHE A 655 0.13 -22.79 -29.41
CA PHE A 655 -0.97 -23.60 -30.00
C PHE A 655 -2.29 -23.13 -29.42
N ILE A 656 -3.17 -22.63 -30.25
CA ILE A 656 -4.53 -22.18 -29.81
C ILE A 656 -5.43 -23.41 -29.84
N PRO A 657 -6.01 -23.82 -28.70
CA PRO A 657 -6.83 -25.02 -28.67
C PRO A 657 -8.30 -24.77 -29.02
N GLU A 658 -8.97 -25.82 -29.47
CA GLU A 658 -10.41 -25.74 -29.79
C GLU A 658 -11.20 -26.03 -28.51
N LEU A 659 -12.13 -25.15 -28.16
CA LEU A 659 -12.82 -25.19 -26.85
C LEU A 659 -14.13 -25.97 -27.00
N LEU A 660 -14.38 -26.88 -26.08
CA LEU A 660 -15.64 -27.67 -26.05
C LEU A 660 -16.68 -26.93 -25.20
N ILE A 661 -17.84 -26.65 -25.78
CA ILE A 661 -18.95 -25.96 -25.06
C ILE A 661 -20.25 -26.64 -25.46
N PRO A 662 -20.81 -27.53 -24.63
CA PRO A 662 -22.05 -28.22 -24.99
C PRO A 662 -23.25 -27.28 -25.06
N VAL A 663 -24.32 -27.78 -25.64
CA VAL A 663 -25.65 -27.12 -25.58
C VAL A 663 -26.42 -27.76 -24.43
N VAL A 664 -26.79 -26.96 -23.45
CA VAL A 664 -27.46 -27.51 -22.24
C VAL A 664 -28.81 -28.10 -22.65
N GLY A 665 -29.07 -29.31 -22.18
CA GLY A 665 -30.28 -30.08 -22.53
C GLY A 665 -31.54 -29.45 -21.97
N ALA A 666 -32.68 -29.90 -22.49
CA ALA A 666 -34.01 -29.38 -22.12
C ALA A 666 -34.51 -30.04 -20.84
N PHE A 667 -35.36 -29.33 -20.11
CA PHE A 667 -36.03 -29.86 -18.90
C PHE A 667 -37.37 -30.45 -19.28
N LEU A 668 -37.72 -31.58 -18.68
CA LEU A 668 -39.06 -32.19 -18.82
C LEU A 668 -39.75 -32.16 -17.48
N LEU A 669 -40.88 -31.47 -17.39
CA LEU A 669 -41.56 -31.25 -16.10
C LEU A 669 -42.76 -32.19 -15.98
N GLU A 670 -42.93 -32.76 -14.80
CA GLU A 670 -44.01 -33.74 -14.53
C GLU A 670 -45.37 -33.04 -14.47
N SER A 671 -46.42 -33.84 -14.54
CA SER A 671 -47.82 -33.38 -14.55
C SER A 671 -48.56 -34.03 -13.38
N TYR A 672 -48.85 -33.25 -12.34
CA TYR A 672 -49.71 -33.68 -11.22
C TYR A 672 -51.11 -33.12 -11.44
N ILE A 673 -52.12 -33.92 -11.13
CA ILE A 673 -53.52 -33.61 -11.54
C ILE A 673 -54.06 -32.49 -10.65
N ASP A 674 -54.16 -32.71 -9.34
CA ASP A 674 -54.93 -31.78 -8.48
C ASP A 674 -54.10 -31.21 -7.32
N ASN A 675 -52.92 -31.76 -7.03
CA ASN A 675 -52.07 -31.25 -5.92
C ASN A 675 -51.55 -29.86 -6.29
N LYS A 676 -52.21 -28.82 -5.80
CA LYS A 676 -51.74 -27.44 -6.02
C LYS A 676 -50.33 -27.30 -5.47
N ASN A 677 -50.08 -27.82 -4.26
CA ASN A 677 -48.75 -27.71 -3.63
C ASN A 677 -47.69 -28.37 -4.51
N LYS A 678 -47.99 -29.54 -5.06
CA LYS A 678 -46.99 -30.28 -5.86
C LYS A 678 -46.64 -29.50 -7.13
N ILE A 679 -47.62 -28.83 -7.73
CA ILE A 679 -47.34 -28.01 -8.94
C ILE A 679 -46.36 -26.89 -8.57
N ILE A 680 -46.56 -26.27 -7.43
CA ILE A 680 -45.68 -25.16 -6.99
C ILE A 680 -44.28 -25.73 -6.79
N LYS A 681 -44.17 -26.89 -6.16
CA LYS A 681 -42.83 -27.45 -5.81
C LYS A 681 -42.05 -27.76 -7.09
N THR A 682 -42.70 -28.30 -8.11
CA THR A 682 -42.00 -28.63 -9.37
C THR A 682 -41.40 -27.36 -10.00
N ILE A 683 -42.13 -26.25 -9.98
CA ILE A 683 -41.59 -24.97 -10.50
C ILE A 683 -40.35 -24.58 -9.68
N ASP A 684 -40.45 -24.68 -8.36
CA ASP A 684 -39.31 -24.29 -7.50
C ASP A 684 -38.10 -25.18 -7.80
N ASN A 685 -38.32 -26.47 -7.96
CA ASN A 685 -37.20 -27.41 -8.21
C ASN A 685 -36.52 -27.07 -9.54
N ALA A 686 -37.28 -26.70 -10.55
CA ALA A 686 -36.69 -26.34 -11.87
C ALA A 686 -35.80 -25.08 -11.74
N LEU A 687 -36.24 -24.09 -10.98
CA LEU A 687 -35.49 -22.83 -10.86
C LEU A 687 -34.17 -23.10 -10.15
N THR A 688 -34.19 -23.91 -9.10
CA THR A 688 -32.95 -24.23 -8.35
C THR A 688 -32.03 -25.07 -9.24
N LYS A 689 -32.60 -26.00 -9.97
CA LYS A 689 -31.81 -26.89 -10.85
C LYS A 689 -31.09 -26.05 -11.89
N ARG A 690 -31.65 -24.91 -12.28
CA ARG A 690 -31.02 -24.05 -13.31
C ARG A 690 -29.71 -23.48 -12.79
N ASN A 691 -29.67 -23.07 -11.54
CA ASN A 691 -28.43 -22.51 -10.96
C ASN A 691 -27.34 -23.60 -10.93
N GLU A 692 -27.72 -24.87 -10.89
CA GLU A 692 -26.72 -25.95 -10.93
C GLU A 692 -26.03 -26.00 -12.29
N LYS A 693 -26.77 -25.77 -13.37
CA LYS A 693 -26.18 -25.87 -14.73
C LYS A 693 -25.18 -24.72 -14.93
N TRP A 694 -25.36 -23.60 -14.28
CA TRP A 694 -24.42 -22.46 -14.42
C TRP A 694 -23.06 -22.87 -13.87
N SER A 695 -23.02 -23.52 -12.73
CA SER A 695 -21.73 -23.88 -12.08
C SER A 695 -21.10 -25.07 -12.81
N ASP A 696 -21.91 -25.95 -13.37
CA ASP A 696 -21.38 -27.08 -14.15
C ASP A 696 -20.69 -26.57 -15.42
N MET A 697 -21.16 -25.48 -15.99
CA MET A 697 -20.55 -24.94 -17.21
C MET A 697 -19.25 -24.23 -16.86
N TYR A 698 -19.24 -23.48 -15.79
CA TYR A 698 -18.02 -22.75 -15.38
C TYR A 698 -16.92 -23.75 -15.05
N GLY A 699 -17.25 -24.86 -14.39
CA GLY A 699 -16.26 -25.90 -14.07
C GLY A 699 -15.68 -26.52 -15.32
N LEU A 700 -16.49 -26.69 -16.35
CA LEU A 700 -16.03 -27.32 -17.60
C LEU A 700 -15.00 -26.42 -18.28
N ILE A 701 -15.17 -25.11 -18.23
CA ILE A 701 -14.22 -24.20 -18.89
C ILE A 701 -12.93 -24.20 -18.09
N VAL A 702 -13.00 -24.09 -16.79
CA VAL A 702 -11.76 -23.98 -15.96
C VAL A 702 -10.90 -25.25 -16.16
N ALA A 703 -11.51 -26.40 -16.30
CA ALA A 703 -10.75 -27.64 -16.47
C ALA A 703 -9.96 -27.53 -17.77
N GLN A 704 -10.57 -27.04 -18.84
CA GLN A 704 -9.89 -26.94 -20.15
C GLN A 704 -8.77 -25.90 -20.08
N TRP A 705 -8.96 -24.87 -19.32
CA TRP A 705 -7.94 -23.79 -19.21
C TRP A 705 -6.72 -24.35 -18.48
N LEU A 706 -6.91 -25.15 -17.44
CA LEU A 706 -5.78 -25.61 -16.59
C LEU A 706 -4.90 -26.62 -17.32
N SER A 707 -5.45 -27.41 -18.21
CA SER A 707 -4.73 -28.54 -18.83
C SER A 707 -4.32 -28.23 -20.27
N THR A 708 -4.65 -27.07 -20.83
CA THR A 708 -4.29 -26.78 -22.25
C THR A 708 -3.60 -25.43 -22.36
N VAL A 709 -4.02 -24.42 -21.61
CA VAL A 709 -3.47 -23.05 -21.76
C VAL A 709 -2.51 -22.77 -20.62
N ASN A 710 -2.89 -23.02 -19.40
CA ASN A 710 -2.02 -22.75 -18.25
C ASN A 710 -0.74 -23.61 -18.29
N THR A 711 -0.77 -24.77 -18.91
CA THR A 711 0.43 -25.62 -19.00
C THR A 711 1.42 -25.00 -19.97
N GLN A 712 0.95 -24.44 -21.07
CA GLN A 712 1.85 -23.81 -22.08
C GLN A 712 2.60 -22.64 -21.41
N PHE A 713 1.92 -21.85 -20.61
CA PHE A 713 2.56 -20.72 -19.95
C PHE A 713 3.61 -21.20 -18.96
N TYR A 714 3.37 -22.30 -18.28
CA TYR A 714 4.35 -22.85 -17.31
C TYR A 714 5.67 -23.21 -18.01
N THR A 715 5.58 -23.84 -19.16
CA THR A 715 6.78 -24.19 -19.94
C THR A 715 7.56 -22.92 -20.31
N ILE A 716 6.87 -21.81 -20.54
CA ILE A 716 7.57 -20.56 -20.90
C ILE A 716 8.33 -20.06 -19.68
N LYS A 717 7.77 -20.18 -18.49
CA LYS A 717 8.51 -19.74 -17.28
C LYS A 717 9.78 -20.56 -17.10
N GLU A 718 9.73 -21.85 -17.31
CA GLU A 718 10.92 -22.70 -17.17
C GLU A 718 11.97 -22.34 -18.21
N GLY A 719 11.55 -22.07 -19.44
CA GLY A 719 12.46 -21.71 -20.54
C GLY A 719 13.25 -20.46 -20.16
N MET A 720 12.56 -19.46 -19.60
CA MET A 720 13.22 -18.19 -19.29
C MET A 720 14.24 -18.39 -18.19
N TYR A 721 13.90 -19.14 -17.18
CA TYR A 721 14.84 -19.42 -16.06
C TYR A 721 16.07 -20.16 -16.62
N LYS A 722 15.86 -21.12 -17.48
CA LYS A 722 16.98 -21.84 -18.13
C LYS A 722 17.78 -20.86 -19.00
N ALA A 723 17.09 -19.98 -19.72
CA ALA A 723 17.74 -19.03 -20.66
C ALA A 723 18.61 -18.04 -19.87
N LEU A 724 18.12 -17.54 -18.75
CA LEU A 724 18.91 -16.56 -17.98
C LEU A 724 20.18 -17.21 -17.46
N ASN A 725 20.12 -18.41 -16.93
CA ASN A 725 21.32 -19.05 -16.35
C ASN A 725 22.36 -19.26 -17.45
N TYR A 726 21.94 -19.58 -18.65
CA TYR A 726 22.89 -19.74 -19.77
C TYR A 726 23.68 -18.45 -19.99
N GLN A 727 23.01 -17.31 -19.87
CA GLN A 727 23.70 -16.03 -20.03
C GLN A 727 24.74 -15.87 -18.92
N ALA A 728 24.38 -16.15 -17.68
CA ALA A 728 25.32 -15.95 -16.55
C ALA A 728 26.55 -16.87 -16.69
N GLN A 729 26.35 -18.11 -17.07
CA GLN A 729 27.49 -19.04 -17.27
C GLN A 729 28.46 -18.45 -18.30
N ALA A 730 27.95 -17.93 -19.42
CA ALA A 730 28.78 -17.42 -20.52
C ALA A 730 29.58 -16.24 -20.00
N LEU A 731 28.95 -15.37 -19.21
CA LEU A 731 29.63 -14.14 -18.74
C LEU A 731 30.82 -14.53 -17.86
N GLU A 732 30.64 -15.44 -16.94
CA GLU A 732 31.73 -15.85 -16.01
C GLU A 732 32.87 -16.50 -16.80
N GLU A 733 32.57 -17.32 -17.79
CA GLU A 733 33.62 -17.99 -18.59
C GLU A 733 34.46 -16.94 -19.32
N ILE A 734 33.82 -15.89 -19.80
CA ILE A 734 34.57 -14.80 -20.49
C ILE A 734 35.48 -14.11 -19.47
N ILE A 735 34.97 -13.80 -18.28
CA ILE A 735 35.80 -13.14 -17.24
C ILE A 735 36.98 -14.04 -16.87
N LYS A 736 36.72 -15.31 -16.62
CA LYS A 736 37.77 -16.23 -16.13
C LYS A 736 38.87 -16.36 -17.18
N TYR A 737 38.55 -16.22 -18.45
CA TYR A 737 39.55 -16.36 -19.51
C TYR A 737 40.47 -15.15 -19.52
N ARG A 738 39.91 -13.95 -19.47
CA ARG A 738 40.71 -12.71 -19.51
C ARG A 738 41.64 -12.64 -18.30
N TYR A 739 41.31 -13.32 -17.21
CA TYR A 739 42.14 -13.28 -16.00
C TYR A 739 43.40 -14.14 -16.18
N ASN A 740 43.29 -15.29 -16.84
CA ASN A 740 44.42 -16.23 -16.99
C ASN A 740 45.41 -15.75 -18.05
N ILE A 741 45.00 -14.84 -18.93
CA ILE A 741 45.92 -14.36 -19.99
C ILE A 741 47.03 -13.52 -19.38
N TYR A 742 46.73 -12.72 -18.36
CA TYR A 742 47.74 -11.83 -17.74
C TYR A 742 48.89 -12.66 -17.17
N SER A 743 50.10 -12.13 -17.28
CA SER A 743 51.31 -12.74 -16.70
C SER A 743 51.18 -12.83 -15.17
N GLU A 744 51.85 -13.81 -14.59
CA GLU A 744 51.75 -14.09 -13.14
C GLU A 744 52.10 -12.81 -12.40
N LYS A 745 53.19 -12.17 -12.79
CA LYS A 745 53.62 -10.91 -12.13
C LYS A 745 52.45 -9.93 -12.11
N GLU A 746 51.93 -9.62 -13.28
CA GLU A 746 50.80 -8.68 -13.46
C GLU A 746 49.51 -9.21 -12.80
N LYS A 747 49.31 -10.52 -12.77
CA LYS A 747 48.06 -11.10 -12.21
C LYS A 747 48.00 -10.88 -10.70
N SER A 748 49.15 -10.90 -10.01
CA SER A 748 49.19 -10.83 -8.53
C SER A 748 48.59 -9.52 -8.02
N ASN A 749 48.47 -8.51 -8.89
CA ASN A 749 47.94 -7.19 -8.49
C ASN A 749 46.44 -7.07 -8.74
N ILE A 750 45.80 -8.14 -9.21
CA ILE A 750 44.33 -8.13 -9.45
C ILE A 750 43.68 -8.95 -8.35
N ASN A 751 42.85 -8.30 -7.54
CA ASN A 751 42.15 -8.97 -6.41
C ASN A 751 40.65 -9.06 -6.76
N ILE A 752 40.22 -10.23 -7.21
CA ILE A 752 38.78 -10.46 -7.51
C ILE A 752 38.37 -11.79 -6.90
N ASP A 753 37.22 -11.78 -6.23
CA ASP A 753 36.68 -13.00 -5.57
C ASP A 753 35.63 -13.62 -6.48
N PHE A 754 35.95 -14.76 -7.07
CA PHE A 754 35.01 -15.44 -7.99
C PHE A 754 33.72 -15.82 -7.29
N ASN A 755 33.79 -16.11 -5.99
CA ASN A 755 32.57 -16.49 -5.22
C ASN A 755 31.62 -15.30 -5.16
N ASP A 756 32.14 -14.10 -4.95
CA ASP A 756 31.30 -12.89 -4.90
C ASP A 756 30.68 -12.63 -6.28
N ILE A 757 31.40 -12.91 -7.35
CA ILE A 757 30.86 -12.71 -8.72
C ILE A 757 29.66 -13.64 -8.93
N ASN A 758 29.82 -14.90 -8.55
CA ASN A 758 28.77 -15.91 -8.81
C ASN A 758 27.47 -15.58 -8.05
N SER A 759 27.55 -15.22 -6.77
CA SER A 759 26.35 -14.93 -5.95
C SER A 759 25.69 -13.61 -6.36
N LYS A 760 26.49 -12.64 -6.80
CA LYS A 760 25.92 -11.33 -7.19
C LYS A 760 25.00 -11.59 -8.38
N LEU A 761 25.43 -12.44 -9.31
CA LEU A 761 24.63 -12.73 -10.51
C LEU A 761 23.37 -13.49 -10.10
N ASN A 762 23.48 -14.48 -9.23
CA ASN A 762 22.31 -15.30 -8.84
C ASN A 762 21.24 -14.42 -8.20
N GLU A 763 21.66 -13.43 -7.44
CA GLU A 763 20.69 -12.51 -6.80
C GLU A 763 19.94 -11.73 -7.89
N GLY A 764 20.60 -11.33 -8.95
CA GLY A 764 19.94 -10.57 -10.02
C GLY A 764 18.96 -11.44 -10.77
N ILE A 765 19.32 -12.70 -11.01
CA ILE A 765 18.44 -13.61 -11.79
C ILE A 765 17.14 -13.82 -11.02
N ASN A 766 17.21 -13.96 -9.71
CA ASN A 766 15.98 -14.17 -8.91
C ASN A 766 15.03 -12.97 -9.04
N GLN A 767 15.57 -11.76 -9.05
CA GLN A 767 14.72 -10.55 -9.25
C GLN A 767 14.04 -10.60 -10.62
N ALA A 768 14.76 -10.99 -11.66
CA ALA A 768 14.19 -11.04 -13.02
C ALA A 768 13.03 -12.05 -13.07
N ILE A 769 13.19 -13.19 -12.43
CA ILE A 769 12.17 -14.26 -12.51
C ILE A 769 10.90 -13.79 -11.80
N ASP A 770 11.02 -13.02 -10.74
CA ASP A 770 9.81 -12.52 -10.04
C ASP A 770 8.94 -11.68 -10.98
N ASN A 771 9.54 -10.77 -11.75
CA ASN A 771 8.78 -9.95 -12.70
C ASN A 771 8.14 -10.85 -13.75
N ILE A 772 8.86 -11.85 -14.22
CA ILE A 772 8.33 -12.72 -15.31
C ILE A 772 7.13 -13.50 -14.80
N ASN A 773 7.15 -13.92 -13.54
CA ASN A 773 5.99 -14.63 -12.94
C ASN A 773 4.75 -13.74 -12.97
N ASN A 774 4.87 -12.52 -12.47
CA ASN A 774 3.72 -11.58 -12.40
C ASN A 774 3.17 -11.35 -13.81
N PHE A 775 4.05 -11.15 -14.77
CA PHE A 775 3.62 -10.87 -16.15
C PHE A 775 2.86 -12.09 -16.69
N ILE A 776 3.45 -13.25 -16.59
CA ILE A 776 2.89 -14.46 -17.23
C ILE A 776 1.59 -14.88 -16.51
N ASN A 777 1.55 -14.73 -15.21
CA ASN A 777 0.33 -15.09 -14.45
C ASN A 777 -0.86 -14.21 -14.90
N GLY A 778 -0.61 -12.92 -15.09
CA GLY A 778 -1.65 -12.02 -15.62
C GLY A 778 -2.08 -12.44 -17.02
N CYS A 779 -1.14 -12.77 -17.87
CA CYS A 779 -1.45 -13.16 -19.27
C CYS A 779 -2.37 -14.38 -19.24
N SER A 780 -2.06 -15.34 -18.40
CA SER A 780 -2.82 -16.63 -18.35
C SER A 780 -4.27 -16.34 -17.94
N VAL A 781 -4.46 -15.60 -16.86
CA VAL A 781 -5.83 -15.32 -16.34
C VAL A 781 -6.54 -14.44 -17.36
N SER A 782 -5.85 -13.44 -17.87
CA SER A 782 -6.45 -12.50 -18.84
C SER A 782 -7.06 -13.31 -19.99
N TYR A 783 -6.42 -14.37 -20.42
CA TYR A 783 -6.93 -15.19 -21.52
C TYR A 783 -8.25 -15.87 -21.14
N LEU A 784 -8.35 -16.40 -19.93
CA LEU A 784 -9.57 -17.10 -19.46
C LEU A 784 -10.74 -16.10 -19.44
N MET A 785 -10.57 -14.95 -18.84
CA MET A 785 -11.69 -14.00 -18.67
C MET A 785 -12.18 -13.50 -20.03
N LYS A 786 -11.28 -13.24 -20.98
CA LYS A 786 -11.64 -12.47 -22.19
C LYS A 786 -11.84 -13.36 -23.41
N LYS A 787 -11.49 -14.62 -23.38
CA LYS A 787 -11.57 -15.47 -24.61
C LYS A 787 -12.17 -16.85 -24.36
N MET A 788 -12.50 -17.21 -23.12
CA MET A 788 -13.12 -18.52 -22.84
C MET A 788 -14.46 -18.34 -22.12
N ILE A 789 -14.51 -17.59 -21.04
CA ILE A 789 -15.75 -17.42 -20.24
C ILE A 789 -16.84 -16.75 -21.07
N PRO A 790 -16.63 -15.62 -21.77
CA PRO A 790 -17.70 -15.00 -22.55
C PRO A 790 -18.36 -15.93 -23.58
N LEU A 791 -17.58 -16.81 -24.20
CA LEU A 791 -18.15 -17.77 -25.17
C LEU A 791 -19.12 -18.72 -24.46
N ALA A 792 -18.93 -18.95 -23.17
CA ALA A 792 -19.78 -19.88 -22.40
C ALA A 792 -21.03 -19.15 -21.90
N VAL A 793 -20.90 -17.91 -21.46
CA VAL A 793 -22.06 -17.16 -20.94
C VAL A 793 -23.12 -17.02 -22.05
N GLU A 794 -22.68 -16.87 -23.29
CA GLU A 794 -23.60 -16.72 -24.44
C GLU A 794 -24.57 -17.90 -24.58
N LYS A 795 -24.11 -19.14 -24.51
CA LYS A 795 -24.97 -20.35 -24.67
C LYS A 795 -25.74 -20.66 -23.40
N LEU A 796 -25.34 -20.08 -22.28
CA LEU A 796 -26.11 -20.27 -21.02
C LEU A 796 -27.32 -19.36 -21.17
N LEU A 797 -27.12 -18.14 -21.65
CA LEU A 797 -28.25 -17.19 -21.82
C LEU A 797 -29.27 -17.75 -22.83
N ASP A 798 -28.81 -18.51 -23.81
CA ASP A 798 -29.75 -19.19 -24.73
C ASP A 798 -30.57 -20.21 -23.94
N PHE A 799 -29.94 -20.93 -23.05
CA PHE A 799 -30.63 -21.97 -22.25
C PHE A 799 -31.69 -21.29 -21.37
N ASP A 800 -31.37 -20.13 -20.81
CA ASP A 800 -32.33 -19.40 -19.94
C ASP A 800 -33.59 -19.05 -20.73
N ASN A 801 -33.44 -18.55 -21.94
CA ASN A 801 -34.60 -18.10 -22.75
C ASN A 801 -35.49 -19.30 -23.03
N THR A 802 -34.90 -20.42 -23.43
CA THR A 802 -35.68 -21.64 -23.77
C THR A 802 -36.44 -22.12 -22.52
N LEU A 803 -35.81 -22.07 -21.36
CA LEU A 803 -36.46 -22.52 -20.11
C LEU A 803 -37.66 -21.63 -19.81
N LYS A 804 -37.52 -20.32 -20.02
CA LYS A 804 -38.61 -19.37 -19.69
C LYS A 804 -39.88 -19.74 -20.48
N LYS A 805 -39.74 -20.02 -21.76
CA LYS A 805 -40.91 -20.44 -22.58
C LYS A 805 -41.52 -21.72 -21.97
N ASN A 806 -40.68 -22.68 -21.61
CA ASN A 806 -41.16 -23.98 -21.10
C ASN A 806 -41.94 -23.75 -19.79
N LEU A 807 -41.41 -22.93 -18.90
CA LEU A 807 -42.05 -22.72 -17.58
C LEU A 807 -43.39 -22.00 -17.76
N LEU A 808 -43.41 -20.91 -18.52
CA LEU A 808 -44.64 -20.11 -18.66
C LEU A 808 -45.72 -20.97 -19.32
N ASN A 809 -45.36 -21.74 -20.34
CA ASN A 809 -46.33 -22.67 -20.99
C ASN A 809 -46.81 -23.72 -19.97
N TYR A 810 -45.93 -24.18 -19.09
CA TYR A 810 -46.31 -25.17 -18.06
C TYR A 810 -47.38 -24.58 -17.15
N ILE A 811 -47.24 -23.32 -16.77
CA ILE A 811 -48.22 -22.69 -15.84
C ILE A 811 -49.60 -22.65 -16.50
N ASP A 812 -49.65 -22.27 -17.77
CA ASP A 812 -50.96 -22.08 -18.47
C ASP A 812 -51.72 -23.40 -18.55
N GLU A 813 -51.04 -24.49 -18.92
CA GLU A 813 -51.72 -25.80 -19.07
C GLU A 813 -52.33 -26.23 -17.74
N ASN A 814 -51.76 -25.80 -16.62
CA ASN A 814 -52.31 -26.10 -15.28
C ASN A 814 -52.98 -24.86 -14.69
N LYS A 815 -53.50 -23.98 -15.52
CA LYS A 815 -54.01 -22.67 -15.03
C LYS A 815 -55.17 -22.90 -14.05
N LEU A 816 -56.08 -23.80 -14.37
CA LEU A 816 -57.27 -24.04 -13.52
C LEU A 816 -56.86 -24.45 -12.10
N TYR A 817 -55.82 -25.26 -11.96
CA TYR A 817 -55.41 -25.76 -10.62
C TYR A 817 -54.72 -24.66 -9.82
N LEU A 818 -54.23 -23.60 -10.47
CA LEU A 818 -53.45 -22.52 -9.79
C LEU A 818 -54.34 -21.32 -9.53
N ILE A 819 -55.62 -21.54 -9.20
CA ILE A 819 -56.57 -20.44 -8.93
C ILE A 819 -55.94 -19.49 -7.91
N GLY A 820 -55.85 -18.22 -8.27
CA GLY A 820 -55.28 -17.17 -7.44
C GLY A 820 -53.77 -17.25 -7.28
N SER A 821 -53.07 -18.09 -8.05
CA SER A 821 -51.60 -18.24 -7.94
C SER A 821 -50.90 -18.15 -9.30
N ALA A 822 -51.58 -18.40 -10.42
CA ALA A 822 -50.94 -18.35 -11.75
C ALA A 822 -50.26 -16.99 -11.95
N GLU A 823 -50.96 -15.91 -11.64
CA GLU A 823 -50.40 -14.54 -11.77
C GLU A 823 -49.15 -14.41 -10.91
N TYR A 824 -49.09 -15.07 -9.76
CA TYR A 824 -47.95 -14.91 -8.83
C TYR A 824 -46.76 -15.69 -9.38
N GLU A 825 -46.98 -16.90 -9.85
CA GLU A 825 -45.88 -17.73 -10.39
C GLU A 825 -45.27 -17.06 -11.61
N LYS A 826 -46.10 -16.54 -12.51
CA LYS A 826 -45.61 -15.91 -13.76
C LYS A 826 -44.67 -14.76 -13.42
N SER A 827 -45.01 -13.98 -12.40
CA SER A 827 -44.14 -12.87 -11.95
C SER A 827 -42.82 -13.46 -11.45
N LYS A 828 -42.90 -14.54 -10.67
CA LYS A 828 -41.69 -15.12 -10.04
C LYS A 828 -40.73 -15.61 -11.12
N VAL A 829 -41.24 -16.30 -12.13
CA VAL A 829 -40.37 -16.89 -13.19
C VAL A 829 -39.70 -15.75 -13.95
N ASN A 830 -40.44 -14.71 -14.33
CA ASN A 830 -39.87 -13.59 -15.11
C ASN A 830 -38.73 -12.94 -14.33
N LYS A 831 -38.95 -12.67 -13.04
CA LYS A 831 -37.94 -12.00 -12.21
C LYS A 831 -36.74 -12.94 -12.06
N TYR A 832 -36.99 -14.22 -11.84
CA TYR A 832 -35.93 -15.19 -11.46
C TYR A 832 -34.95 -15.33 -12.62
N LEU A 833 -35.42 -15.56 -13.83
CA LEU A 833 -34.55 -15.97 -14.95
C LEU A 833 -34.00 -14.76 -15.70
N LYS A 834 -33.95 -13.59 -15.07
CA LYS A 834 -33.39 -12.39 -15.74
C LYS A 834 -31.94 -12.17 -15.30
N THR A 835 -31.57 -12.65 -14.12
CA THR A 835 -30.23 -12.43 -13.55
C THR A 835 -29.25 -13.50 -14.00
N ILE A 836 -27.97 -13.17 -13.94
CA ILE A 836 -26.86 -14.12 -14.20
C ILE A 836 -26.19 -14.48 -12.89
N MET A 837 -25.58 -15.63 -12.83
CA MET A 837 -24.79 -16.05 -11.66
C MET A 837 -23.34 -15.72 -11.97
N PRO A 838 -22.69 -14.83 -11.22
CA PRO A 838 -21.38 -14.36 -11.63
C PRO A 838 -20.29 -15.42 -11.38
N PHE A 839 -19.22 -15.35 -12.16
CA PHE A 839 -18.13 -16.34 -12.14
C PHE A 839 -17.07 -15.94 -11.11
N ASP A 840 -16.69 -16.88 -10.26
CA ASP A 840 -15.72 -16.64 -9.17
C ASP A 840 -14.58 -17.65 -9.29
N LEU A 841 -13.38 -17.17 -9.54
CA LEU A 841 -12.21 -18.05 -9.77
C LEU A 841 -11.72 -18.63 -8.44
N SER A 842 -11.92 -17.94 -7.33
CA SER A 842 -11.37 -18.37 -6.02
C SER A 842 -11.90 -19.75 -5.63
N ILE A 843 -13.03 -20.16 -6.16
CA ILE A 843 -13.60 -21.50 -5.84
C ILE A 843 -12.63 -22.60 -6.30
N TYR A 844 -11.93 -22.39 -7.41
CA TYR A 844 -11.20 -23.47 -8.10
C TYR A 844 -9.73 -23.44 -7.75
N THR A 845 -9.16 -22.26 -7.53
CA THR A 845 -7.75 -22.12 -7.13
C THR A 845 -7.65 -21.97 -5.62
N ASN A 846 -6.47 -22.21 -5.09
CA ASN A 846 -6.20 -22.13 -3.63
C ASN A 846 -5.73 -20.70 -3.27
N ASP A 847 -5.72 -19.78 -4.23
CA ASP A 847 -5.18 -18.41 -3.99
C ASP A 847 -5.94 -17.73 -2.85
N THR A 848 -5.20 -17.04 -2.00
CA THR A 848 -5.73 -16.24 -0.86
C THR A 848 -6.59 -15.09 -1.40
N SER A 859 6.57 -11.03 2.97
CA SER A 859 7.30 -10.04 2.14
C SER A 859 8.11 -9.10 3.05
N GLU A 860 7.56 -8.78 4.22
CA GLU A 860 8.28 -8.00 5.27
C GLU A 860 9.60 -8.68 5.63
N ILE A 861 9.58 -10.00 5.82
CA ILE A 861 10.69 -10.76 6.45
C ILE A 861 11.76 -11.12 5.42
N LEU A 862 11.55 -10.79 4.14
CA LEU A 862 12.51 -11.21 3.09
C LEU A 862 13.87 -10.54 3.31
N ASN A 863 14.94 -11.30 3.13
CA ASN A 863 16.33 -10.76 3.13
C ASN A 863 16.70 -10.27 4.53
N ASN A 864 16.37 -11.03 5.55
CA ASN A 864 16.74 -10.70 6.95
C ASN A 864 17.78 -11.72 7.42
N ILE A 865 18.93 -11.23 7.86
CA ILE A 865 20.05 -12.13 8.30
C ILE A 865 20.35 -11.93 9.79
N ILE A 866 19.72 -10.99 10.46
CA ILE A 866 19.79 -10.91 11.94
C ILE A 866 18.57 -10.16 12.45
N LEU A 867 17.92 -10.70 13.47
CA LEU A 867 16.70 -10.09 14.06
C LEU A 867 16.95 -9.98 15.56
N ASN A 868 18.07 -9.39 15.90
CA ASN A 868 18.65 -9.51 17.25
C ASN A 868 17.61 -9.25 18.35
N LEU A 869 17.02 -8.08 18.36
CA LEU A 869 16.35 -7.61 19.60
C LEU A 869 14.95 -8.18 19.60
N ARG A 870 14.86 -9.39 20.11
CA ARG A 870 13.58 -10.02 20.48
C ARG A 870 13.84 -10.56 21.87
N TYR A 871 13.23 -9.94 22.85
CA TYR A 871 13.34 -10.33 24.26
C TYR A 871 12.72 -11.71 24.47
N LYS A 872 13.37 -12.51 25.29
CA LYS A 872 12.84 -13.84 25.71
C LYS A 872 13.56 -14.27 26.99
N ASP A 873 12.81 -14.42 28.08
CA ASP A 873 13.34 -14.96 29.37
C ASP A 873 14.55 -14.17 29.82
N ASN A 874 14.41 -12.84 29.89
CA ASN A 874 15.47 -11.94 30.40
C ASN A 874 16.76 -12.11 29.58
N ASN A 875 16.61 -12.31 28.28
CA ASN A 875 17.78 -12.41 27.36
C ASN A 875 17.36 -11.99 25.97
N LEU A 876 18.33 -11.59 25.16
CA LEU A 876 18.10 -11.39 23.72
C LEU A 876 18.42 -12.68 22.98
N ILE A 877 17.83 -12.82 21.79
CA ILE A 877 18.10 -13.99 20.93
C ILE A 877 17.92 -13.55 19.49
N ASP A 878 18.52 -14.29 18.58
CA ASP A 878 18.38 -14.03 17.14
C ASP A 878 17.24 -14.90 16.59
N LEU A 879 16.14 -14.27 16.19
CA LEU A 879 15.02 -14.98 15.54
C LEU A 879 15.22 -15.15 14.05
N SER A 880 16.32 -14.64 13.48
CA SER A 880 16.57 -14.71 12.01
C SER A 880 16.45 -16.17 11.53
N GLY A 881 16.97 -17.13 12.31
CA GLY A 881 17.02 -18.54 11.91
C GLY A 881 18.35 -18.95 11.30
N TYR A 882 19.38 -18.11 11.38
CA TYR A 882 20.76 -18.49 11.00
C TYR A 882 21.61 -18.77 12.24
N GLY A 883 21.04 -18.65 13.43
CA GLY A 883 21.67 -19.11 14.68
C GLY A 883 22.88 -18.30 15.09
N ALA A 884 22.82 -16.98 14.98
CA ALA A 884 23.82 -16.09 15.57
C ALA A 884 23.84 -16.26 17.09
N LYS A 885 25.03 -16.19 17.67
CA LYS A 885 25.19 -16.27 19.13
C LYS A 885 25.19 -14.87 19.76
N VAL A 886 24.45 -14.72 20.85
CA VAL A 886 24.30 -13.42 21.53
C VAL A 886 24.79 -13.58 22.95
N GLU A 887 25.66 -12.68 23.38
CA GLU A 887 26.17 -12.66 24.77
C GLU A 887 25.79 -11.33 25.39
N VAL A 888 25.00 -11.34 26.43
CA VAL A 888 24.61 -10.09 27.14
C VAL A 888 25.27 -10.12 28.50
N TYR A 889 25.99 -9.06 28.81
CA TYR A 889 26.71 -8.92 30.09
C TYR A 889 25.81 -8.25 31.12
N ASP A 890 26.10 -8.51 32.38
CA ASP A 890 25.25 -8.12 33.52
C ASP A 890 25.06 -6.61 33.60
N GLY A 891 25.80 -5.82 32.82
CA GLY A 891 25.66 -4.34 32.84
C GLY A 891 24.53 -3.83 31.95
N VAL A 892 23.83 -4.69 31.24
CA VAL A 892 22.82 -4.25 30.25
C VAL A 892 21.44 -4.42 30.88
N GLU A 893 20.59 -3.41 30.72
CA GLU A 893 19.21 -3.47 31.26
C GLU A 893 18.22 -3.83 30.16
N LEU A 894 17.36 -4.80 30.43
CA LEU A 894 16.36 -5.30 29.45
C LEU A 894 14.98 -5.30 30.08
N ASN A 895 13.96 -5.29 29.23
CA ASN A 895 12.56 -5.43 29.68
C ASN A 895 11.75 -6.07 28.56
N ASP A 896 10.58 -6.57 28.90
CA ASP A 896 9.72 -7.31 27.94
C ASP A 896 9.17 -6.38 26.84
N LYS A 897 9.49 -5.08 26.86
CA LYS A 897 9.11 -4.18 25.75
C LYS A 897 10.17 -4.10 24.64
N ASN A 898 11.19 -4.96 24.66
CA ASN A 898 12.25 -5.02 23.64
C ASN A 898 13.05 -3.71 23.73
N GLN A 899 13.44 -3.30 24.93
CA GLN A 899 14.17 -2.02 25.13
C GLN A 899 15.42 -2.28 25.99
N PHE A 900 16.59 -2.48 25.39
CA PHE A 900 17.81 -2.72 26.19
C PHE A 900 18.52 -1.39 26.32
N LYS A 901 19.32 -1.19 27.36
CA LYS A 901 20.01 0.12 27.62
C LYS A 901 21.52 -0.09 27.76
N LEU A 902 22.33 0.70 27.07
CA LEU A 902 23.80 0.60 27.10
C LEU A 902 24.33 1.77 27.94
N THR A 903 25.41 1.57 28.70
CA THR A 903 25.92 2.56 29.68
C THR A 903 27.45 2.66 29.56
N SER A 904 28.02 3.61 30.26
CA SER A 904 29.48 3.85 30.25
C SER A 904 30.24 2.82 31.08
N SER A 905 29.56 1.98 31.86
CA SER A 905 30.25 0.93 32.67
C SER A 905 30.92 -0.09 31.74
N ALA A 906 31.99 -0.71 32.21
CA ALA A 906 32.81 -1.64 31.39
C ALA A 906 32.01 -2.89 30.99
N ASN A 907 31.08 -3.34 31.82
CA ASN A 907 30.34 -4.60 31.60
C ASN A 907 29.03 -4.35 30.84
N SER A 908 28.65 -3.10 30.56
CA SER A 908 27.44 -2.81 29.74
C SER A 908 27.79 -3.08 28.28
N LYS A 909 27.61 -4.31 27.84
CA LYS A 909 28.14 -4.72 26.53
C LYS A 909 27.34 -5.90 26.00
N ILE A 910 27.24 -5.98 24.69
CA ILE A 910 26.64 -7.14 23.99
C ILE A 910 27.56 -7.53 22.85
N ARG A 911 27.65 -8.82 22.58
CA ARG A 911 28.55 -9.35 21.55
C ARG A 911 27.77 -10.34 20.69
N VAL A 912 27.78 -10.13 19.38
CA VAL A 912 27.08 -10.99 18.42
C VAL A 912 28.09 -11.54 17.44
N THR A 913 28.14 -12.87 17.32
CA THR A 913 29.09 -13.57 16.41
C THR A 913 28.28 -14.18 15.28
N GLN A 914 28.44 -13.62 14.08
CA GLN A 914 27.61 -14.00 12.93
C GLN A 914 28.12 -15.33 12.39
N ASN A 915 27.20 -16.17 11.92
CA ASN A 915 27.58 -17.46 11.30
C ASN A 915 28.47 -17.22 10.07
N GLN A 916 29.44 -18.08 9.88
CA GLN A 916 30.40 -17.95 8.75
C GLN A 916 29.70 -18.19 7.40
N ASN A 917 28.55 -18.85 7.37
CA ASN A 917 27.96 -19.34 6.10
C ASN A 917 27.55 -18.16 5.21
N ILE A 918 26.94 -17.12 5.80
CA ILE A 918 26.45 -15.97 4.98
C ILE A 918 26.96 -14.66 5.55
N ILE A 919 27.46 -13.80 4.68
CA ILE A 919 27.88 -12.41 4.99
C ILE A 919 27.64 -11.57 3.73
N PHE A 920 27.44 -10.28 3.92
CA PHE A 920 27.22 -9.35 2.79
C PHE A 920 28.42 -9.40 1.85
N ASN A 921 28.15 -9.22 0.56
CA ASN A 921 29.19 -9.25 -0.50
C ASN A 921 30.19 -8.12 -0.27
N SER A 922 31.48 -8.43 -0.35
CA SER A 922 32.56 -7.44 -0.13
C SER A 922 32.70 -6.49 -1.34
N VAL A 923 32.41 -6.97 -2.54
CA VAL A 923 32.73 -6.21 -3.77
C VAL A 923 31.59 -5.27 -4.12
N PHE A 924 30.36 -5.59 -3.78
CA PHE A 924 29.18 -4.82 -4.26
C PHE A 924 28.39 -4.15 -3.13
N LEU A 925 28.51 -4.61 -1.89
CA LEU A 925 27.99 -3.89 -0.72
C LEU A 925 26.48 -3.70 -0.87
N ASP A 926 25.71 -4.78 -0.87
CA ASP A 926 24.23 -4.70 -0.84
C ASP A 926 23.73 -5.07 0.55
N PHE A 927 23.45 -4.08 1.39
CA PHE A 927 22.88 -4.36 2.73
C PHE A 927 22.38 -3.08 3.39
N SER A 928 21.53 -3.27 4.40
CA SER A 928 20.86 -2.18 5.12
C SER A 928 20.78 -2.51 6.61
N VAL A 929 20.58 -1.46 7.39
CA VAL A 929 20.49 -1.55 8.87
C VAL A 929 19.29 -0.71 9.30
N SER A 930 18.70 -1.07 10.43
CA SER A 930 17.50 -0.40 10.97
C SER A 930 17.34 -0.65 12.45
N PHE A 931 16.77 0.33 13.13
CA PHE A 931 16.55 0.24 14.58
C PHE A 931 15.77 1.48 15.03
N TRP A 932 15.33 1.47 16.28
CA TRP A 932 14.82 2.67 16.95
C TRP A 932 15.88 3.14 17.94
N ILE A 933 15.79 4.37 18.39
CA ILE A 933 16.82 4.94 19.31
C ILE A 933 16.21 6.07 20.13
N ARG A 934 16.79 6.33 21.27
CA ARG A 934 16.36 7.43 22.15
C ARG A 934 17.61 8.04 22.77
N ILE A 935 17.95 9.26 22.38
CA ILE A 935 19.20 9.90 22.82
C ILE A 935 18.80 10.93 23.87
N PRO A 936 19.34 10.86 25.09
CA PRO A 936 18.98 11.83 26.12
C PRO A 936 19.28 13.27 25.70
N LYS A 937 19.02 14.21 26.60
CA LYS A 937 19.23 15.63 26.29
C LYS A 937 20.64 16.03 26.73
N TYR A 938 21.18 17.06 26.12
CA TYR A 938 22.45 17.68 26.55
C TYR A 938 22.30 18.29 27.95
N LYS A 939 23.38 18.30 28.71
CA LYS A 939 23.43 19.03 30.00
C LYS A 939 23.56 20.52 29.72
N ASN A 940 22.91 21.34 30.53
CA ASN A 940 22.92 22.82 30.34
C ASN A 940 24.34 23.38 30.49
N ASP A 941 25.07 22.93 31.51
CA ASP A 941 26.41 23.48 31.81
C ASP A 941 27.45 22.79 30.92
N GLY A 942 27.36 21.46 30.75
CA GLY A 942 28.32 20.67 29.97
C GLY A 942 28.13 20.84 28.48
N ILE A 943 27.96 22.06 28.00
CA ILE A 943 27.69 22.32 26.56
C ILE A 943 28.93 22.02 25.73
N GLN A 944 30.10 22.45 26.17
CA GLN A 944 31.31 22.34 25.32
C GLN A 944 31.63 20.86 25.08
N ASN A 945 31.56 20.04 26.13
CA ASN A 945 31.85 18.58 26.00
C ASN A 945 30.85 17.96 25.02
N TYR A 946 29.61 18.41 25.07
CA TYR A 946 28.53 17.84 24.21
C TYR A 946 28.88 18.03 22.75
N ILE A 947 29.38 19.22 22.40
CA ILE A 947 29.51 19.61 20.96
C ILE A 947 30.75 18.96 20.35
N HIS A 948 31.76 18.63 21.16
CA HIS A 948 33.06 18.15 20.62
C HIS A 948 33.21 16.63 20.69
N ASN A 949 32.92 16.03 21.85
CA ASN A 949 33.18 14.59 22.06
C ASN A 949 32.38 13.75 21.06
N GLU A 950 32.99 12.69 20.57
CA GLU A 950 32.31 11.70 19.73
C GLU A 950 32.62 10.30 20.26
N TYR A 951 31.61 9.45 20.26
CA TYR A 951 31.75 8.06 20.73
C TYR A 951 31.06 7.11 19.76
N THR A 952 31.52 5.88 19.76
CA THR A 952 30.89 4.81 18.98
C THR A 952 29.82 4.11 19.82
N ILE A 953 28.80 3.58 19.15
CA ILE A 953 27.75 2.76 19.82
C ILE A 953 27.73 1.38 19.23
N ILE A 954 27.83 1.24 17.93
CA ILE A 954 27.94 -0.10 17.29
C ILE A 954 29.18 -0.12 16.41
N ASN A 955 29.86 -1.25 16.38
CA ASN A 955 31.12 -1.41 15.62
C ASN A 955 31.21 -2.82 15.04
N CYS A 956 31.50 -2.91 13.77
CA CYS A 956 31.83 -4.19 13.07
C CYS A 956 33.05 -3.96 12.18
N MET A 957 34.24 -4.13 12.72
CA MET A 957 35.51 -3.80 12.02
C MET A 957 36.59 -4.79 12.37
N LYS A 958 37.33 -5.23 11.36
CA LYS A 958 38.45 -6.18 11.49
C LYS A 958 39.62 -5.66 10.67
N ASN A 959 40.77 -5.47 11.31
CA ASN A 959 41.99 -4.91 10.66
C ASN A 959 41.68 -3.50 10.14
N ASN A 960 40.79 -2.77 10.80
CA ASN A 960 40.44 -1.36 10.47
C ASN A 960 39.75 -1.30 9.10
N SER A 961 38.95 -2.30 8.75
CA SER A 961 38.14 -2.32 7.51
C SER A 961 36.73 -2.76 7.84
N GLY A 962 35.76 -1.84 7.81
CA GLY A 962 34.36 -2.16 8.09
C GLY A 962 33.50 -0.95 8.34
N TRP A 963 32.41 -1.12 9.08
CA TRP A 963 31.42 -0.03 9.31
C TRP A 963 31.21 0.17 10.80
N LYS A 964 30.67 1.32 11.14
CA LYS A 964 30.37 1.65 12.52
C LYS A 964 29.36 2.81 12.58
N ILE A 965 28.69 2.94 13.73
CA ILE A 965 27.69 4.00 13.97
C ILE A 965 28.11 4.75 15.19
N SER A 966 28.21 6.06 15.09
CA SER A 966 28.73 6.92 16.17
C SER A 966 27.80 8.11 16.35
N ILE A 967 27.84 8.69 17.52
CA ILE A 967 27.02 9.86 17.84
C ILE A 967 28.00 10.96 18.21
N ARG A 968 28.23 11.88 17.30
CA ARG A 968 28.92 13.13 17.67
C ARG A 968 27.89 14.07 18.29
N GLY A 969 28.33 15.12 18.97
CA GLY A 969 27.39 16.03 19.63
C GLY A 969 26.28 16.39 18.69
N ASN A 970 25.06 15.96 19.00
CA ASN A 970 23.83 16.39 18.27
C ASN A 970 23.72 15.74 16.89
N ARG A 971 24.63 14.84 16.54
CA ARG A 971 24.71 14.30 15.17
C ARG A 971 24.83 12.78 15.25
N ILE A 972 24.08 12.09 14.41
CA ILE A 972 24.18 10.63 14.30
C ILE A 972 24.83 10.29 12.98
N ILE A 973 25.86 9.43 12.99
CA ILE A 973 26.78 9.29 11.83
C ILE A 973 26.89 7.83 11.43
N TRP A 974 27.32 7.58 10.21
CA TRP A 974 27.50 6.23 9.66
C TRP A 974 28.73 6.21 8.74
N THR A 975 29.83 5.64 9.18
CA THR A 975 31.13 5.69 8.48
C THR A 975 31.44 4.34 7.86
N LEU A 976 32.37 4.32 6.94
CA LEU A 976 32.65 3.11 6.11
C LEU A 976 34.10 3.17 5.64
N ILE A 977 34.90 2.22 6.10
CA ILE A 977 36.38 2.22 5.87
C ILE A 977 36.73 1.00 5.06
N ASP A 978 37.45 1.19 3.97
CA ASP A 978 37.85 0.08 3.06
C ASP A 978 39.24 -0.43 3.45
N ILE A 979 39.68 -1.47 2.75
CA ILE A 979 40.96 -2.17 3.07
C ILE A 979 42.15 -1.22 2.94
N ASN A 980 42.05 -0.19 2.09
CA ASN A 980 43.18 0.73 1.83
C ASN A 980 43.14 1.96 2.73
N GLY A 981 42.22 2.02 3.69
CA GLY A 981 42.16 3.11 4.68
C GLY A 981 41.29 4.27 4.25
N LYS A 982 40.76 4.28 3.03
CA LYS A 982 39.88 5.37 2.57
C LYS A 982 38.61 5.38 3.44
N THR A 983 38.09 6.57 3.70
CA THR A 983 36.92 6.77 4.59
C THR A 983 35.83 7.52 3.84
N LYS A 984 34.59 7.18 4.15
CA LYS A 984 33.39 7.95 3.74
C LYS A 984 32.54 8.19 4.99
N SER A 985 31.44 8.89 4.83
CA SER A 985 30.51 9.13 5.95
C SER A 985 29.22 9.76 5.45
N VAL A 986 28.17 9.58 6.21
CA VAL A 986 26.83 10.19 5.98
C VAL A 986 26.15 10.33 7.33
N PHE A 987 25.42 11.39 7.56
CA PHE A 987 24.87 11.64 8.90
C PHE A 987 23.56 12.41 8.86
N PHE A 988 22.86 12.41 9.99
CA PHE A 988 21.59 13.16 10.17
C PHE A 988 21.75 14.06 11.35
N GLU A 989 21.22 15.27 11.25
CA GLU A 989 21.42 16.32 12.27
C GLU A 989 20.05 16.92 12.58
N TYR A 990 19.71 16.98 13.86
CA TYR A 990 18.40 17.49 14.29
C TYR A 990 18.58 18.80 15.03
N ASN A 991 17.62 19.70 14.81
CA ASN A 991 17.69 21.07 15.35
C ASN A 991 17.71 21.01 16.88
N ILE A 992 18.44 21.92 17.49
CA ILE A 992 18.51 22.03 18.98
C ILE A 992 18.17 23.45 19.38
N ARG A 993 17.34 24.12 18.58
CA ARG A 993 16.86 25.48 18.92
C ARG A 993 15.33 25.57 18.93
N GLU A 994 14.62 24.52 18.51
CA GLU A 994 13.14 24.54 18.47
C GLU A 994 12.60 24.65 19.89
N ASP A 995 11.49 25.35 20.04
CA ASP A 995 10.77 25.45 21.33
C ASP A 995 10.37 24.06 21.80
N ILE A 996 9.79 23.27 20.89
CA ILE A 996 9.43 21.86 21.20
C ILE A 996 10.03 21.00 20.11
N SER A 997 10.93 20.11 20.46
CA SER A 997 11.68 19.29 19.48
C SER A 997 10.96 17.95 19.24
N GLU A 998 11.02 17.47 18.03
CA GLU A 998 10.40 16.18 17.63
C GLU A 998 11.41 15.05 17.78
N TYR A 999 12.59 15.29 18.34
CA TYR A 999 13.64 14.25 18.42
C TYR A 999 14.42 14.24 19.72
N ILE A 1000 14.42 15.27 20.55
CA ILE A 1000 15.53 15.45 21.52
C ILE A 1000 15.60 14.31 22.54
N ASN A 1001 14.51 13.84 23.16
CA ASN A 1001 14.61 12.66 24.08
C ASN A 1001 13.48 11.69 23.73
N ARG A 1002 13.22 11.48 22.47
CA ARG A 1002 11.97 10.83 22.05
C ARG A 1002 12.37 9.69 21.14
N TRP A 1003 11.54 8.68 21.04
CA TRP A 1003 11.87 7.51 20.22
C TRP A 1003 11.71 7.90 18.77
N PHE A 1004 12.63 7.53 17.91
CA PHE A 1004 12.47 7.74 16.46
C PHE A 1004 13.10 6.62 15.69
N PHE A 1005 12.74 6.52 14.45
CA PHE A 1005 13.05 5.32 13.63
C PHE A 1005 14.20 5.67 12.65
N VAL A 1006 15.21 4.81 12.57
CA VAL A 1006 16.39 5.04 11.69
C VAL A 1006 16.55 3.90 10.71
N THR A 1007 17.04 4.21 9.52
CA THR A 1007 17.33 3.17 8.51
C THR A 1007 18.43 3.62 7.55
N ILE A 1008 19.46 2.80 7.41
CA ILE A 1008 20.64 3.11 6.57
C ILE A 1008 20.71 2.12 5.44
N THR A 1009 21.19 2.58 4.29
CA THR A 1009 21.15 1.76 3.07
C THR A 1009 22.36 2.03 2.18
N ASN A 1010 22.98 0.97 1.70
CA ASN A 1010 24.23 1.06 0.90
C ASN A 1010 24.08 0.20 -0.35
N ASN A 1011 24.42 0.76 -1.51
CA ASN A 1011 24.64 0.00 -2.75
C ASN A 1011 26.04 0.34 -3.28
N LEU A 1012 26.35 -0.06 -4.50
CA LEU A 1012 27.68 0.22 -5.10
C LEU A 1012 27.82 1.71 -5.46
N ASN A 1013 26.76 2.49 -5.41
CA ASN A 1013 26.79 3.90 -5.89
C ASN A 1013 26.62 4.89 -4.74
N ASN A 1014 25.66 4.68 -3.85
CA ASN A 1014 25.32 5.69 -2.84
C ASN A 1014 25.04 5.05 -1.48
N ALA A 1015 25.17 5.87 -0.44
CA ALA A 1015 24.73 5.57 0.92
C ALA A 1015 23.65 6.58 1.33
N LYS A 1016 22.62 6.11 2.00
CA LYS A 1016 21.46 6.95 2.36
C LYS A 1016 21.06 6.72 3.80
N ILE A 1017 20.40 7.70 4.38
CA ILE A 1017 19.88 7.58 5.76
C ILE A 1017 18.46 8.11 5.78
N TYR A 1018 17.54 7.30 6.32
CA TYR A 1018 16.11 7.69 6.45
C TYR A 1018 15.74 7.91 7.92
N ILE A 1019 14.91 8.91 8.20
CA ILE A 1019 14.41 9.15 9.55
C ILE A 1019 12.90 9.14 9.55
N ASN A 1020 12.29 8.17 10.22
CA ASN A 1020 10.80 7.95 10.24
C ASN A 1020 10.26 7.78 8.81
N GLY A 1021 11.04 7.22 7.91
CA GLY A 1021 10.56 6.90 6.56
C GLY A 1021 10.86 7.98 5.54
N LYS A 1022 11.59 9.02 5.90
CA LYS A 1022 11.86 10.16 4.96
C LYS A 1022 13.35 10.27 4.70
N LEU A 1023 13.75 10.29 3.44
CA LEU A 1023 15.18 10.43 3.07
C LEU A 1023 15.73 11.71 3.62
N GLU A 1024 16.90 11.65 4.25
CA GLU A 1024 17.47 12.84 4.95
C GLU A 1024 18.82 13.25 4.38
N SER A 1025 19.65 12.31 3.93
CA SER A 1025 21.00 12.65 3.46
C SER A 1025 21.47 11.61 2.47
N ASN A 1026 22.52 11.96 1.75
CA ASN A 1026 23.07 11.07 0.71
C ASN A 1026 24.54 11.41 0.51
N THR A 1027 25.33 10.41 0.16
CA THR A 1027 26.76 10.62 -0.16
C THR A 1027 27.20 9.64 -1.21
N ASP A 1028 28.19 10.05 -2.00
CA ASP A 1028 28.71 9.24 -3.12
C ASP A 1028 29.88 8.39 -2.63
N ILE A 1029 29.86 7.11 -2.96
CA ILE A 1029 30.88 6.15 -2.47
C ILE A 1029 31.45 5.37 -3.65
N LYS A 1030 31.47 5.94 -4.85
CA LYS A 1030 31.95 5.20 -6.05
C LYS A 1030 33.40 4.76 -5.92
N ASP A 1031 34.22 5.50 -5.17
CA ASP A 1031 35.67 5.26 -5.10
C ASP A 1031 35.97 4.04 -4.25
N ILE A 1032 35.21 3.81 -3.17
CA ILE A 1032 35.50 2.74 -2.19
C ILE A 1032 35.88 1.47 -2.95
N ARG A 1033 37.01 0.88 -2.59
CA ARG A 1033 37.53 -0.32 -3.30
C ARG A 1033 36.84 -1.57 -2.78
N GLU A 1034 36.99 -1.87 -1.49
CA GLU A 1034 36.55 -3.16 -0.93
C GLU A 1034 36.50 -3.07 0.58
N VAL A 1035 35.41 -3.57 1.15
CA VAL A 1035 35.19 -3.59 2.62
C VAL A 1035 35.16 -5.05 3.03
N ILE A 1036 35.98 -5.41 4.01
CA ILE A 1036 36.23 -6.84 4.33
C ILE A 1036 35.85 -7.12 5.79
N ALA A 1037 34.93 -6.36 6.36
CA ALA A 1037 34.43 -6.62 7.73
C ALA A 1037 33.75 -7.99 7.79
N ASN A 1038 33.81 -8.62 8.95
CA ASN A 1038 33.14 -9.92 9.19
C ASN A 1038 33.25 -10.30 10.66
N GLY A 1039 32.49 -11.31 11.03
CA GLY A 1039 32.66 -12.04 12.29
C GLY A 1039 31.83 -11.48 13.44
N GLU A 1040 32.18 -10.31 13.97
CA GLU A 1040 31.72 -9.90 15.31
C GLU A 1040 31.10 -8.50 15.25
N ILE A 1041 30.13 -8.27 16.12
CA ILE A 1041 29.46 -6.96 16.30
C ILE A 1041 29.44 -6.64 17.77
N ILE A 1042 29.72 -5.40 18.12
CA ILE A 1042 29.85 -4.98 19.53
C ILE A 1042 28.94 -3.79 19.76
N PHE A 1043 28.09 -3.88 20.77
CA PHE A 1043 27.28 -2.77 21.26
C PHE A 1043 27.94 -2.27 22.52
N LYS A 1044 28.46 -1.06 22.49
CA LYS A 1044 29.17 -0.49 23.67
C LYS A 1044 29.49 0.97 23.41
N LEU A 1045 29.30 1.79 24.42
CA LEU A 1045 29.75 3.21 24.37
C LEU A 1045 31.27 3.24 24.45
N ASP A 1046 31.91 3.74 23.39
CA ASP A 1046 33.39 3.76 23.31
C ASP A 1046 33.82 5.17 22.92
N GLY A 1047 34.53 5.85 23.81
CA GLY A 1047 35.04 7.19 23.55
C GLY A 1047 35.05 8.05 24.80
N ASP A 1048 35.44 9.30 24.65
CA ASP A 1048 35.46 10.28 25.77
C ASP A 1048 34.02 10.63 26.11
N ILE A 1049 33.50 10.01 27.17
CA ILE A 1049 32.09 10.20 27.58
C ILE A 1049 32.05 10.48 29.08
N ASP A 1050 30.99 11.13 29.51
CA ASP A 1050 30.71 11.33 30.95
C ASP A 1050 30.25 10.00 31.55
N ARG A 1051 30.32 9.90 32.87
CA ARG A 1051 29.82 8.71 33.59
C ARG A 1051 28.30 8.56 33.41
N THR A 1052 27.58 9.64 33.14
CA THR A 1052 26.10 9.63 33.10
C THR A 1052 25.56 9.48 31.67
N GLN A 1053 26.34 8.91 30.76
CA GLN A 1053 25.87 8.72 29.36
C GLN A 1053 25.14 7.37 29.25
N PHE A 1054 24.05 7.36 28.52
CA PHE A 1054 23.36 6.10 28.18
C PHE A 1054 22.57 6.27 26.91
N ILE A 1055 22.11 5.13 26.39
CA ILE A 1055 21.33 5.06 25.14
C ILE A 1055 20.29 3.95 25.29
N TRP A 1056 19.10 4.19 24.78
CA TRP A 1056 18.07 3.15 24.62
C TRP A 1056 18.02 2.72 23.18
N MET A 1057 17.73 1.46 22.96
CA MET A 1057 17.61 0.90 21.60
C MET A 1057 16.50 -0.14 21.59
N LYS A 1058 16.07 -0.50 20.41
CA LYS A 1058 14.90 -1.38 20.25
C LYS A 1058 14.83 -1.81 18.79
N TYR A 1059 14.49 -3.04 18.59
CA TYR A 1059 14.26 -3.60 17.24
C TYR A 1059 15.45 -3.33 16.32
N PHE A 1060 16.62 -3.83 16.66
CA PHE A 1060 17.80 -3.84 15.78
C PHE A 1060 17.71 -5.01 14.79
N SER A 1061 18.05 -4.74 13.54
CA SER A 1061 18.05 -5.76 12.47
C SER A 1061 18.99 -5.39 11.32
N ILE A 1062 19.34 -6.38 10.53
CA ILE A 1062 20.27 -6.26 9.36
C ILE A 1062 19.68 -7.02 8.18
N PHE A 1063 19.62 -6.35 7.04
CA PHE A 1063 19.13 -6.93 5.78
C PHE A 1063 20.30 -7.05 4.80
N ASN A 1064 20.31 -8.10 4.02
CA ASN A 1064 21.40 -8.34 3.05
C ASN A 1064 20.99 -7.84 1.65
N THR A 1065 20.16 -6.83 1.57
CA THR A 1065 19.74 -6.26 0.28
C THR A 1065 19.45 -4.79 0.51
N GLU A 1066 19.62 -4.00 -0.53
CA GLU A 1066 19.21 -2.57 -0.49
C GLU A 1066 17.69 -2.50 -0.37
N LEU A 1067 17.18 -1.64 0.50
CA LEU A 1067 15.72 -1.51 0.72
C LEU A 1067 15.16 -0.32 -0.05
N SER A 1068 13.91 -0.44 -0.48
CA SER A 1068 13.20 0.64 -1.21
C SER A 1068 12.54 1.62 -0.24
N GLN A 1069 12.19 2.79 -0.75
CA GLN A 1069 11.50 3.83 0.05
C GLN A 1069 10.17 3.28 0.54
N SER A 1070 9.42 2.57 -0.29
CA SER A 1070 8.06 2.07 0.10
C SER A 1070 8.16 1.11 1.30
N ASN A 1071 9.11 0.17 1.24
CA ASN A 1071 9.28 -0.83 2.32
C ASN A 1071 9.61 -0.11 3.64
N ILE A 1072 10.51 0.84 3.60
CA ILE A 1072 10.95 1.55 4.82
C ILE A 1072 9.72 2.24 5.40
N GLU A 1073 8.95 2.94 4.56
CA GLU A 1073 7.77 3.70 5.05
C GLU A 1073 6.74 2.72 5.65
N GLU A 1074 6.52 1.58 5.01
CA GLU A 1074 5.56 0.59 5.53
C GLU A 1074 6.05 -0.01 6.85
N ARG A 1075 7.32 -0.38 6.92
CA ARG A 1075 7.90 -0.96 8.15
C ARG A 1075 7.73 0.03 9.31
N TYR A 1076 7.72 1.31 9.02
CA TYR A 1076 7.55 2.35 10.05
C TYR A 1076 6.20 2.18 10.72
N LYS A 1077 5.17 1.89 9.95
CA LYS A 1077 3.80 1.81 10.49
C LYS A 1077 3.60 0.52 11.30
N ILE A 1078 4.06 -0.60 10.78
CA ILE A 1078 3.87 -1.90 11.48
C ILE A 1078 4.52 -1.86 12.85
N GLN A 1079 5.74 -1.34 12.97
CA GLN A 1079 6.44 -1.34 14.27
C GLN A 1079 5.91 -0.22 15.15
N SER A 1080 5.22 0.75 14.59
CA SER A 1080 4.63 1.85 15.39
C SER A 1080 3.30 1.40 16.00
N TYR A 1081 2.69 0.35 15.44
CA TYR A 1081 1.32 -0.07 15.85
C TYR A 1081 1.34 -0.63 17.27
N SER A 1082 0.30 -0.32 18.01
CA SER A 1082 0.08 -0.86 19.38
C SER A 1082 -1.37 -0.61 19.77
N GLU A 1083 -1.95 -1.52 20.53
CA GLU A 1083 -3.33 -1.39 21.03
C GLU A 1083 -3.41 -0.42 22.20
N TYR A 1084 -2.29 -0.08 22.83
CA TYR A 1084 -2.30 0.88 23.97
C TYR A 1084 -1.89 2.26 23.49
N LEU A 1085 -2.11 3.26 24.33
CA LEU A 1085 -1.72 4.65 24.05
C LEU A 1085 -0.28 4.88 24.53
N LYS A 1086 0.33 5.96 24.01
CA LYS A 1086 1.72 6.32 24.36
C LYS A 1086 1.77 7.71 24.95
N ASP A 1087 2.81 7.99 25.72
CA ASP A 1087 3.02 9.34 26.32
C ASP A 1087 3.90 10.20 25.39
N PHE A 1088 4.32 11.35 25.90
CA PHE A 1088 5.10 12.34 25.13
C PHE A 1088 6.42 11.74 24.62
N TRP A 1089 7.09 10.92 25.43
CA TRP A 1089 8.39 10.35 25.03
C TRP A 1089 8.18 9.20 24.04
N GLY A 1090 7.00 8.62 24.00
CA GLY A 1090 6.79 7.41 23.20
C GLY A 1090 6.60 6.18 24.03
N ASN A 1091 6.74 6.26 25.36
CA ASN A 1091 6.54 5.08 26.24
C ASN A 1091 5.05 4.83 26.45
N PRO A 1092 4.63 3.60 26.82
CA PRO A 1092 3.22 3.30 27.14
C PRO A 1092 2.62 4.16 28.26
N LEU A 1093 1.39 4.57 28.08
CA LEU A 1093 0.65 5.38 29.08
C LEU A 1093 0.14 4.47 30.21
N MET A 1094 0.13 5.00 31.42
CA MET A 1094 -0.12 4.17 32.62
C MET A 1094 -1.13 4.84 33.55
N TYR A 1095 -1.86 4.00 34.29
CA TYR A 1095 -2.75 4.46 35.37
C TYR A 1095 -1.93 4.82 36.59
N ASN A 1096 -2.52 5.63 37.45
CA ASN A 1096 -1.95 5.97 38.79
C ASN A 1096 -0.53 6.56 38.68
N LYS A 1097 -0.25 7.35 37.66
CA LYS A 1097 1.09 7.97 37.45
C LYS A 1097 0.91 9.45 37.13
N GLU A 1098 1.64 10.30 37.83
CA GLU A 1098 1.49 11.78 37.66
C GLU A 1098 1.97 12.19 36.27
N TYR A 1099 1.26 13.11 35.66
CA TYR A 1099 1.54 13.56 34.27
C TYR A 1099 1.42 15.07 34.18
N TYR A 1100 2.06 15.63 33.16
CA TYR A 1100 1.92 17.05 32.78
C TYR A 1100 1.22 17.11 31.43
N MET A 1101 0.39 18.13 31.25
CA MET A 1101 -0.45 18.24 30.04
C MET A 1101 0.23 19.12 29.01
N PHE A 1102 -0.05 18.85 27.75
CA PHE A 1102 0.60 19.55 26.63
C PHE A 1102 -0.34 19.48 25.42
N ASN A 1103 -0.80 20.64 24.95
CA ASN A 1103 -1.76 20.72 23.84
C ASN A 1103 -1.01 20.90 22.53
N ALA A 1104 -1.32 20.06 21.55
CA ALA A 1104 -0.62 20.08 20.24
C ALA A 1104 -0.88 21.41 19.52
N GLY A 1105 -2.10 21.92 19.58
CA GLY A 1105 -2.49 23.14 18.85
C GLY A 1105 -2.04 24.41 19.55
N ASN A 1106 -1.59 24.35 20.80
CA ASN A 1106 -1.20 25.57 21.55
C ASN A 1106 0.12 25.30 22.27
N LYS A 1107 1.11 24.80 21.52
CA LYS A 1107 2.35 24.26 22.12
C LYS A 1107 2.98 25.21 23.13
N ASN A 1108 2.66 26.49 23.11
CA ASN A 1108 3.34 27.49 23.98
C ASN A 1108 2.51 27.82 25.22
N SER A 1109 1.44 27.08 25.49
CA SER A 1109 0.52 27.42 26.62
C SER A 1109 0.24 26.17 27.44
N TYR A 1110 -0.03 26.37 28.73
CA TYR A 1110 -0.31 25.26 29.67
C TYR A 1110 -1.48 25.65 30.56
N ILE A 1111 -1.82 24.77 31.50
CA ILE A 1111 -3.07 24.88 32.31
C ILE A 1111 -2.70 25.17 33.76
N LYS A 1112 -3.57 25.88 34.44
CA LYS A 1112 -3.44 26.16 35.89
C LYS A 1112 -4.82 26.29 36.50
N LEU A 1113 -4.88 26.11 37.81
CA LEU A 1113 -6.14 26.24 38.57
C LEU A 1113 -6.25 27.69 39.05
N LYS A 1114 -7.42 28.28 38.82
CA LYS A 1114 -7.68 29.68 39.25
C LYS A 1114 -7.63 29.76 40.78
N LYS A 1115 -7.25 30.93 41.27
CA LYS A 1115 -7.03 31.17 42.71
C LYS A 1115 -8.36 31.35 43.46
N ASP A 1116 -9.46 31.64 42.79
CA ASP A 1116 -10.74 31.94 43.47
C ASP A 1116 -11.94 31.27 42.81
N SER A 1117 -11.78 30.59 41.69
CA SER A 1117 -12.92 30.02 40.92
C SER A 1117 -12.60 28.59 40.52
N PRO A 1118 -13.63 27.76 40.23
CA PRO A 1118 -13.42 26.39 39.82
C PRO A 1118 -13.24 26.27 38.29
N VAL A 1119 -12.37 27.09 37.74
CA VAL A 1119 -12.10 27.11 36.28
C VAL A 1119 -10.59 27.24 36.07
N GLY A 1120 -10.06 26.42 35.19
CA GLY A 1120 -8.64 26.45 34.79
C GLY A 1120 -8.38 27.63 33.88
N GLU A 1121 -7.23 28.29 34.05
CA GLU A 1121 -6.82 29.39 33.16
C GLU A 1121 -5.59 28.96 32.36
N ILE A 1122 -5.49 29.48 31.15
CA ILE A 1122 -4.38 29.15 30.23
C ILE A 1122 -3.32 30.26 30.34
N LEU A 1123 -2.07 29.86 30.57
CA LEU A 1123 -0.93 30.81 30.66
C LEU A 1123 0.06 30.52 29.53
N THR A 1124 1.20 31.21 29.54
CA THR A 1124 2.22 31.07 28.49
C THR A 1124 3.42 30.30 29.02
N ARG A 1125 3.90 29.34 28.24
CA ARG A 1125 5.09 28.53 28.62
C ARG A 1125 6.30 29.45 28.77
N SER A 1126 7.05 29.27 29.85
CA SER A 1126 8.31 30.01 30.06
C SER A 1126 9.37 29.50 29.09
N LYS A 1127 10.42 30.28 28.89
CA LYS A 1127 11.52 29.88 28.00
C LYS A 1127 12.85 29.98 28.74
N TYR A 1128 13.87 29.35 28.17
CA TYR A 1128 15.22 29.30 28.76
C TYR A 1128 15.70 30.73 29.04
N ASN A 1129 16.13 30.98 30.26
CA ASN A 1129 16.70 32.28 30.67
C ASN A 1129 18.22 32.19 30.73
N GLN A 1130 18.88 33.32 30.98
CA GLN A 1130 20.37 33.43 30.97
C GLN A 1130 20.89 32.62 29.78
N ASN A 1131 20.26 32.81 28.62
CA ASN A 1131 20.45 31.90 27.46
C ASN A 1131 21.89 31.98 26.97
N SER A 1132 22.52 30.82 26.77
CA SER A 1132 23.70 30.68 25.89
C SER A 1132 23.20 30.75 24.45
N LYS A 1133 23.81 31.61 23.62
CA LYS A 1133 23.20 32.00 22.31
C LYS A 1133 22.93 30.76 21.44
N TYR A 1134 23.66 29.68 21.63
CA TYR A 1134 23.59 28.47 20.78
C TYR A 1134 22.40 27.59 21.17
N ILE A 1135 21.79 27.81 22.33
CA ILE A 1135 20.74 26.89 22.87
C ILE A 1135 19.48 27.69 23.13
N ASN A 1136 18.33 27.06 22.91
CA ASN A 1136 17.01 27.66 23.18
C ASN A 1136 15.95 26.56 23.26
N TYR A 1137 15.11 26.61 24.28
CA TYR A 1137 13.98 25.67 24.45
C TYR A 1137 12.97 26.28 25.43
N ARG A 1138 11.86 25.58 25.61
CA ARG A 1138 10.76 25.98 26.52
C ARG A 1138 10.46 24.87 27.51
N ASP A 1139 10.11 25.26 28.73
CA ASP A 1139 9.96 24.31 29.85
C ASP A 1139 8.86 23.29 29.55
N LEU A 1140 8.91 22.15 30.21
CA LEU A 1140 7.85 21.13 30.10
C LEU A 1140 7.30 20.74 31.47
N TYR A 1141 8.11 20.70 32.52
CA TYR A 1141 7.64 20.32 33.87
C TYR A 1141 7.02 21.52 34.55
N ILE A 1142 5.87 21.96 34.05
CA ILE A 1142 5.22 23.18 34.59
C ILE A 1142 3.71 23.02 34.50
N GLY A 1143 3.02 23.51 35.53
CA GLY A 1143 1.55 23.57 35.62
C GLY A 1143 0.98 22.48 36.50
N GLU A 1144 -0.28 22.13 36.29
CA GLU A 1144 -0.98 21.13 37.13
C GLU A 1144 -0.51 19.72 36.78
N LYS A 1145 -0.42 18.88 37.79
CA LYS A 1145 -0.10 17.45 37.60
C LYS A 1145 -1.40 16.67 37.57
N PHE A 1146 -1.65 15.96 36.49
CA PHE A 1146 -2.86 15.14 36.34
C PHE A 1146 -2.55 13.68 36.68
N ILE A 1147 -3.59 12.86 36.67
CA ILE A 1147 -3.49 11.42 36.98
C ILE A 1147 -4.73 10.70 36.48
N ILE A 1148 -4.54 9.57 35.85
CA ILE A 1148 -5.66 8.82 35.23
C ILE A 1148 -6.02 7.69 36.19
N ARG A 1149 -7.31 7.53 36.45
CA ARG A 1149 -7.84 6.53 37.42
C ARG A 1149 -8.86 5.65 36.73
N ARG A 1150 -8.83 4.37 37.06
CA ARG A 1150 -9.83 3.40 36.57
C ARG A 1150 -11.20 3.76 37.14
N LYS A 1151 -12.23 3.59 36.35
CA LYS A 1151 -13.62 3.89 36.79
C LYS A 1151 -14.25 2.65 37.42
N SER A 1152 -13.99 1.47 36.89
CA SER A 1152 -14.65 0.20 37.31
C SER A 1152 -13.80 -0.53 38.36
N ASN A 1153 -12.55 -0.84 38.02
CA ASN A 1153 -11.61 -1.66 38.85
C ASN A 1153 -11.92 -3.14 38.70
N SER A 1154 -12.82 -3.53 37.78
CA SER A 1154 -13.14 -4.96 37.54
C SER A 1154 -11.89 -5.75 37.16
N GLN A 1155 -11.11 -5.22 36.22
CA GLN A 1155 -9.92 -5.91 35.65
C GLN A 1155 -8.86 -6.13 36.73
N ASP A 1159 -2.35 -5.01 35.83
CA ASP A 1159 -1.71 -4.21 34.77
C ASP A 1159 -2.21 -2.75 34.81
N ASP A 1160 -1.36 -1.82 34.41
CA ASP A 1160 -1.69 -0.37 34.47
C ASP A 1160 -1.72 0.26 33.08
N ILE A 1161 -1.48 -0.48 32.03
CA ILE A 1161 -1.43 0.11 30.67
C ILE A 1161 -2.82 0.60 30.32
N VAL A 1162 -2.92 1.79 29.77
CA VAL A 1162 -4.22 2.34 29.29
C VAL A 1162 -4.40 1.96 27.84
N ARG A 1163 -5.52 1.35 27.53
CA ARG A 1163 -5.85 0.92 26.15
C ARG A 1163 -6.90 1.85 25.55
N LYS A 1164 -6.97 1.86 24.23
CA LYS A 1164 -7.91 2.77 23.53
C LYS A 1164 -9.34 2.40 23.88
N GLU A 1165 -10.20 3.40 23.96
CA GLU A 1165 -11.65 3.24 24.27
C GLU A 1165 -11.85 2.84 25.74
N ASP A 1166 -10.99 3.27 26.65
CA ASP A 1166 -11.20 2.99 28.10
C ASP A 1166 -12.02 4.09 28.75
N TYR A 1167 -12.87 3.75 29.69
CA TYR A 1167 -13.57 4.76 30.52
C TYR A 1167 -12.71 5.09 31.72
N ILE A 1168 -12.58 6.38 32.05
CA ILE A 1168 -11.64 6.84 33.10
C ILE A 1168 -12.21 8.01 33.88
N TYR A 1169 -11.52 8.36 34.96
CA TYR A 1169 -11.58 9.69 35.61
C TYR A 1169 -10.29 10.44 35.28
N LEU A 1170 -10.39 11.74 35.13
CA LEU A 1170 -9.22 12.62 34.97
C LEU A 1170 -9.09 13.44 36.24
N ASP A 1171 -8.25 12.97 37.16
CA ASP A 1171 -8.00 13.67 38.45
C ASP A 1171 -6.72 14.48 38.39
N PHE A 1172 -6.54 15.33 39.39
CA PHE A 1172 -5.31 16.12 39.55
C PHE A 1172 -5.20 16.59 40.98
N PHE A 1173 -3.99 16.93 41.40
CA PHE A 1173 -3.68 17.22 42.82
C PHE A 1173 -3.80 18.71 43.06
N ASN A 1174 -4.64 19.08 44.03
CA ASN A 1174 -4.76 20.48 44.50
C ASN A 1174 -4.32 20.50 45.96
N LEU A 1175 -3.19 21.16 46.24
CA LEU A 1175 -2.55 21.10 47.58
C LEU A 1175 -2.34 19.62 47.94
N ASN A 1176 -3.00 19.12 48.97
CA ASN A 1176 -2.81 17.73 49.46
C ASN A 1176 -4.09 16.93 49.27
N GLN A 1177 -4.87 17.25 48.23
CA GLN A 1177 -6.15 16.53 47.97
C GLN A 1177 -6.22 16.19 46.47
N GLU A 1178 -7.17 15.35 46.12
CA GLU A 1178 -7.41 14.95 44.72
C GLU A 1178 -8.76 15.49 44.26
N TRP A 1179 -8.76 16.18 43.13
CA TRP A 1179 -9.96 16.78 42.52
C TRP A 1179 -10.32 16.01 41.25
N ARG A 1180 -11.35 16.46 40.57
CA ARG A 1180 -11.84 15.80 39.35
C ARG A 1180 -12.40 16.85 38.42
N VAL A 1181 -12.50 16.49 37.14
CA VAL A 1181 -12.95 17.42 36.08
C VAL A 1181 -14.38 17.06 35.73
N TYR A 1182 -15.28 18.03 35.86
CA TYR A 1182 -16.73 17.82 35.62
C TYR A 1182 -17.20 18.68 34.46
N THR A 1183 -18.47 18.53 34.09
CA THR A 1183 -19.14 19.34 33.06
C THR A 1183 -20.62 19.43 33.38
N TYR A 1184 -21.21 20.58 33.10
CA TYR A 1184 -22.67 20.79 33.31
C TYR A 1184 -23.44 19.89 32.34
N LYS A 1185 -24.49 19.27 32.83
CA LYS A 1185 -25.27 18.29 32.03
C LYS A 1185 -25.90 18.99 30.84
N TYR A 1186 -26.27 20.25 31.00
CA TYR A 1186 -26.97 21.03 29.95
C TYR A 1186 -26.45 22.45 29.81
N PHE A 1187 -26.10 22.83 28.59
CA PHE A 1187 -25.76 24.24 28.23
C PHE A 1187 -26.34 24.56 26.85
N LYS A 1188 -26.60 25.85 26.64
CA LYS A 1188 -27.33 26.35 25.46
C LYS A 1188 -26.33 26.91 24.45
N LYS A 1189 -25.14 26.33 24.35
CA LYS A 1189 -24.10 26.82 23.41
C LYS A 1189 -23.23 25.65 22.97
N GLU A 1190 -22.48 25.84 21.90
CA GLU A 1190 -21.57 24.78 21.40
C GLU A 1190 -20.39 24.61 22.37
N GLU A 1191 -19.92 25.70 22.98
CA GLU A 1191 -18.74 25.63 23.88
C GLU A 1191 -19.15 26.06 25.29
N GLU A 1192 -18.48 25.50 26.28
CA GLU A 1192 -18.69 25.89 27.69
C GLU A 1192 -17.47 25.47 28.51
N LYS A 1193 -17.14 26.27 29.51
CA LYS A 1193 -16.01 25.99 30.41
C LYS A 1193 -16.28 24.73 31.24
N LEU A 1194 -15.21 24.08 31.64
CA LEU A 1194 -15.32 22.84 32.45
C LEU A 1194 -15.31 23.21 33.93
N PHE A 1195 -15.91 22.33 34.72
CA PHE A 1195 -16.10 22.54 36.16
C PHE A 1195 -15.08 21.70 36.92
N LEU A 1196 -14.34 22.34 37.82
CA LEU A 1196 -13.32 21.65 38.67
C LEU A 1196 -13.75 21.74 40.12
N ALA A 1197 -13.89 20.59 40.78
CA ALA A 1197 -14.36 20.54 42.18
C ALA A 1197 -13.89 19.22 42.79
N PRO A 1198 -13.86 19.12 44.13
CA PRO A 1198 -13.38 17.91 44.77
C PRO A 1198 -14.20 16.68 44.38
N ILE A 1199 -13.72 15.53 44.83
CA ILE A 1199 -14.40 14.23 44.56
C ILE A 1199 -15.77 14.28 45.22
N SER A 1200 -16.78 13.86 44.47
CA SER A 1200 -18.19 13.76 44.94
C SER A 1200 -19.02 13.13 43.83
N ASP A 1201 -20.27 12.82 44.15
CA ASP A 1201 -21.25 12.29 43.18
C ASP A 1201 -22.54 13.06 43.33
N SER A 1202 -23.13 13.45 42.20
CA SER A 1202 -24.39 14.23 42.16
C SER A 1202 -25.06 14.08 40.80
N ASP A 1203 -26.23 14.68 40.67
CA ASP A 1203 -27.02 14.64 39.42
C ASP A 1203 -26.87 15.94 38.63
N GLU A 1204 -25.87 16.75 38.95
CA GLU A 1204 -25.68 18.07 38.28
C GLU A 1204 -24.63 18.02 37.17
N PHE A 1205 -23.73 17.04 37.15
CA PHE A 1205 -22.60 17.03 36.19
C PHE A 1205 -22.38 15.62 35.67
N TYR A 1206 -21.61 15.53 34.61
CA TYR A 1206 -21.08 14.25 34.07
C TYR A 1206 -19.60 14.15 34.42
N ASN A 1207 -19.17 12.97 34.87
CA ASN A 1207 -17.76 12.75 35.27
C ASN A 1207 -17.23 11.48 34.59
N THR A 1208 -17.74 11.14 33.42
CA THR A 1208 -17.29 9.94 32.69
C THR A 1208 -16.62 10.38 31.40
N ILE A 1209 -15.41 9.89 31.18
CA ILE A 1209 -14.63 10.21 29.96
C ILE A 1209 -14.28 8.91 29.25
N GLN A 1210 -14.16 8.97 27.95
CA GLN A 1210 -13.60 7.87 27.16
C GLN A 1210 -12.40 8.41 26.36
N ILE A 1211 -11.27 7.72 26.48
CA ILE A 1211 -10.01 8.16 25.83
C ILE A 1211 -9.96 7.52 24.44
N LYS A 1212 -9.78 8.34 23.43
CA LYS A 1212 -9.92 7.92 22.02
C LYS A 1212 -8.64 8.20 21.24
N GLU A 1213 -8.52 7.55 20.09
CA GLU A 1213 -7.43 7.81 19.13
C GLU A 1213 -8.01 7.83 17.72
N TYR A 1214 -8.36 9.02 17.24
CA TYR A 1214 -9.02 9.19 15.93
C TYR A 1214 -8.02 9.05 14.77
N ASP A 1215 -6.80 9.51 14.96
CA ASP A 1215 -5.78 9.46 13.88
C ASP A 1215 -5.48 8.01 13.51
N GLU A 1216 -5.15 7.77 12.25
CA GLU A 1216 -4.78 6.42 11.76
C GLU A 1216 -3.28 6.35 11.44
N GLN A 1217 -2.60 7.48 11.30
CA GLN A 1217 -1.14 7.50 11.11
C GLN A 1217 -0.46 7.52 12.48
N PRO A 1218 0.82 7.10 12.56
CA PRO A 1218 1.49 7.03 13.85
C PRO A 1218 1.55 8.38 14.56
N THR A 1219 1.29 8.40 15.86
CA THR A 1219 1.35 9.65 16.64
C THR A 1219 1.40 9.37 18.14
N TYR A 1220 1.69 10.38 18.92
CA TYR A 1220 1.72 10.30 20.40
C TYR A 1220 0.65 11.20 21.02
N SER A 1221 -0.39 11.54 20.27
CA SER A 1221 -1.46 12.43 20.75
C SER A 1221 -2.73 11.61 20.97
N CYS A 1222 -3.53 12.00 21.95
CA CYS A 1222 -4.85 11.38 22.20
C CYS A 1222 -5.90 12.47 22.45
N GLN A 1223 -7.15 12.09 22.26
CA GLN A 1223 -8.33 12.98 22.44
C GLN A 1223 -9.21 12.44 23.56
N LEU A 1224 -9.89 13.34 24.24
CA LEU A 1224 -10.68 13.02 25.45
C LEU A 1224 -12.13 13.39 25.19
N LEU A 1225 -13.03 12.44 25.38
CA LEU A 1225 -14.47 12.58 25.02
C LEU A 1225 -15.33 12.39 26.26
N PHE A 1226 -16.23 13.33 26.51
CA PHE A 1226 -17.23 13.19 27.59
C PHE A 1226 -18.45 12.46 27.07
N LYS A 1227 -19.08 11.66 27.94
CA LYS A 1227 -20.28 10.87 27.57
C LYS A 1227 -21.28 10.92 28.72
N LYS A 1228 -22.54 10.81 28.36
CA LYS A 1228 -23.63 10.80 29.36
C LYS A 1228 -23.58 9.48 30.14
N ASP A 1229 -23.48 8.37 29.43
CA ASP A 1229 -23.46 7.04 30.07
C ASP A 1229 -22.71 6.05 29.20
N GLU A 1230 -22.28 4.95 29.80
CA GLU A 1230 -21.46 3.93 29.11
C GLU A 1230 -22.29 3.28 27.99
N GLU A 1231 -23.55 2.96 28.27
CA GLU A 1231 -24.39 2.23 27.29
C GLU A 1231 -25.14 3.21 26.37
N SER A 1232 -25.09 4.51 26.65
CA SER A 1232 -25.84 5.52 25.85
C SER A 1232 -25.04 5.85 24.58
N THR A 1233 -25.76 6.24 23.53
CA THR A 1233 -25.14 6.67 22.26
C THR A 1233 -24.98 8.20 22.22
N ASP A 1234 -25.26 8.89 23.32
CA ASP A 1234 -25.22 10.37 23.35
C ASP A 1234 -23.79 10.85 23.57
N GLU A 1235 -23.41 11.92 22.89
CA GLU A 1235 -22.09 12.56 23.02
C GLU A 1235 -22.28 14.00 23.47
N ILE A 1236 -21.43 14.46 24.38
CA ILE A 1236 -21.55 15.81 24.99
C ILE A 1236 -20.57 16.77 24.31
N GLY A 1237 -19.32 16.36 24.18
CA GLY A 1237 -18.28 17.18 23.55
C GLY A 1237 -16.89 16.63 23.78
N LEU A 1238 -15.90 17.25 23.13
CA LEU A 1238 -14.48 16.87 23.27
C LEU A 1238 -13.76 17.98 24.01
N ILE A 1239 -12.88 17.62 24.94
CA ILE A 1239 -12.08 18.63 25.69
C ILE A 1239 -11.13 19.31 24.72
N GLY A 1240 -10.86 20.57 24.96
CA GLY A 1240 -9.95 21.33 24.11
C GLY A 1240 -9.70 22.72 24.67
N ILE A 1241 -9.08 23.55 23.84
CA ILE A 1241 -8.78 24.97 24.19
C ILE A 1241 -9.51 25.86 23.19
N HIS A 1242 -10.21 26.86 23.69
CA HIS A 1242 -11.00 27.81 22.86
C HIS A 1242 -10.69 29.23 23.29
N ARG A 1243 -10.72 30.16 22.34
CA ARG A 1243 -10.51 31.59 22.62
C ARG A 1243 -11.85 32.31 22.55
N PHE A 1244 -12.24 32.96 23.64
CA PHE A 1244 -13.52 33.72 23.72
C PHE A 1244 -13.23 35.21 23.50
N TYR A 1245 -12.93 35.57 22.26
CA TYR A 1245 -12.60 36.97 21.87
C TYR A 1245 -13.76 37.53 21.04
N TYR A 1254 -10.27 38.01 23.94
CA TYR A 1254 -8.95 37.45 23.57
C TYR A 1254 -8.46 36.54 24.71
N LYS A 1255 -9.39 36.06 25.55
CA LYS A 1255 -9.08 35.11 26.63
C LYS A 1255 -9.09 33.70 26.05
N ASP A 1256 -8.36 32.77 26.65
CA ASP A 1256 -8.39 31.33 26.31
C ASP A 1256 -8.92 30.53 27.49
N TYR A 1257 -9.71 29.51 27.21
CA TYR A 1257 -10.39 28.73 28.27
C TYR A 1257 -10.22 27.23 28.03
N PHE A 1258 -10.16 26.50 29.13
CA PHE A 1258 -10.16 25.02 29.14
C PHE A 1258 -11.60 24.56 28.96
N CYS A 1259 -11.97 24.25 27.72
CA CYS A 1259 -13.39 24.13 27.30
C CYS A 1259 -13.74 22.76 26.75
N ILE A 1260 -15.05 22.49 26.69
CA ILE A 1260 -15.62 21.32 26.01
C ILE A 1260 -16.55 21.85 24.93
N SER A 1261 -16.38 21.39 23.71
CA SER A 1261 -17.12 21.91 22.54
C SER A 1261 -17.66 20.76 21.71
N LYS A 1262 -18.85 20.95 21.14
CA LYS A 1262 -19.48 19.98 20.22
C LYS A 1262 -18.89 20.16 18.82
N TRP A 1263 -18.24 21.29 18.56
CA TRP A 1263 -17.76 21.61 17.19
C TRP A 1263 -16.77 20.55 16.69
N TYR A 1264 -15.86 20.11 17.55
CA TYR A 1264 -14.79 19.15 17.16
C TYR A 1264 -15.38 17.83 16.68
N LEU A 1265 -16.55 17.47 17.16
CA LEU A 1265 -17.12 16.15 16.81
C LEU A 1265 -17.26 15.99 15.30
N LYS A 1266 -17.55 17.08 14.59
CA LYS A 1266 -17.64 16.99 13.12
C LYS A 1266 -16.23 16.94 12.50
N GLU A 1267 -15.28 17.69 13.07
CA GLU A 1267 -13.95 17.87 12.45
C GLU A 1267 -13.17 16.55 12.49
N VAL A 1268 -13.19 15.85 13.60
CA VAL A 1268 -12.32 14.66 13.79
C VAL A 1268 -12.66 13.59 12.76
N LYS A 1269 -13.82 13.64 12.12
CA LYS A 1269 -14.18 12.63 11.10
C LYS A 1269 -13.74 13.03 9.70
N ARG A 1270 -13.26 14.24 9.49
CA ARG A 1270 -12.80 14.66 8.13
C ARG A 1270 -11.43 14.05 7.82
N LYS A 1271 -11.26 13.55 6.61
CA LYS A 1271 -9.96 13.00 6.14
C LYS A 1271 -9.29 14.03 5.25
N PRO A 1272 -7.95 14.24 5.34
CA PRO A 1272 -7.07 13.57 6.31
C PRO A 1272 -7.17 14.19 7.71
N TYR A 1273 -6.82 13.43 8.75
CA TYR A 1273 -6.89 13.95 10.13
C TYR A 1273 -5.97 15.17 10.25
N ASN A 1274 -6.49 16.23 10.83
CA ASN A 1274 -5.73 17.48 11.02
C ASN A 1274 -4.97 17.38 12.33
N LEU A 1275 -3.64 17.37 12.27
CA LEU A 1275 -2.80 17.21 13.48
C LEU A 1275 -2.82 18.47 14.34
N LYS A 1276 -3.19 19.61 13.78
CA LYS A 1276 -3.06 20.91 14.49
C LYS A 1276 -4.36 21.26 15.22
N LEU A 1277 -5.35 20.37 15.24
CA LEU A 1277 -6.62 20.67 15.95
C LEU A 1277 -6.32 20.98 17.42
N GLY A 1278 -7.19 21.77 18.03
CA GLY A 1278 -7.05 22.18 19.44
C GLY A 1278 -7.49 21.11 20.41
N CYS A 1279 -7.85 19.90 19.97
CA CYS A 1279 -8.32 18.83 20.87
C CYS A 1279 -7.27 17.72 21.04
N ASN A 1280 -6.08 17.85 20.48
CA ASN A 1280 -5.04 16.81 20.60
C ASN A 1280 -4.18 17.07 21.83
N TRP A 1281 -3.99 16.04 22.65
CA TRP A 1281 -3.25 16.19 23.94
C TRP A 1281 -2.14 15.16 24.01
N GLN A 1282 -1.13 15.48 24.81
CA GLN A 1282 -0.07 14.52 25.19
C GLN A 1282 0.22 14.63 26.68
N PHE A 1283 0.73 13.56 27.24
CA PHE A 1283 1.06 13.50 28.68
C PHE A 1283 2.59 13.38 28.81
N ILE A 1284 3.16 14.18 29.69
CA ILE A 1284 4.62 14.24 29.89
C ILE A 1284 4.93 13.84 31.31
N PRO A 1285 5.47 12.62 31.52
CA PRO A 1285 6.05 12.26 32.81
C PRO A 1285 7.51 12.69 32.96
N LYS A 1286 7.91 12.92 34.22
CA LYS A 1286 9.31 13.17 34.61
C LYS A 1286 10.20 12.04 34.10
N ASP A 1287 11.34 12.41 33.52
CA ASP A 1287 12.30 11.46 32.95
C ASP A 1287 13.72 11.89 33.30
N GLU A 1288 14.62 10.92 33.34
CA GLU A 1288 16.05 11.18 33.65
C GLU A 1288 16.76 11.77 32.44
N GLY A 1289 16.22 11.56 31.24
CA GLY A 1289 16.80 12.05 29.98
C GLY A 1289 16.56 13.54 29.78
N TRP A 1290 15.70 14.18 30.56
CA TRP A 1290 15.40 15.62 30.41
C TRP A 1290 15.50 16.28 31.76
N THR A 1291 16.23 17.38 31.85
CA THR A 1291 16.49 18.08 33.13
C THR A 1291 15.99 19.52 33.04
N GLU A 1292 15.21 19.92 34.05
CA GLU A 1292 14.49 21.22 34.10
C GLU A 1292 14.26 21.84 32.71
N ASN B 2 -18.08 50.12 12.38
CA ASN B 2 -17.00 51.15 12.16
C ASN B 2 -17.14 51.80 10.78
N ILE B 3 -17.47 51.01 9.76
CA ILE B 3 -17.49 51.49 8.36
C ILE B 3 -18.72 52.37 8.16
N ASN B 4 -18.51 53.59 7.72
CA ASN B 4 -19.60 54.47 7.27
C ASN B 4 -20.24 53.87 6.01
N ASP B 5 -21.53 54.05 5.87
CA ASP B 5 -22.27 53.49 4.73
C ASP B 5 -23.42 54.43 4.36
N ASN B 6 -24.37 53.94 3.57
CA ASN B 6 -25.55 54.72 3.12
C ASN B 6 -25.10 56.04 2.48
N LEU B 7 -23.87 56.11 1.98
CA LEU B 7 -23.37 57.28 1.22
C LEU B 7 -23.36 56.93 -0.26
N SER B 8 -23.91 57.81 -1.08
CA SER B 8 -23.98 57.60 -2.53
C SER B 8 -23.86 58.93 -3.26
N ILE B 9 -23.55 58.86 -4.54
CA ILE B 9 -23.41 60.09 -5.37
C ILE B 9 -24.73 60.86 -5.33
N ASN B 10 -24.63 62.17 -5.52
CA ASN B 10 -25.75 63.14 -5.51
C ASN B 10 -26.09 63.52 -4.08
N SER B 11 -25.46 62.91 -3.07
CA SER B 11 -25.62 63.35 -1.67
C SER B 11 -25.11 64.78 -1.54
N PRO B 12 -25.90 65.71 -0.96
CA PRO B 12 -25.48 67.11 -0.94
C PRO B 12 -24.19 67.30 -0.14
N VAL B 13 -23.39 68.27 -0.57
CA VAL B 13 -22.17 68.66 0.16
C VAL B 13 -22.57 69.12 1.57
N ASP B 14 -21.82 68.68 2.56
CA ASP B 14 -22.13 68.98 3.98
C ASP B 14 -20.90 69.48 4.76
N ASN B 15 -19.69 69.42 4.18
CA ASN B 15 -18.43 69.83 4.85
C ASN B 15 -18.12 68.89 6.03
N LYS B 16 -18.85 67.78 6.18
CA LYS B 16 -18.60 66.81 7.27
C LYS B 16 -18.25 65.44 6.69
N ASN B 17 -19.11 64.91 5.82
CA ASN B 17 -18.88 63.59 5.17
C ASN B 17 -18.79 63.73 3.65
N VAL B 18 -19.21 64.84 3.08
CA VAL B 18 -19.08 65.12 1.62
C VAL B 18 -18.50 66.52 1.48
N VAL B 19 -17.35 66.63 0.84
CA VAL B 19 -16.63 67.92 0.71
C VAL B 19 -16.05 68.03 -0.70
N VAL B 20 -15.59 69.23 -1.02
CA VAL B 20 -14.85 69.49 -2.28
C VAL B 20 -13.51 70.11 -1.90
N VAL B 21 -12.43 69.50 -2.37
CA VAL B 21 -11.05 69.94 -2.06
C VAL B 21 -10.25 70.00 -3.34
N ARG B 22 -9.18 70.78 -3.31
CA ARG B 22 -8.30 70.96 -4.47
C ARG B 22 -7.19 69.93 -4.44
N ALA B 23 -6.66 69.59 -5.61
CA ALA B 23 -5.61 68.57 -5.74
C ALA B 23 -4.24 69.26 -5.63
N ARG B 24 -3.61 69.15 -4.47
CA ARG B 24 -2.26 69.73 -4.23
C ARG B 24 -2.31 71.21 -4.59
N LYS B 25 -1.32 71.74 -5.31
CA LYS B 25 -1.33 73.16 -5.75
C LYS B 25 -1.91 73.29 -7.15
N THR B 26 -2.37 72.19 -7.75
CA THR B 26 -3.02 72.24 -9.07
C THR B 26 -4.34 73.01 -8.97
N ASP B 27 -4.74 73.65 -10.07
CA ASP B 27 -5.97 74.47 -10.13
C ASP B 27 -7.14 73.58 -10.52
N THR B 28 -7.44 72.57 -9.72
CA THR B 28 -8.58 71.67 -9.94
C THR B 28 -9.13 71.22 -8.61
N VAL B 29 -10.36 70.71 -8.63
CA VAL B 29 -11.05 70.23 -7.40
C VAL B 29 -11.64 68.85 -7.67
N PHE B 30 -12.03 68.17 -6.61
CA PHE B 30 -12.64 66.83 -6.70
C PHE B 30 -13.46 66.57 -5.44
N LYS B 31 -14.61 65.96 -5.63
CA LYS B 31 -15.50 65.57 -4.51
C LYS B 31 -14.83 64.47 -3.69
N ALA B 32 -15.15 64.41 -2.40
CA ALA B 32 -14.55 63.42 -1.49
C ALA B 32 -15.61 62.90 -0.52
N PHE B 33 -15.45 61.64 -0.12
CA PHE B 33 -16.30 61.00 0.91
C PHE B 33 -15.39 60.25 1.89
N LYS B 34 -15.69 60.36 3.17
CA LYS B 34 -14.92 59.64 4.21
C LYS B 34 -15.70 58.41 4.62
N VAL B 35 -15.08 57.24 4.51
CA VAL B 35 -15.71 55.96 4.92
C VAL B 35 -15.29 55.62 6.36
N ALA B 36 -14.18 56.16 6.84
CA ALA B 36 -13.72 55.92 8.22
C ALA B 36 -12.82 57.07 8.63
N PRO B 37 -12.54 57.24 9.94
CA PRO B 37 -11.71 58.35 10.38
C PRO B 37 -10.37 58.39 9.63
N ASN B 38 -10.08 59.53 9.01
CA ASN B 38 -8.82 59.79 8.26
C ASN B 38 -8.73 58.91 7.00
N ILE B 39 -9.82 58.30 6.57
CA ILE B 39 -9.85 57.48 5.33
C ILE B 39 -10.86 58.12 4.38
N TRP B 40 -10.48 58.24 3.11
CA TRP B 40 -11.30 58.90 2.08
C TRP B 40 -11.35 58.04 0.83
N VAL B 41 -12.38 58.28 0.02
CA VAL B 41 -12.50 57.66 -1.32
C VAL B 41 -12.95 58.73 -2.29
N ALA B 42 -12.24 58.87 -3.41
CA ALA B 42 -12.58 59.84 -4.48
C ALA B 42 -12.95 59.06 -5.73
N PRO B 43 -14.24 58.90 -6.06
CA PRO B 43 -14.62 58.16 -7.27
C PRO B 43 -14.30 58.93 -8.55
N GLU B 44 -13.03 59.04 -8.87
CA GLU B 44 -12.55 59.80 -10.05
C GLU B 44 -11.32 59.11 -10.61
N ARG B 45 -10.99 59.40 -11.85
CA ARG B 45 -9.66 59.05 -12.41
C ARG B 45 -8.61 59.98 -11.80
N TYR B 46 -7.43 59.45 -11.52
CA TYR B 46 -6.37 60.21 -10.85
C TYR B 46 -6.09 61.48 -11.64
N TYR B 47 -5.97 62.59 -10.92
CA TYR B 47 -5.83 63.93 -11.53
C TYR B 47 -4.45 64.12 -12.14
N GLY B 48 -3.44 63.39 -11.65
CA GLY B 48 -2.03 63.70 -11.93
C GLY B 48 -1.54 63.24 -13.31
N GLU B 49 -2.37 62.61 -14.12
CA GLU B 49 -1.93 62.08 -15.44
C GLU B 49 -2.92 62.48 -16.52
N SER B 50 -2.44 62.55 -17.75
CA SER B 50 -3.28 62.73 -18.94
C SER B 50 -3.76 61.36 -19.40
N LEU B 51 -5.08 61.19 -19.52
CA LEU B 51 -5.68 59.89 -19.89
C LEU B 51 -5.20 59.46 -21.28
N SER B 52 -4.75 60.40 -22.11
CA SER B 52 -4.26 60.11 -23.47
C SER B 52 -2.74 60.24 -23.49
N ILE B 53 -2.06 59.22 -23.99
CA ILE B 53 -0.56 59.24 -24.12
C ILE B 53 -0.17 58.74 -25.50
N ASP B 54 1.07 59.02 -25.86
CA ASP B 54 1.62 58.61 -27.17
C ASP B 54 1.71 57.10 -27.25
N GLU B 55 1.67 56.59 -28.48
CA GLU B 55 1.81 55.13 -28.72
C GLU B 55 3.17 54.65 -28.24
N GLU B 56 4.21 55.49 -28.28
CA GLU B 56 5.57 55.05 -27.88
C GLU B 56 5.59 54.70 -26.39
N TYR B 57 4.92 55.48 -25.55
CA TYR B 57 5.05 55.39 -24.09
C TYR B 57 4.10 54.33 -23.50
N LYS B 58 3.25 53.70 -24.31
CA LYS B 58 2.32 52.68 -23.79
C LYS B 58 3.11 51.43 -23.39
N VAL B 59 3.00 51.04 -22.12
CA VAL B 59 3.76 49.89 -21.56
C VAL B 59 3.14 48.60 -22.07
N ASP B 60 3.88 47.51 -21.93
CA ASP B 60 3.40 46.18 -22.35
C ASP B 60 2.31 45.71 -21.38
N GLY B 61 1.31 45.01 -21.92
CA GLY B 61 0.28 44.34 -21.11
C GLY B 61 -0.69 45.31 -20.47
N GLY B 62 -0.72 46.57 -20.90
CA GLY B 62 -1.61 47.61 -20.34
C GLY B 62 -2.88 47.76 -21.16
N ILE B 63 -3.90 48.36 -20.56
CA ILE B 63 -5.15 48.75 -21.25
C ILE B 63 -5.34 50.25 -21.06
N TYR B 64 -5.64 50.93 -22.15
CA TYR B 64 -5.84 52.40 -22.15
C TYR B 64 -7.23 52.70 -22.71
N ASP B 65 -7.98 53.52 -21.97
CA ASP B 65 -9.36 53.91 -22.33
C ASP B 65 -9.71 55.17 -21.53
N SER B 66 -9.94 56.26 -22.25
CA SER B 66 -10.20 57.59 -21.62
C SER B 66 -11.64 57.70 -21.13
N ASN B 67 -12.56 56.87 -21.59
CA ASN B 67 -14.00 57.00 -21.25
C ASN B 67 -14.31 56.27 -19.94
N PHE B 68 -13.40 55.43 -19.44
CA PHE B 68 -13.66 54.62 -18.23
C PHE B 68 -13.86 55.54 -17.03
N LEU B 69 -14.84 55.22 -16.20
CA LEU B 69 -15.15 55.95 -14.94
C LEU B 69 -15.31 57.45 -15.22
N SER B 70 -16.04 57.80 -16.27
CA SER B 70 -16.37 59.21 -16.60
C SER B 70 -17.86 59.48 -16.37
N GLN B 71 -18.73 58.49 -16.55
CA GLN B 71 -20.19 58.68 -16.43
C GLN B 71 -20.61 58.36 -15.00
N ASP B 72 -21.55 59.14 -14.48
CA ASP B 72 -22.05 58.98 -13.09
C ASP B 72 -22.66 57.58 -12.91
N SER B 73 -23.14 56.97 -13.98
CA SER B 73 -23.70 55.59 -13.92
C SER B 73 -22.65 54.64 -13.34
N GLU B 74 -21.44 54.65 -13.91
CA GLU B 74 -20.35 53.78 -13.43
C GLU B 74 -19.74 54.38 -12.17
N LYS B 75 -19.74 55.70 -12.05
CA LYS B 75 -19.10 56.37 -10.89
C LYS B 75 -19.78 55.90 -9.60
N ASP B 76 -21.10 55.78 -9.59
CA ASP B 76 -21.82 55.32 -8.38
C ASP B 76 -21.43 53.87 -8.06
N LYS B 77 -21.35 53.01 -9.07
CA LYS B 77 -20.96 51.60 -8.85
C LYS B 77 -19.57 51.54 -8.23
N PHE B 78 -18.74 52.54 -8.50
CA PHE B 78 -17.37 52.57 -7.94
C PHE B 78 -17.41 52.63 -6.42
N LEU B 79 -18.27 53.48 -5.87
CA LEU B 79 -18.34 53.62 -4.38
C LEU B 79 -18.79 52.30 -3.76
N GLN B 80 -19.78 51.65 -4.34
CA GLN B 80 -20.34 50.42 -3.74
C GLN B 80 -19.28 49.31 -3.75
N ALA B 81 -18.54 49.17 -4.85
CA ALA B 81 -17.52 48.10 -4.97
C ALA B 81 -16.47 48.26 -3.86
N ILE B 82 -16.01 49.48 -3.63
CA ILE B 82 -14.98 49.72 -2.59
C ILE B 82 -15.57 49.35 -1.23
N ILE B 83 -16.77 49.83 -0.94
CA ILE B 83 -17.38 49.62 0.41
C ILE B 83 -17.55 48.12 0.61
N THR B 84 -17.93 47.39 -0.44
CA THR B 84 -18.12 45.93 -0.31
C THR B 84 -16.80 45.28 0.13
N LEU B 85 -15.70 45.67 -0.49
CA LEU B 85 -14.38 45.07 -0.16
C LEU B 85 -13.97 45.50 1.26
N LEU B 86 -14.08 46.79 1.58
CA LEU B 86 -13.62 47.29 2.90
C LEU B 86 -14.39 46.59 4.03
N LYS B 87 -15.72 46.49 3.89
CA LYS B 87 -16.53 45.78 4.91
C LYS B 87 -16.16 44.29 4.89
N ARG B 88 -15.81 43.74 3.74
CA ARG B 88 -15.35 42.34 3.63
C ARG B 88 -14.10 42.15 4.50
N ILE B 89 -13.18 43.10 4.44
CA ILE B 89 -11.92 43.01 5.24
C ILE B 89 -12.26 43.05 6.73
N ASN B 90 -13.17 43.91 7.14
CA ASN B 90 -13.53 44.05 8.58
C ASN B 90 -14.10 42.74 9.14
N SER B 91 -14.59 41.84 8.29
CA SER B 91 -15.23 40.59 8.75
C SER B 91 -14.30 39.80 9.69
N THR B 92 -12.99 39.89 9.49
CA THR B 92 -12.01 39.13 10.31
C THR B 92 -11.27 40.08 11.25
N ASN B 93 -10.85 39.55 12.39
CA ASN B 93 -10.13 40.35 13.41
C ASN B 93 -8.84 40.91 12.81
N ALA B 94 -8.19 40.16 11.92
CA ALA B 94 -6.94 40.60 11.26
C ALA B 94 -7.19 41.92 10.53
N GLY B 95 -8.28 42.00 9.78
CA GLY B 95 -8.63 43.23 9.04
C GLY B 95 -8.86 44.39 10.00
N GLU B 96 -9.53 44.13 11.11
CA GLU B 96 -9.86 45.20 12.09
C GLU B 96 -8.55 45.79 12.60
N LYS B 97 -7.59 44.94 12.97
CA LYS B 97 -6.28 45.41 13.47
C LYS B 97 -5.59 46.23 12.38
N LEU B 98 -5.60 45.75 11.14
CA LEU B 98 -4.91 46.44 10.02
C LEU B 98 -5.59 47.80 9.79
N LEU B 99 -6.91 47.80 9.62
CA LEU B 99 -7.63 49.05 9.34
C LEU B 99 -7.51 49.99 10.54
N SER B 100 -7.69 49.48 11.76
CA SER B 100 -7.63 50.33 12.97
C SER B 100 -6.25 50.98 13.07
N LEU B 101 -5.19 50.19 12.90
CA LEU B 101 -3.82 50.73 12.97
C LEU B 101 -3.67 51.82 11.89
N ILE B 102 -4.27 51.61 10.72
CA ILE B 102 -4.21 52.62 9.63
C ILE B 102 -4.88 53.91 10.11
N SER B 103 -6.03 53.80 10.76
CA SER B 103 -6.82 54.98 11.17
C SER B 103 -6.03 55.81 12.19
N THR B 104 -5.38 55.14 13.14
CA THR B 104 -4.73 55.82 14.28
C THR B 104 -3.31 56.29 13.91
N ALA B 105 -2.74 55.82 12.80
CA ALA B 105 -1.34 56.15 12.43
C ALA B 105 -1.32 57.57 11.86
N ILE B 106 -0.74 58.52 12.61
CA ILE B 106 -0.66 59.93 12.17
C ILE B 106 0.80 60.29 11.99
N PRO B 107 1.16 61.10 10.96
CA PRO B 107 2.53 61.57 10.84
C PRO B 107 2.95 62.43 12.03
N PHE B 108 4.22 62.35 12.39
CA PHE B 108 4.77 63.07 13.54
C PHE B 108 4.53 64.57 13.34
N PRO B 109 3.85 65.25 14.29
CA PRO B 109 3.63 66.69 14.14
C PRO B 109 4.95 67.47 14.10
N TYR B 110 4.95 68.57 13.37
CA TYR B 110 6.13 69.44 13.22
C TYR B 110 6.15 70.48 14.34
N GLY B 111 7.33 70.72 14.89
CA GLY B 111 7.59 71.69 15.97
C GLY B 111 7.20 73.10 15.59
N GLY B 149 2.04 76.36 18.76
CA GLY B 149 3.42 76.17 18.31
C GLY B 149 3.57 75.02 17.32
N TYR B 150 2.95 73.88 17.60
CA TYR B 150 3.05 72.69 16.74
C TYR B 150 2.24 72.89 15.46
N ARG B 151 2.71 72.25 14.40
CA ARG B 151 2.04 72.29 13.08
C ARG B 151 1.78 70.87 12.60
N GLU B 152 0.71 70.71 11.83
CA GLU B 152 0.25 69.39 11.36
C GLU B 152 0.24 69.35 9.84
N THR B 153 0.60 68.19 9.28
CA THR B 153 0.62 67.95 7.82
C THR B 153 -0.65 67.26 7.34
N ASN B 154 -1.25 66.40 8.17
CA ASN B 154 -2.44 65.61 7.78
C ASN B 154 -3.63 66.54 7.62
N TYR B 155 -3.87 67.02 6.40
CA TYR B 155 -5.06 67.86 6.13
C TYR B 155 -5.28 68.03 4.63
N LEU B 156 -6.53 67.95 4.20
CA LEU B 156 -6.94 68.29 2.83
C LEU B 156 -7.59 69.68 2.87
N SER B 157 -7.12 70.56 1.99
CA SER B 157 -7.54 71.99 1.97
C SER B 157 -8.82 72.11 1.15
N SER B 158 -9.84 72.76 1.72
CA SER B 158 -11.06 73.13 0.97
C SER B 158 -10.69 74.13 -0.13
N GLU B 159 -11.44 74.15 -1.21
CA GLU B 159 -11.12 75.02 -2.37
C GLU B 159 -10.85 76.46 -1.92
N ASP B 160 -11.66 76.98 -1.01
CA ASP B 160 -11.64 78.43 -0.64
C ASP B 160 -10.77 78.79 0.59
N ASN B 161 -9.97 77.86 1.14
CA ASN B 161 -9.02 78.12 2.26
C ASN B 161 -9.74 78.48 3.57
N LYS B 162 -10.95 77.94 3.76
CA LYS B 162 -11.80 78.26 4.93
C LYS B 162 -11.95 77.07 5.89
N SER B 163 -11.40 75.89 5.57
CA SER B 163 -11.47 74.69 6.42
C SER B 163 -10.34 73.73 6.04
N PHE B 164 -10.16 72.68 6.81
CA PHE B 164 -9.14 71.64 6.53
C PHE B 164 -9.69 70.34 7.08
N TYR B 165 -9.49 69.23 6.36
CA TYR B 165 -10.04 67.91 6.76
C TYR B 165 -8.88 66.95 6.94
N ALA B 166 -8.82 66.30 8.09
CA ALA B 166 -7.82 65.26 8.40
C ALA B 166 -7.96 64.11 7.41
N SER B 167 -6.83 63.61 6.90
CA SER B 167 -6.83 62.54 5.88
C SER B 167 -5.49 61.81 5.92
N ASN B 168 -5.53 60.50 5.74
CA ASN B 168 -4.33 59.64 5.69
C ASN B 168 -4.24 58.91 4.37
N ILE B 169 -5.34 58.33 3.92
CA ILE B 169 -5.38 57.52 2.67
C ILE B 169 -6.46 58.06 1.76
N VAL B 170 -6.20 58.06 0.46
CA VAL B 170 -7.20 58.44 -0.56
C VAL B 170 -7.20 57.37 -1.64
N ILE B 171 -8.36 56.82 -1.94
CA ILE B 171 -8.53 55.76 -2.96
C ILE B 171 -9.07 56.42 -4.22
N PHE B 172 -8.27 56.42 -5.27
CA PHE B 172 -8.67 56.98 -6.58
C PHE B 172 -9.04 55.85 -7.52
N GLY B 173 -9.52 56.24 -8.69
CA GLY B 173 -9.70 55.30 -9.81
C GLY B 173 -8.38 55.09 -10.52
N PRO B 174 -8.34 54.14 -11.46
CA PRO B 174 -7.13 53.88 -12.21
C PRO B 174 -6.69 55.13 -13.00
N GLY B 175 -5.37 55.26 -13.17
CA GLY B 175 -4.78 56.36 -13.95
C GLY B 175 -4.77 56.04 -15.44
N ALA B 176 -3.65 56.30 -16.11
CA ALA B 176 -3.50 56.06 -17.56
C ALA B 176 -3.71 54.56 -17.86
N ASN B 177 -3.08 53.70 -17.05
CA ASN B 177 -3.22 52.24 -17.23
C ASN B 177 -4.23 51.73 -16.20
N ILE B 178 -5.26 51.04 -16.68
CA ILE B 178 -6.43 50.69 -15.83
C ILE B 178 -6.30 49.26 -15.32
N VAL B 179 -5.12 48.66 -15.42
CA VAL B 179 -4.92 47.27 -14.95
C VAL B 179 -3.70 47.22 -14.04
N GLU B 180 -3.30 48.36 -13.49
CA GLU B 180 -2.13 48.41 -12.59
C GLU B 180 -2.48 49.29 -11.39
N ASN B 181 -2.03 48.87 -10.22
CA ASN B 181 -2.27 49.59 -8.95
C ASN B 181 -0.95 50.17 -8.46
N ASN B 182 -0.98 51.38 -7.93
CA ASN B 182 0.24 52.06 -7.45
C ASN B 182 0.03 52.57 -6.03
N THR B 183 1.11 53.09 -5.48
CA THR B 183 1.09 53.83 -4.20
C THR B 183 1.94 55.07 -4.36
N VAL B 184 1.38 56.23 -4.08
CA VAL B 184 2.04 57.54 -4.32
C VAL B 184 2.16 58.26 -2.98
N PHE B 185 3.36 58.71 -2.65
CA PHE B 185 3.63 59.41 -1.37
C PHE B 185 3.45 60.90 -1.60
N TYR B 186 2.83 61.58 -0.65
CA TYR B 186 2.55 63.03 -0.75
C TYR B 186 3.86 63.82 -0.76
N LYS B 187 4.79 63.48 0.12
CA LYS B 187 6.08 64.18 0.21
C LYS B 187 7.20 63.15 0.27
N LYS B 188 8.12 63.20 -0.68
CA LYS B 188 9.14 62.13 -0.84
C LYS B 188 10.05 62.08 0.39
N GLU B 189 10.64 63.20 0.76
CA GLU B 189 11.64 63.22 1.86
C GLU B 189 10.98 62.79 3.17
N ASP B 190 9.79 63.28 3.47
CA ASP B 190 9.10 62.94 4.74
C ASP B 190 8.88 61.42 4.82
N ALA B 191 8.71 60.74 3.68
CA ALA B 191 8.48 59.29 3.66
C ALA B 191 9.77 58.53 4.03
N GLU B 192 10.93 59.18 3.99
CA GLU B 192 12.22 58.49 4.24
C GLU B 192 12.90 58.99 5.52
N ASN B 193 12.54 60.15 6.04
CA ASN B 193 13.24 60.75 7.19
C ASN B 193 12.59 60.32 8.51
N GLY B 194 11.54 59.49 8.47
CA GLY B 194 10.86 59.02 9.70
C GLY B 194 9.74 59.93 10.15
N MET B 195 9.56 61.09 9.53
CA MET B 195 8.40 61.96 9.88
C MET B 195 7.12 61.31 9.34
N GLY B 196 7.17 60.77 8.12
CA GLY B 196 5.98 60.20 7.46
C GLY B 196 5.19 61.22 6.67
N THR B 197 4.28 60.75 5.83
CA THR B 197 3.48 61.63 4.96
C THR B 197 2.21 60.92 4.54
N MET B 198 1.32 61.67 3.92
CA MET B 198 0.03 61.14 3.42
C MET B 198 0.28 60.25 2.19
N THR B 199 -0.64 59.32 1.97
CA THR B 199 -0.55 58.34 0.87
C THR B 199 -1.74 58.50 -0.07
N GLU B 200 -1.55 58.10 -1.32
CA GLU B 200 -2.63 58.00 -2.32
C GLU B 200 -2.51 56.66 -3.02
N ILE B 201 -3.65 56.04 -3.28
CA ILE B 201 -3.72 54.67 -3.86
C ILE B 201 -4.60 54.70 -5.10
N TRP B 202 -4.23 53.89 -6.08
CA TRP B 202 -5.10 53.62 -7.26
C TRP B 202 -5.58 52.19 -7.18
N PHE B 203 -6.66 51.88 -7.87
CA PHE B 203 -7.28 50.55 -7.74
C PHE B 203 -8.18 50.27 -8.94
N GLN B 204 -8.30 48.99 -9.28
CA GLN B 204 -9.15 48.54 -10.39
C GLN B 204 -10.04 47.42 -9.87
N PRO B 205 -11.23 47.73 -9.32
CA PRO B 205 -12.04 46.70 -8.68
C PRO B 205 -12.88 45.85 -9.66
N PHE B 206 -13.05 46.29 -10.90
CA PHE B 206 -14.04 45.66 -11.82
C PHE B 206 -13.40 44.60 -12.71
N LEU B 207 -12.11 44.37 -12.62
CA LEU B 207 -11.43 43.39 -13.52
C LEU B 207 -10.60 42.41 -12.70
N THR B 208 -10.43 41.21 -13.22
CA THR B 208 -9.56 40.19 -12.62
C THR B 208 -9.12 39.18 -13.68
N TYR B 209 -8.21 38.31 -13.30
CA TYR B 209 -7.66 37.26 -14.19
C TYR B 209 -7.53 35.99 -13.38
N LYS B 210 -7.44 34.87 -14.08
CA LYS B 210 -7.35 33.56 -13.39
C LYS B 210 -5.90 33.07 -13.46
N TYR B 211 -5.47 32.43 -12.39
CA TYR B 211 -4.13 31.82 -12.30
C TYR B 211 -4.32 30.34 -12.00
N ASP B 212 -3.86 29.49 -12.91
CA ASP B 212 -4.11 28.03 -12.82
C ASP B 212 -5.62 27.78 -12.75
N GLU B 213 -6.14 27.36 -11.60
CA GLU B 213 -7.55 26.94 -11.50
C GLU B 213 -8.42 28.09 -11.02
N PHE B 214 -7.89 29.01 -10.24
CA PHE B 214 -8.72 29.95 -9.46
C PHE B 214 -8.64 31.36 -10.02
N TYR B 215 -9.64 32.15 -9.73
CA TYR B 215 -9.65 33.59 -10.03
C TYR B 215 -9.12 34.33 -8.81
N ILE B 216 -8.54 35.48 -9.04
CA ILE B 216 -7.81 36.23 -7.98
C ILE B 216 -8.78 37.15 -7.27
N ASP B 217 -8.79 37.07 -5.95
CA ASP B 217 -9.73 37.87 -5.15
C ASP B 217 -9.24 39.32 -5.07
N PRO B 218 -10.02 40.31 -5.53
CA PRO B 218 -9.61 41.71 -5.41
C PRO B 218 -9.35 42.21 -3.98
N ALA B 219 -9.96 41.56 -2.98
CA ALA B 219 -9.80 42.00 -1.58
C ALA B 219 -8.31 41.91 -1.19
N ILE B 220 -7.65 40.82 -1.57
CA ILE B 220 -6.21 40.65 -1.24
C ILE B 220 -5.41 41.75 -1.93
N GLU B 221 -5.80 42.14 -3.13
CA GLU B 221 -5.08 43.18 -3.89
C GLU B 221 -5.15 44.49 -3.11
N LEU B 222 -6.30 44.81 -2.53
CA LEU B 222 -6.46 46.07 -1.77
C LEU B 222 -5.52 46.05 -0.56
N ILE B 223 -5.45 44.94 0.14
CA ILE B 223 -4.63 44.85 1.37
C ILE B 223 -3.16 45.10 0.99
N LYS B 224 -2.69 44.48 -0.09
CA LYS B 224 -1.27 44.62 -0.50
C LYS B 224 -0.93 46.11 -0.60
N CYS B 225 -1.83 46.91 -1.16
CA CYS B 225 -1.57 48.36 -1.34
C CYS B 225 -1.78 49.10 -0.02
N LEU B 226 -2.62 48.58 0.88
CA LEU B 226 -2.82 49.24 2.21
C LEU B 226 -1.56 49.06 3.08
N ILE B 227 -1.02 47.85 3.15
CA ILE B 227 0.18 47.59 4.00
C ILE B 227 1.30 48.52 3.54
N LYS B 228 1.47 48.66 2.23
CA LYS B 228 2.54 49.52 1.69
C LYS B 228 2.34 50.96 2.16
N SER B 229 1.13 51.34 2.53
CA SER B 229 0.87 52.70 3.04
C SER B 229 1.53 52.91 4.41
N LEU B 230 1.55 51.89 5.27
CA LEU B 230 2.11 52.04 6.64
C LEU B 230 3.57 52.48 6.57
N TYR B 231 4.31 52.00 5.58
CA TYR B 231 5.70 52.47 5.38
C TYR B 231 5.72 53.99 5.24
N PHE B 232 4.73 54.55 4.57
CA PHE B 232 4.70 56.00 4.25
C PHE B 232 4.31 56.79 5.51
N LEU B 233 3.39 56.29 6.31
CA LEU B 233 2.94 57.04 7.50
C LEU B 233 4.01 56.96 8.60
N TYR B 234 4.68 55.83 8.73
CA TYR B 234 5.80 55.69 9.69
C TYR B 234 7.09 56.29 9.11
N GLY B 235 7.11 56.61 7.81
CA GLY B 235 8.28 57.24 7.18
C GLY B 235 9.50 56.35 7.21
N ILE B 236 9.34 55.07 6.92
CA ILE B 236 10.49 54.11 6.90
C ILE B 236 10.72 53.69 5.45
N LYS B 237 10.38 54.54 4.51
CA LYS B 237 10.63 54.23 3.08
C LYS B 237 12.14 54.10 2.87
N PRO B 238 12.66 52.96 2.39
CA PRO B 238 14.07 52.87 2.08
C PRO B 238 14.44 53.68 0.84
N SER B 239 15.71 54.00 0.73
CA SER B 239 16.25 54.69 -0.47
C SER B 239 16.09 53.77 -1.69
N ASP B 240 15.95 54.36 -2.86
CA ASP B 240 15.64 53.62 -4.11
C ASP B 240 16.81 52.72 -4.50
N ASP B 241 17.99 52.93 -3.95
CA ASP B 241 19.19 52.12 -4.29
C ASP B 241 19.23 50.81 -3.50
N LEU B 242 18.42 50.67 -2.45
CA LEU B 242 18.40 49.42 -1.65
C LEU B 242 17.62 48.37 -2.43
N VAL B 243 18.31 47.63 -3.26
CA VAL B 243 17.66 46.63 -4.17
C VAL B 243 18.38 45.30 -4.03
N ILE B 244 17.70 44.25 -4.46
CA ILE B 244 18.20 42.86 -4.37
C ILE B 244 18.01 42.22 -5.73
N PRO B 245 18.87 41.28 -6.15
CA PRO B 245 18.60 40.52 -7.36
C PRO B 245 17.34 39.68 -7.21
N TYR B 246 16.64 39.50 -8.31
CA TYR B 246 15.32 38.81 -8.30
C TYR B 246 15.29 37.64 -9.26
N ARG B 247 15.91 37.76 -10.42
CA ARG B 247 15.83 36.68 -11.42
C ARG B 247 16.94 36.90 -12.44
N LEU B 248 17.63 35.83 -12.80
CA LEU B 248 18.61 35.85 -13.90
C LEU B 248 17.86 35.80 -15.24
N ARG B 249 17.97 36.85 -16.03
CA ARG B 249 17.29 36.94 -17.34
C ARG B 249 17.99 35.99 -18.29
N SER B 250 17.71 34.70 -18.14
CA SER B 250 18.42 33.64 -18.87
C SER B 250 18.12 33.68 -20.37
N GLU B 251 17.03 34.30 -20.79
CA GLU B 251 16.68 34.34 -22.24
C GLU B 251 17.71 35.17 -23.01
N LEU B 252 18.33 36.15 -22.36
CA LEU B 252 19.30 37.05 -23.06
C LEU B 252 20.61 36.32 -23.29
N GLU B 253 21.35 36.73 -24.31
CA GLU B 253 22.67 36.14 -24.63
C GLU B 253 23.71 36.60 -23.62
N ASN B 254 23.72 37.87 -23.26
CA ASN B 254 24.70 38.40 -22.28
C ASN B 254 24.13 38.26 -20.87
N ILE B 255 25.01 38.28 -19.89
CA ILE B 255 24.59 38.14 -18.47
C ILE B 255 23.89 39.44 -18.04
N GLU B 256 22.70 39.30 -17.48
CA GLU B 256 21.96 40.46 -16.95
C GLU B 256 21.03 39.98 -15.83
N TYR B 257 20.83 40.83 -14.86
CA TYR B 257 20.00 40.52 -13.67
C TYR B 257 18.90 41.57 -13.56
N SER B 258 17.73 41.11 -13.18
CA SER B 258 16.61 41.99 -12.79
C SER B 258 16.71 42.27 -11.31
N GLN B 259 16.06 43.33 -10.87
CA GLN B 259 16.15 43.76 -9.46
C GLN B 259 14.77 44.08 -8.95
N LEU B 260 14.62 44.04 -7.63
CA LEU B 260 13.37 44.45 -6.97
C LEU B 260 13.71 45.25 -5.73
N ASN B 261 12.91 46.26 -5.44
CA ASN B 261 13.07 47.06 -4.21
C ASN B 261 12.81 46.16 -3.00
N ILE B 262 13.50 46.45 -1.90
CA ILE B 262 13.37 45.65 -0.66
C ILE B 262 11.93 45.71 -0.15
N VAL B 263 11.29 46.85 -0.26
CA VAL B 263 9.90 47.00 0.24
C VAL B 263 8.98 46.02 -0.51
N ASP B 264 9.10 45.96 -1.83
CA ASP B 264 8.21 45.10 -2.64
C ASP B 264 8.40 43.65 -2.23
N LEU B 265 9.64 43.21 -2.05
CA LEU B 265 9.93 41.78 -1.74
C LEU B 265 9.30 41.42 -0.39
N LEU B 266 9.40 42.30 0.60
CA LEU B 266 8.86 42.01 1.95
C LEU B 266 7.33 41.92 1.88
N VAL B 267 6.70 42.92 1.29
CA VAL B 267 5.23 43.06 1.37
C VAL B 267 4.56 41.99 0.50
N SER B 268 5.13 41.73 -0.68
CA SER B 268 4.42 40.93 -1.71
C SER B 268 4.11 39.53 -1.18
N GLY B 269 4.97 38.97 -0.32
CA GLY B 269 4.72 37.62 0.20
C GLY B 269 4.96 36.54 -0.85
N GLY B 270 4.78 35.29 -0.46
CA GLY B 270 5.13 34.12 -1.28
C GLY B 270 6.33 33.35 -0.73
N ILE B 271 7.14 32.78 -1.61
CA ILE B 271 8.27 31.91 -1.21
C ILE B 271 9.59 32.70 -1.19
N ASP B 272 9.73 33.68 -2.07
CA ASP B 272 11.00 34.41 -2.26
C ASP B 272 11.50 35.00 -0.95
N PRO B 273 10.70 35.73 -0.14
CA PRO B 273 11.24 36.33 1.07
C PRO B 273 11.88 35.34 2.06
N LYS B 274 11.47 34.08 2.02
CA LYS B 274 12.08 33.05 2.89
C LYS B 274 13.55 32.85 2.53
N PHE B 275 13.97 33.21 1.35
CA PHE B 275 15.40 33.13 0.95
C PHE B 275 16.18 34.39 1.33
N ILE B 276 15.52 35.41 1.84
CA ILE B 276 16.21 36.64 2.33
C ILE B 276 16.11 36.71 3.85
N ASN B 277 14.94 36.43 4.41
CA ASN B 277 14.68 36.63 5.84
C ASN B 277 15.04 35.35 6.58
N THR B 278 16.28 34.89 6.42
CA THR B 278 16.77 33.65 7.05
C THR B 278 17.17 33.94 8.49
N ASP B 279 17.82 32.99 9.16
CA ASP B 279 18.34 33.19 10.53
C ASP B 279 19.58 32.34 10.71
N PRO B 280 20.79 32.92 10.89
CA PRO B 280 21.03 34.36 11.01
C PRO B 280 20.93 35.12 9.69
N TYR B 281 20.68 36.42 9.73
CA TYR B 281 20.62 37.25 8.50
C TYR B 281 21.95 37.15 7.75
N TRP B 282 21.89 36.94 6.45
CA TRP B 282 23.10 36.94 5.59
C TRP B 282 23.15 38.19 4.70
N PHE B 283 22.02 38.86 4.49
CA PHE B 283 21.97 40.12 3.73
C PHE B 283 21.74 41.25 4.73
N THR B 284 22.62 42.24 4.72
CA THR B 284 22.52 43.40 5.63
C THR B 284 22.73 44.69 4.87
N ASP B 285 22.21 45.77 5.43
CA ASP B 285 22.54 47.13 4.97
C ASP B 285 22.30 48.11 6.11
N ASN B 286 22.89 49.29 5.96
CA ASN B 286 22.77 50.39 6.96
C ASN B 286 21.30 50.75 7.21
N TYR B 287 20.41 50.53 6.23
CA TYR B 287 18.99 50.95 6.37
C TYR B 287 18.38 50.33 7.63
N PHE B 288 18.55 49.02 7.80
CA PHE B 288 17.93 48.30 8.94
C PHE B 288 18.43 48.92 10.24
N SER B 289 19.74 49.03 10.42
CA SER B 289 20.31 49.59 11.66
C SER B 289 19.87 51.06 11.80
N ASN B 290 19.94 51.81 10.71
CA ASN B 290 19.57 53.24 10.74
C ASN B 290 18.08 53.38 11.10
N ALA B 291 17.22 52.54 10.53
CA ALA B 291 15.76 52.65 10.69
C ALA B 291 15.40 52.54 12.17
N LYS B 292 15.98 51.56 12.87
CA LYS B 292 15.62 51.31 14.28
C LYS B 292 16.00 52.52 15.13
N LYS B 293 17.17 53.10 14.88
CA LYS B 293 17.67 54.23 15.71
C LYS B 293 16.68 55.41 15.62
N VAL B 294 16.27 55.76 14.41
CA VAL B 294 15.48 57.00 14.20
C VAL B 294 14.16 56.89 14.97
N PHE B 295 13.58 55.70 15.02
CA PHE B 295 12.29 55.50 15.72
C PHE B 295 12.45 55.82 17.20
N GLU B 296 13.55 55.40 17.81
CA GLU B 296 13.78 55.64 19.25
C GLU B 296 13.87 57.14 19.54
N ASP B 297 14.52 57.91 18.67
CA ASP B 297 14.65 59.37 18.87
C ASP B 297 13.28 60.05 18.96
N HIS B 298 12.36 59.73 18.06
CA HIS B 298 11.00 60.34 18.06
C HIS B 298 10.20 59.80 19.24
N ARG B 299 10.49 58.58 19.68
CA ARG B 299 9.82 58.03 20.87
C ARG B 299 10.16 58.95 22.04
N ASN B 300 11.44 59.23 22.23
CA ASN B 300 11.90 60.00 23.42
C ASN B 300 11.29 61.40 23.39
N ILE B 301 11.33 62.07 22.24
CA ILE B 301 10.80 63.45 22.14
C ILE B 301 9.29 63.41 22.41
N TYR B 302 8.62 62.35 22.01
CA TYR B 302 7.16 62.22 22.28
C TYR B 302 6.91 62.18 23.78
N GLU B 303 7.75 61.48 24.53
CA GLU B 303 7.57 61.34 26.01
C GLU B 303 7.63 62.71 26.67
N THR B 304 8.19 63.72 26.02
CA THR B 304 8.09 65.13 26.48
C THR B 304 6.88 65.81 25.84
N GLN B 305 6.39 65.29 24.72
CA GLN B 305 5.21 65.85 24.02
C GLN B 305 3.90 65.31 24.62
N ILE B 306 3.94 64.31 25.48
CA ILE B 306 2.71 63.66 26.02
C ILE B 306 1.83 64.73 26.67
N GLU B 307 2.44 65.77 27.25
CA GLU B 307 1.70 66.88 27.88
C GLU B 307 1.60 68.05 26.90
N GLY B 308 0.56 68.85 27.07
CA GLY B 308 0.34 70.04 26.23
C GLY B 308 -0.94 70.75 26.56
N ILE B 312 -2.31 69.45 23.07
CA ILE B 312 -3.31 70.34 22.41
C ILE B 312 -4.67 69.64 22.40
N GLY B 313 -4.68 68.30 22.38
CA GLY B 313 -5.92 67.53 22.43
C GLY B 313 -5.69 66.04 22.38
N ASN B 314 -6.56 65.29 23.04
CA ASN B 314 -6.49 63.80 23.06
C ASN B 314 -6.63 63.26 21.63
N ASP B 315 -7.25 64.02 20.73
CA ASP B 315 -7.37 63.59 19.32
C ASP B 315 -5.99 63.37 18.71
N ILE B 316 -4.97 64.02 19.25
CA ILE B 316 -3.58 63.92 18.70
C ILE B 316 -2.68 63.28 19.76
N LYS B 317 -2.56 63.92 20.92
CA LYS B 317 -1.64 63.45 21.99
C LYS B 317 -1.93 61.98 22.32
N LEU B 318 -3.20 61.65 22.54
CA LEU B 318 -3.57 60.26 22.88
C LEU B 318 -3.39 59.36 21.66
N ARG B 319 -3.62 59.89 20.46
CA ARG B 319 -3.54 59.08 19.22
C ARG B 319 -2.10 58.59 19.02
N LEU B 320 -1.11 59.45 19.27
CA LEU B 320 0.30 59.06 19.04
C LEU B 320 0.68 57.88 19.94
N LYS B 321 0.04 57.73 21.09
CA LYS B 321 0.38 56.63 22.01
C LYS B 321 0.19 55.28 21.31
N GLN B 322 -0.91 55.12 20.60
CA GLN B 322 -1.18 53.85 19.89
C GLN B 322 -0.11 53.62 18.83
N LYS B 323 0.33 54.68 18.15
CA LYS B 323 1.33 54.54 17.07
C LYS B 323 2.64 53.96 17.64
N PHE B 324 3.07 54.45 18.80
CA PHE B 324 4.37 54.04 19.39
C PHE B 324 4.28 52.66 20.02
N ARG B 325 3.09 52.12 20.26
CA ARG B 325 2.95 50.78 20.90
C ARG B 325 3.63 49.72 20.03
N ILE B 326 3.37 49.75 18.72
CA ILE B 326 3.95 48.75 17.79
C ILE B 326 5.41 49.12 17.56
N ASN B 327 6.22 48.10 17.27
CA ASN B 327 7.66 48.28 16.96
C ASN B 327 7.88 48.08 15.46
N ILE B 328 8.87 48.76 14.92
CA ILE B 328 9.16 48.71 13.46
C ILE B 328 9.46 47.27 13.05
N ASN B 329 10.09 46.49 13.92
CA ASN B 329 10.42 45.09 13.57
C ASN B 329 9.14 44.35 13.16
N ASP B 330 8.02 44.64 13.80
CA ASP B 330 6.73 44.00 13.46
C ASP B 330 6.30 44.37 12.05
N ILE B 331 6.45 45.63 11.67
CA ILE B 331 6.01 46.09 10.32
C ILE B 331 6.85 45.37 9.27
N TRP B 332 8.15 45.23 9.50
CA TRP B 332 9.03 44.49 8.56
C TRP B 332 8.57 43.04 8.43
N GLU B 333 7.81 42.53 9.40
CA GLU B 333 7.37 41.11 9.38
C GLU B 333 6.05 40.94 8.64
N LEU B 334 5.19 41.96 8.59
CA LEU B 334 3.88 41.85 7.88
C LEU B 334 4.11 41.46 6.42
N ASN B 335 3.28 40.55 5.94
CA ASN B 335 3.36 40.08 4.55
C ASN B 335 2.08 39.35 4.19
N LEU B 336 1.87 39.11 2.91
CA LEU B 336 0.57 38.58 2.44
C LEU B 336 0.38 37.15 2.94
N ASN B 337 1.44 36.37 3.08
CA ASN B 337 1.30 34.96 3.51
C ASN B 337 0.49 34.90 4.80
N TYR B 338 0.64 35.88 5.67
CA TYR B 338 -0.13 35.92 6.93
C TYR B 338 -1.62 36.01 6.63
N PHE B 339 -2.00 36.87 5.69
CA PHE B 339 -3.44 37.18 5.45
C PHE B 339 -4.12 36.03 4.70
N SER B 340 -3.42 35.38 3.79
CA SER B 340 -3.99 34.24 3.03
C SER B 340 -4.48 33.17 4.02
N LYS B 341 -3.70 32.91 5.06
CA LYS B 341 -4.10 31.94 6.10
C LYS B 341 -5.38 32.42 6.79
N GLU B 342 -5.45 33.71 7.10
CA GLU B 342 -6.61 34.27 7.83
C GLU B 342 -7.87 34.13 6.99
N PHE B 343 -7.80 34.52 5.73
CA PHE B 343 -9.00 34.53 4.83
C PHE B 343 -9.07 33.25 4.01
N SER B 344 -8.11 32.34 4.13
CA SER B 344 -8.06 31.10 3.32
C SER B 344 -8.17 31.45 1.83
N ILE B 345 -7.46 32.49 1.39
CA ILE B 345 -7.46 32.92 -0.02
C ILE B 345 -6.24 32.35 -0.71
N MET B 346 -6.44 31.68 -1.83
CA MET B 346 -5.31 31.20 -2.65
C MET B 346 -4.79 32.33 -3.51
N MET B 347 -3.49 32.32 -3.82
CA MET B 347 -2.85 33.36 -4.64
C MET B 347 -1.57 32.81 -5.22
N PRO B 348 -1.03 33.42 -6.29
CA PRO B 348 0.27 32.99 -6.82
C PRO B 348 1.39 33.27 -5.79
N ASP B 349 2.41 32.42 -5.81
CA ASP B 349 3.36 32.30 -4.67
C ASP B 349 4.80 32.41 -5.14
N ARG B 350 5.13 31.91 -6.33
CA ARG B 350 6.51 31.94 -6.86
C ARG B 350 6.68 33.09 -7.84
N PHE B 351 7.70 33.90 -7.65
CA PHE B 351 8.07 35.00 -8.56
C PHE B 351 6.84 35.85 -8.87
N ASN B 352 6.00 36.08 -7.87
CA ASN B 352 4.70 36.72 -8.12
C ASN B 352 4.85 38.21 -8.45
N ASN B 353 6.05 38.72 -8.64
CA ASN B 353 6.26 40.12 -9.09
C ASN B 353 6.80 40.15 -10.52
N ALA B 354 7.02 39.01 -11.16
CA ALA B 354 7.50 38.98 -12.55
C ALA B 354 6.62 38.09 -13.43
N LEU B 355 5.33 37.95 -13.10
CA LEU B 355 4.46 37.00 -13.84
C LEU B 355 4.30 37.43 -15.29
N LYS B 356 4.46 38.72 -15.57
CA LYS B 356 4.32 39.23 -16.95
C LYS B 356 5.26 38.48 -17.89
N HIS B 357 6.39 37.98 -17.40
CA HIS B 357 7.36 37.26 -18.25
C HIS B 357 6.85 35.85 -18.60
N PHE B 358 6.11 35.22 -17.68
CA PHE B 358 5.90 33.75 -17.74
C PHE B 358 4.70 33.41 -18.60
N TYR B 359 3.60 34.15 -18.49
CA TYR B 359 2.38 33.81 -19.27
C TYR B 359 1.54 35.06 -19.48
N ARG B 360 0.66 35.01 -20.47
CA ARG B 360 -0.24 36.13 -20.81
C ARG B 360 -1.53 36.01 -20.00
N LYS B 361 -2.07 37.15 -19.60
CA LYS B 361 -3.24 37.20 -18.69
C LYS B 361 -4.50 37.57 -19.48
N GLN B 362 -5.56 36.79 -19.29
CA GLN B 362 -6.90 37.06 -19.84
C GLN B 362 -7.77 37.59 -18.71
N TYR B 363 -8.54 38.62 -18.99
CA TYR B 363 -9.30 39.37 -17.96
C TYR B 363 -10.74 38.88 -17.92
N TYR B 364 -11.35 38.97 -16.75
CA TYR B 364 -12.77 38.65 -16.51
C TYR B 364 -13.41 39.81 -15.78
N LYS B 365 -14.73 39.86 -15.81
CA LYS B 365 -15.49 40.98 -15.21
C LYS B 365 -16.10 40.54 -13.87
N ILE B 366 -16.31 41.52 -13.00
CA ILE B 366 -16.93 41.30 -11.67
C ILE B 366 -18.07 42.29 -11.50
N ASP B 367 -19.14 41.85 -10.86
CA ASP B 367 -20.32 42.70 -10.56
C ASP B 367 -20.63 42.60 -9.08
N TYR B 368 -20.74 43.73 -8.41
CA TYR B 368 -21.11 43.79 -6.98
C TYR B 368 -22.60 44.11 -6.88
N PRO B 369 -23.41 43.41 -6.06
CA PRO B 369 -23.04 42.21 -5.31
C PRO B 369 -23.45 40.88 -5.99
N GLU B 370 -23.59 40.89 -7.30
CA GLU B 370 -24.10 39.70 -8.04
C GLU B 370 -23.10 38.55 -7.89
N ASN B 371 -21.80 38.83 -8.01
CA ASN B 371 -20.75 37.79 -7.98
C ASN B 371 -19.91 37.87 -6.71
N TYR B 372 -19.81 39.03 -6.08
CA TYR B 372 -18.92 39.23 -4.90
C TYR B 372 -19.72 39.88 -3.78
N SER B 373 -19.55 39.38 -2.57
CA SER B 373 -20.29 39.86 -1.38
C SER B 373 -19.37 39.87 -0.17
N ILE B 374 -19.94 40.04 1.01
CA ILE B 374 -19.17 40.09 2.28
C ILE B 374 -18.42 38.77 2.49
N ASN B 375 -18.89 37.69 1.88
CA ASN B 375 -18.23 36.37 2.04
C ASN B 375 -17.37 36.03 0.83
N GLY B 376 -16.90 37.02 0.08
CA GLY B 376 -16.00 36.78 -1.06
C GLY B 376 -16.76 36.34 -2.30
N PHE B 377 -16.10 35.61 -3.18
CA PHE B 377 -16.74 35.15 -4.43
C PHE B 377 -17.96 34.30 -4.11
N VAL B 378 -19.03 34.51 -4.87
CA VAL B 378 -20.23 33.65 -4.81
C VAL B 378 -19.86 32.28 -5.36
N ASN B 379 -20.09 31.24 -4.55
CA ASN B 379 -19.84 29.83 -4.91
C ASN B 379 -18.35 29.48 -4.77
N GLY B 380 -17.55 30.36 -4.16
CA GLY B 380 -16.12 30.12 -3.89
C GLY B 380 -15.20 30.70 -4.96
N GLN B 381 -13.91 30.38 -4.86
CA GLN B 381 -12.87 31.01 -5.70
C GLN B 381 -12.56 30.14 -6.92
N ILE B 382 -13.18 28.97 -7.05
CA ILE B 382 -12.93 28.08 -8.21
C ILE B 382 -14.19 27.90 -9.05
N ASN B 383 -15.38 28.00 -8.46
CA ASN B 383 -16.64 27.70 -9.17
C ASN B 383 -17.37 28.98 -9.58
N VAL B 384 -16.98 30.14 -9.07
CA VAL B 384 -17.63 31.41 -9.45
C VAL B 384 -17.71 31.48 -10.99
N GLN B 385 -18.89 31.84 -11.50
CA GLN B 385 -19.14 31.86 -12.95
C GLN B 385 -19.01 33.30 -13.46
N LEU B 386 -17.83 33.63 -13.96
CA LEU B 386 -17.58 35.00 -14.49
C LEU B 386 -17.68 34.99 -16.02
N SER B 387 -17.74 36.19 -16.59
CA SER B 387 -17.83 36.40 -18.05
C SER B 387 -16.57 37.12 -18.53
N LEU B 388 -16.00 36.66 -19.64
CA LEU B 388 -14.78 37.28 -20.21
C LEU B 388 -15.05 38.77 -20.46
N SER B 389 -14.08 39.60 -20.13
CA SER B 389 -14.13 41.05 -20.42
C SER B 389 -14.07 41.26 -21.93
N ASP B 390 -14.68 42.35 -22.39
CA ASP B 390 -14.65 42.74 -23.82
C ASP B 390 -13.39 43.55 -24.14
N ARG B 391 -12.59 43.90 -23.14
CA ARG B 391 -11.37 44.73 -23.36
C ARG B 391 -10.14 43.86 -23.60
N ASN B 392 -10.30 42.54 -23.71
CA ASN B 392 -9.16 41.63 -23.97
C ASN B 392 -8.61 41.85 -25.38
N GLN B 393 -9.33 42.55 -26.25
CA GLN B 393 -8.91 42.67 -27.66
C GLN B 393 -7.87 43.79 -27.86
N ASP B 394 -7.62 44.63 -26.86
CA ASP B 394 -6.75 45.81 -27.03
C ASP B 394 -5.72 45.87 -25.90
N ILE B 395 -5.06 44.76 -25.64
CA ILE B 395 -3.89 44.76 -24.71
C ILE B 395 -2.66 45.16 -25.51
N ILE B 396 -1.83 46.01 -24.95
CA ILE B 396 -0.61 46.49 -25.66
C ILE B 396 0.47 45.41 -25.56
N ASN B 397 0.94 44.94 -26.70
CA ASN B 397 2.00 43.91 -26.76
C ASN B 397 3.30 44.55 -27.26
N LYS B 398 4.38 44.42 -26.51
CA LYS B 398 5.72 44.95 -26.88
C LYS B 398 6.76 43.91 -26.49
N PRO B 399 7.18 43.04 -27.44
CA PRO B 399 8.13 41.98 -27.10
C PRO B 399 9.47 42.55 -26.59
N GLU B 400 10.05 41.83 -25.62
CA GLU B 400 11.43 42.11 -25.16
C GLU B 400 12.45 41.54 -26.16
N GLU B 401 12.02 40.66 -27.05
CA GLU B 401 12.95 40.02 -28.01
C GLU B 401 12.13 39.21 -29.01
N ILE B 402 12.67 39.09 -30.21
CA ILE B 402 12.04 38.28 -31.28
C ILE B 402 13.01 37.18 -31.66
N ILE B 403 12.53 35.95 -31.69
CA ILE B 403 13.34 34.79 -32.11
C ILE B 403 12.94 34.42 -33.52
N ASN B 404 13.81 34.74 -34.46
CA ASN B 404 13.57 34.45 -35.89
C ASN B 404 14.18 33.10 -36.23
N LEU B 405 13.35 32.17 -36.68
CA LEU B 405 13.81 30.80 -37.02
C LEU B 405 14.05 30.75 -38.53
N LEU B 406 15.27 30.41 -38.92
CA LEU B 406 15.68 30.42 -40.33
C LEU B 406 15.86 28.98 -40.82
N ASN B 407 15.44 28.74 -42.05
CA ASN B 407 15.62 27.41 -42.71
C ASN B 407 17.04 27.33 -43.27
N GLY B 408 17.31 26.30 -44.08
CA GLY B 408 18.60 26.11 -44.76
C GLY B 408 18.92 27.24 -45.73
N ASN B 409 17.90 27.94 -46.23
CA ASN B 409 18.08 29.00 -47.25
C ASN B 409 18.00 30.40 -46.61
N ASN B 410 18.01 30.48 -45.27
CA ASN B 410 17.98 31.78 -44.55
C ASN B 410 16.66 32.50 -44.84
N VAL B 411 15.56 31.77 -44.71
CA VAL B 411 14.20 32.32 -44.83
C VAL B 411 13.48 32.10 -43.50
N SER B 412 12.85 33.15 -42.98
CA SER B 412 12.18 33.12 -41.66
C SER B 412 11.00 32.14 -41.72
N LEU B 413 11.14 30.98 -41.09
CA LEU B 413 10.01 30.00 -40.99
C LEU B 413 8.97 30.53 -40.00
N MET B 414 9.39 31.23 -38.97
CA MET B 414 8.47 31.72 -37.93
C MET B 414 9.24 32.67 -36.99
N ARG B 415 8.53 33.63 -36.43
CA ARG B 415 9.10 34.52 -35.40
C ARG B 415 8.22 34.49 -34.17
N SER B 416 8.81 34.19 -33.02
CA SER B 416 8.11 34.15 -31.72
C SER B 416 8.52 35.35 -30.85
N ASN B 417 7.65 35.73 -29.93
CA ASN B 417 7.87 36.91 -29.09
C ASN B 417 8.09 36.48 -27.65
N ILE B 418 9.05 37.10 -26.98
CA ILE B 418 9.31 36.86 -25.54
C ILE B 418 9.15 38.19 -24.83
N TYR B 419 8.38 38.21 -23.76
CA TYR B 419 8.03 39.47 -23.07
C TYR B 419 8.76 39.56 -21.74
N GLY B 420 9.29 40.73 -21.45
CA GLY B 420 10.02 40.96 -20.20
C GLY B 420 9.10 41.24 -19.03
N ASP B 421 9.63 41.03 -17.84
CA ASP B 421 8.88 41.23 -16.58
C ASP B 421 8.69 42.73 -16.32
N GLY B 422 9.48 43.59 -16.96
CA GLY B 422 9.35 45.05 -16.82
C GLY B 422 10.00 45.59 -15.55
N LEU B 423 10.88 44.83 -14.90
CA LEU B 423 11.62 45.32 -13.71
C LEU B 423 12.95 45.93 -14.14
N LYS B 424 13.58 46.65 -13.22
CA LYS B 424 14.91 47.26 -13.43
C LYS B 424 15.94 46.16 -13.70
N SER B 425 16.87 46.44 -14.61
CA SER B 425 17.93 45.48 -14.99
C SER B 425 19.29 46.09 -14.71
N THR B 426 20.23 45.27 -14.26
CA THR B 426 21.63 45.67 -14.03
C THR B 426 22.55 44.59 -14.56
N VAL B 427 23.66 45.00 -15.17
CA VAL B 427 24.62 44.06 -15.79
C VAL B 427 25.70 43.65 -14.79
N ASP B 428 25.92 44.43 -13.74
CA ASP B 428 26.95 44.12 -12.72
C ASP B 428 26.58 42.85 -11.96
N ASP B 429 27.59 42.05 -11.63
CA ASP B 429 27.39 40.83 -10.81
C ASP B 429 27.27 41.25 -9.35
N PHE B 430 26.07 41.18 -8.81
CA PHE B 430 25.80 41.60 -7.41
C PHE B 430 26.52 40.66 -6.45
N TYR B 431 26.39 39.35 -6.68
CA TYR B 431 26.92 38.34 -5.72
C TYR B 431 28.44 38.44 -5.65
N SER B 432 29.09 38.60 -6.79
CA SER B 432 30.58 38.64 -6.85
C SER B 432 31.11 39.89 -6.14
N ASN B 433 30.28 40.89 -5.90
CA ASN B 433 30.73 42.18 -5.31
C ASN B 433 30.12 42.40 -3.92
N TYR B 434 29.49 41.39 -3.34
CA TYR B 434 28.91 41.53 -1.98
C TYR B 434 29.80 40.79 -1.00
N LYS B 435 30.24 41.50 0.02
CA LYS B 435 31.15 40.95 1.05
C LYS B 435 30.33 40.60 2.28
N ILE B 436 30.27 39.31 2.61
CA ILE B 436 29.44 38.81 3.72
C ILE B 436 30.06 39.29 5.02
N PRO B 437 29.34 40.08 5.85
CA PRO B 437 29.94 40.64 7.05
C PRO B 437 30.28 39.56 8.09
N TYR B 438 31.29 39.86 8.91
CA TYR B 438 31.70 39.00 10.05
C TYR B 438 31.14 39.57 11.34
N ASN B 439 31.49 40.80 11.67
CA ASN B 439 31.07 41.43 12.95
C ASN B 439 29.54 41.51 12.98
N ARG B 440 28.93 41.93 11.87
CA ARG B 440 27.46 42.12 11.80
C ARG B 440 26.81 40.91 11.15
N LEU B 454 0.97 42.03 15.21
CA LEU B 454 -0.08 43.05 15.50
C LEU B 454 -0.89 42.62 16.73
N ASP B 455 -0.22 42.12 17.76
CA ASP B 455 -0.90 41.61 18.97
C ASP B 455 -1.38 42.78 19.83
N ASN B 456 -0.60 43.85 19.92
CA ASN B 456 -0.87 44.94 20.90
C ASN B 456 -1.57 46.12 20.21
N VAL B 457 -2.39 45.86 19.20
CA VAL B 457 -3.12 46.95 18.50
C VAL B 457 -4.20 47.50 19.43
N ASN B 458 -4.93 46.62 20.13
CA ASN B 458 -5.97 47.03 21.10
C ASN B 458 -7.02 47.88 20.38
N ILE B 459 -7.79 47.23 19.50
CA ILE B 459 -8.84 47.87 18.69
C ILE B 459 -9.72 48.73 19.60
N GLY B 460 -9.97 48.26 20.82
CA GLY B 460 -10.89 48.94 21.75
C GLY B 460 -10.46 50.37 22.02
N VAL B 461 -9.19 50.56 22.35
CA VAL B 461 -8.70 51.90 22.76
C VAL B 461 -8.84 52.87 21.58
N ILE B 462 -8.45 52.44 20.39
CA ILE B 462 -8.46 53.34 19.20
C ILE B 462 -9.91 53.79 18.92
N ASP B 463 -10.88 52.90 19.11
CA ASP B 463 -12.29 53.23 18.80
C ASP B 463 -12.76 54.39 19.68
N ASN B 464 -12.18 54.55 20.86
CA ASN B 464 -12.65 55.57 21.83
C ASN B 464 -11.96 56.92 21.61
N ILE B 465 -10.97 57.00 20.72
CA ILE B 465 -10.24 58.27 20.49
C ILE B 465 -11.18 59.23 19.78
N PRO B 466 -11.46 60.43 20.35
CA PRO B 466 -12.28 61.41 19.66
C PRO B 466 -11.63 61.85 18.34
N GLU B 467 -12.47 62.11 17.35
CA GLU B 467 -12.01 62.56 16.01
C GLU B 467 -11.45 63.98 16.11
N ILE B 468 -10.59 64.32 15.16
CA ILE B 468 -9.94 65.66 15.14
C ILE B 468 -10.97 66.68 14.66
N ILE B 469 -11.11 67.76 15.43
CA ILE B 469 -12.08 68.85 15.09
C ILE B 469 -11.35 69.97 14.36
N ASP B 470 -10.25 70.44 14.91
CA ASP B 470 -9.49 71.58 14.35
C ASP B 470 -8.05 71.17 14.13
N VAL B 471 -7.40 71.84 13.19
CA VAL B 471 -5.97 71.57 12.84
C VAL B 471 -5.24 72.90 12.70
N ASN B 472 -3.91 72.83 12.77
CA ASN B 472 -3.01 73.96 12.50
C ASN B 472 -2.23 73.65 11.24
N PRO B 473 -2.70 74.11 10.05
CA PRO B 473 -2.07 73.72 8.80
C PRO B 473 -0.59 74.11 8.72
N TYR B 474 0.19 73.28 8.04
CA TYR B 474 1.63 73.51 7.80
C TYR B 474 1.86 73.70 6.31
N LYS B 475 2.94 74.40 5.97
CA LYS B 475 3.20 74.81 4.58
C LYS B 475 3.89 73.69 3.79
N GLU B 476 3.84 73.81 2.46
CA GLU B 476 4.67 72.99 1.54
C GLU B 476 4.45 71.49 1.82
N ASN B 477 3.20 71.08 1.92
CA ASN B 477 2.86 69.64 2.04
C ASN B 477 2.79 69.01 0.65
N CYS B 478 2.62 69.81 -0.40
CA CYS B 478 2.31 69.32 -1.76
C CYS B 478 3.58 69.29 -2.59
N ASP B 479 4.03 68.09 -2.94
CA ASP B 479 5.16 67.91 -3.88
C ASP B 479 4.60 67.71 -5.27
N LYS B 480 5.14 68.47 -6.23
CA LYS B 480 4.69 68.38 -7.64
C LYS B 480 4.86 66.93 -8.13
N PHE B 481 3.82 66.41 -8.76
CA PHE B 481 3.83 65.01 -9.27
C PHE B 481 4.11 65.02 -10.77
N SER B 482 5.01 64.16 -11.19
CA SER B 482 5.36 63.99 -12.62
C SER B 482 5.36 62.50 -12.95
N PRO B 483 4.44 62.03 -13.82
CA PRO B 483 4.38 60.61 -14.12
C PRO B 483 5.68 60.13 -14.78
N VAL B 484 6.09 58.92 -14.43
CA VAL B 484 7.31 58.30 -15.01
C VAL B 484 6.92 57.68 -16.36
N GLN B 485 7.63 58.07 -17.41
CA GLN B 485 7.38 57.54 -18.77
C GLN B 485 8.69 56.96 -19.30
N LYS B 486 8.61 55.73 -19.81
CA LYS B 486 9.80 55.01 -20.30
C LYS B 486 9.47 54.35 -21.63
N ILE B 487 10.47 54.25 -22.48
CA ILE B 487 10.34 53.56 -23.79
C ILE B 487 10.80 52.12 -23.62
N THR B 488 10.21 51.23 -24.41
CA THR B 488 10.56 49.80 -24.41
C THR B 488 11.43 49.49 -25.62
N SER B 489 12.58 48.86 -25.37
CA SER B 489 13.53 48.46 -26.43
C SER B 489 13.25 47.02 -26.84
N THR B 490 13.74 46.64 -28.00
CA THR B 490 13.55 45.28 -28.54
C THR B 490 14.84 44.82 -29.21
N ARG B 491 15.19 43.56 -28.99
CA ARG B 491 16.34 42.91 -29.67
C ARG B 491 15.79 42.02 -30.77
N GLU B 492 16.69 41.28 -31.42
CA GLU B 492 16.28 40.20 -32.35
C GLU B 492 17.36 39.15 -32.40
N ILE B 493 17.00 37.94 -32.79
CA ILE B 493 17.93 36.79 -32.80
C ILE B 493 17.63 35.93 -34.02
N ASN B 494 18.66 35.29 -34.52
CA ASN B 494 18.55 34.33 -35.65
C ASN B 494 19.11 32.99 -35.21
N THR B 495 18.48 31.91 -35.65
CA THR B 495 18.88 30.56 -35.21
C THR B 495 18.43 29.53 -36.25
N ASN B 496 18.97 28.32 -36.11
CA ASN B 496 18.58 27.16 -36.94
C ASN B 496 18.10 26.00 -36.06
N ILE B 497 18.11 26.17 -34.74
CA ILE B 497 17.60 25.13 -33.79
C ILE B 497 16.41 25.74 -33.08
N PRO B 498 15.20 25.16 -33.23
CA PRO B 498 14.03 25.76 -32.61
C PRO B 498 14.15 25.85 -31.08
N TRP B 499 13.71 26.96 -30.52
CA TRP B 499 13.62 27.15 -29.07
C TRP B 499 12.33 26.52 -28.56
N PRO B 500 12.21 26.28 -27.23
CA PRO B 500 10.94 25.77 -26.70
C PRO B 500 9.75 26.67 -27.04
N ILE B 501 9.95 27.98 -27.10
CA ILE B 501 8.85 28.92 -27.43
C ILE B 501 8.39 28.68 -28.86
N ASN B 502 9.31 28.32 -29.75
CA ASN B 502 8.93 28.04 -31.15
C ASN B 502 8.00 26.82 -31.22
N TYR B 503 8.33 25.76 -30.49
CA TYR B 503 7.49 24.53 -30.50
C TYR B 503 6.11 24.86 -29.94
N LEU B 504 6.06 25.63 -28.87
CA LEU B 504 4.77 25.92 -28.21
C LEU B 504 3.86 26.70 -29.15
N GLN B 505 4.38 27.67 -29.88
CA GLN B 505 3.56 28.47 -30.82
C GLN B 505 3.05 27.60 -31.97
N ALA B 506 3.69 26.48 -32.28
CA ALA B 506 3.26 25.63 -33.41
C ALA B 506 2.00 24.82 -33.06
N GLN B 507 1.57 24.81 -31.80
CA GLN B 507 0.41 23.99 -31.36
C GLN B 507 -0.89 24.80 -31.35
N ASN B 508 -0.82 26.09 -31.70
CA ASN B 508 -2.04 26.93 -31.79
C ASN B 508 -2.51 26.99 -33.23
N THR B 509 -3.76 27.38 -33.42
CA THR B 509 -4.35 27.54 -34.78
C THR B 509 -5.62 28.35 -34.69
N ASN B 510 -6.07 28.83 -35.84
CA ASN B 510 -7.33 29.62 -35.95
C ASN B 510 -8.35 28.90 -36.84
N ASN B 511 -7.92 28.04 -37.75
CA ASN B 511 -8.88 27.33 -38.64
C ASN B 511 -9.74 26.38 -37.82
N GLU B 512 -11.02 26.29 -38.12
CA GLU B 512 -11.94 25.34 -37.45
C GLU B 512 -11.65 23.92 -37.95
N LYS B 513 -11.19 23.79 -39.19
CA LYS B 513 -10.85 22.48 -39.79
C LYS B 513 -9.34 22.36 -39.88
N PHE B 514 -8.79 21.27 -39.37
CA PHE B 514 -7.32 21.04 -39.37
C PHE B 514 -7.06 19.55 -39.22
N SER B 515 -5.80 19.21 -39.02
CA SER B 515 -5.38 17.81 -38.79
C SER B 515 -4.09 17.79 -37.98
N LEU B 516 -4.01 16.90 -37.01
CA LEU B 516 -2.81 16.78 -36.14
C LEU B 516 -1.67 16.16 -36.94
N SER B 517 -0.46 16.66 -36.71
CA SER B 517 0.78 16.12 -37.33
C SER B 517 1.86 15.98 -36.27
N SER B 518 2.63 14.91 -36.35
CA SER B 518 3.71 14.61 -35.38
C SER B 518 5.07 15.14 -35.88
N ASP B 519 5.11 15.82 -37.03
CA ASP B 519 6.37 16.36 -37.57
C ASP B 519 6.36 17.88 -37.50
N PHE B 520 7.37 18.45 -36.87
CA PHE B 520 7.45 19.91 -36.67
C PHE B 520 7.78 20.63 -37.97
N VAL B 521 8.54 19.99 -38.85
CA VAL B 521 9.02 20.67 -40.09
C VAL B 521 7.82 20.96 -41.00
N GLU B 522 6.90 20.00 -41.15
CA GLU B 522 5.75 20.16 -42.07
C GLU B 522 4.84 21.27 -41.54
N VAL B 523 4.62 21.32 -40.25
CA VAL B 523 3.64 22.26 -39.68
C VAL B 523 4.07 23.68 -40.01
N VAL B 524 5.33 24.00 -39.74
CA VAL B 524 5.83 25.39 -39.94
C VAL B 524 5.92 25.70 -41.44
N SER B 525 6.34 24.74 -42.24
CA SER B 525 6.61 24.96 -43.69
C SER B 525 5.32 24.83 -44.51
N SER B 526 4.20 24.44 -43.92
CA SER B 526 2.93 24.28 -44.67
C SER B 526 2.43 25.64 -45.14
N LYS B 527 1.78 25.65 -46.30
CA LYS B 527 1.21 26.90 -46.89
C LYS B 527 -0.24 27.06 -46.46
N ASP B 528 -1.04 26.01 -46.64
CA ASP B 528 -2.50 26.05 -46.33
C ASP B 528 -2.75 26.32 -44.84
N LYS B 529 -1.80 26.00 -43.96
CA LYS B 529 -1.96 26.14 -42.48
C LYS B 529 -3.09 25.22 -42.01
N SER B 530 -3.22 24.05 -42.64
CA SER B 530 -4.21 23.02 -42.25
C SER B 530 -3.56 21.99 -41.30
N LEU B 531 -2.31 22.18 -40.91
CA LEU B 531 -1.63 21.26 -39.97
C LEU B 531 -1.32 22.00 -38.67
N VAL B 532 -1.45 21.28 -37.56
CA VAL B 532 -1.07 21.78 -36.22
C VAL B 532 -0.23 20.70 -35.54
N TYR B 533 0.87 21.09 -34.94
CA TYR B 533 1.82 20.15 -34.30
C TYR B 533 1.15 19.51 -33.10
N SER B 534 1.39 18.23 -32.89
CA SER B 534 0.83 17.50 -31.73
C SER B 534 1.75 16.36 -31.33
N PHE B 535 1.62 15.90 -30.10
CA PHE B 535 2.39 14.75 -29.57
C PHE B 535 1.49 13.70 -28.93
N LEU B 536 0.20 13.67 -29.25
CA LEU B 536 -0.71 12.62 -28.75
C LEU B 536 -0.64 11.44 -29.70
N SER B 537 0.28 10.53 -29.44
CA SER B 537 0.56 9.41 -30.37
C SER B 537 -0.68 8.51 -30.49
N ASN B 538 -1.27 8.11 -29.37
CA ASN B 538 -2.43 7.20 -29.41
C ASN B 538 -3.63 7.86 -30.11
N VAL B 539 -3.90 9.12 -29.82
CA VAL B 539 -5.07 9.81 -30.42
C VAL B 539 -4.86 9.90 -31.93
N MET B 540 -3.66 10.26 -32.36
CA MET B 540 -3.38 10.33 -33.81
C MET B 540 -3.49 8.94 -34.43
N PHE B 541 -3.00 7.92 -33.73
CA PHE B 541 -3.06 6.54 -34.26
C PHE B 541 -4.53 6.13 -34.46
N TYR B 542 -5.38 6.40 -33.49
CA TYR B 542 -6.81 6.01 -33.55
C TYR B 542 -7.49 6.73 -34.73
N LEU B 543 -7.32 8.04 -34.83
CA LEU B 543 -7.99 8.82 -35.89
C LEU B 543 -7.53 8.32 -37.25
N ASP B 544 -6.32 7.78 -37.36
CA ASP B 544 -5.78 7.34 -38.66
C ASP B 544 -6.26 5.94 -39.03
N SER B 545 -6.82 5.19 -38.09
CA SER B 545 -7.22 3.77 -38.32
C SER B 545 -8.69 3.67 -38.72
N ILE B 546 -9.40 4.79 -38.84
CA ILE B 546 -10.86 4.76 -39.15
C ILE B 546 -11.18 5.69 -40.31
N LYS B 547 -10.21 6.00 -41.15
CA LYS B 547 -10.44 6.91 -42.31
C LYS B 547 -11.40 6.26 -43.31
N ASP B 548 -11.30 4.95 -43.52
CA ASP B 548 -12.04 4.25 -44.60
C ASP B 548 -13.45 3.85 -44.14
N ASN B 549 -13.78 3.99 -42.86
CA ASN B 549 -15.09 3.52 -42.35
C ASN B 549 -16.22 4.39 -42.90
N SER B 550 -17.43 3.84 -42.86
CA SER B 550 -18.66 4.59 -43.22
C SER B 550 -18.89 5.71 -42.22
N PRO B 551 -19.53 6.81 -42.64
CA PRO B 551 -19.73 7.94 -41.75
C PRO B 551 -20.67 7.60 -40.58
N ILE B 552 -20.49 8.29 -39.47
CA ILE B 552 -21.33 8.12 -38.26
C ILE B 552 -22.73 8.67 -38.56
N ASP B 553 -23.75 7.84 -38.36
CA ASP B 553 -25.16 8.26 -38.59
C ASP B 553 -26.09 7.74 -37.50
N THR B 554 -25.57 7.12 -36.45
CA THR B 554 -26.41 6.56 -35.36
C THR B 554 -25.81 6.95 -34.02
N ASP B 555 -26.66 7.28 -33.05
CA ASP B 555 -26.18 7.72 -31.72
C ASP B 555 -25.31 6.62 -31.09
N LYS B 556 -25.62 5.36 -31.35
CA LYS B 556 -24.81 4.26 -30.82
C LYS B 556 -23.39 4.36 -31.38
N LYS B 557 -23.26 4.63 -32.68
CA LYS B 557 -21.92 4.73 -33.28
C LYS B 557 -21.21 6.00 -32.77
N TYR B 558 -21.95 7.05 -32.50
CA TYR B 558 -21.34 8.26 -31.92
C TYR B 558 -20.76 7.97 -30.54
N TYR B 559 -21.49 7.22 -29.72
CA TYR B 559 -21.01 6.89 -28.36
C TYR B 559 -19.71 6.11 -28.44
N LEU B 560 -19.63 5.15 -29.36
CA LEU B 560 -18.39 4.35 -29.48
C LEU B 560 -17.23 5.23 -29.89
N TRP B 561 -17.47 6.14 -30.84
CA TRP B 561 -16.37 7.03 -31.30
C TRP B 561 -15.92 7.93 -30.16
N LEU B 562 -16.87 8.50 -29.43
CA LEU B 562 -16.53 9.46 -28.35
C LEU B 562 -15.75 8.76 -27.24
N ARG B 563 -16.11 7.53 -26.92
CA ARG B 563 -15.42 6.79 -25.84
C ARG B 563 -13.94 6.55 -26.21
N GLU B 564 -13.67 6.15 -27.44
CA GLU B 564 -12.29 5.85 -27.87
C GLU B 564 -11.42 7.11 -27.84
N ILE B 565 -11.97 8.25 -28.20
CA ILE B 565 -11.18 9.50 -28.14
C ILE B 565 -10.79 9.78 -26.69
N PHE B 566 -11.71 9.61 -25.76
CA PHE B 566 -11.42 9.97 -24.36
C PHE B 566 -10.39 9.00 -23.76
N ARG B 567 -10.53 7.71 -24.02
CA ARG B 567 -9.58 6.75 -23.40
C ARG B 567 -8.18 6.98 -23.95
N ASN B 568 -8.05 7.17 -25.26
CA ASN B 568 -6.73 7.38 -25.87
C ASN B 568 -6.08 8.68 -25.35
N TYR B 569 -6.86 9.72 -25.19
CA TYR B 569 -6.33 11.00 -24.70
C TYR B 569 -5.78 10.85 -23.28
N SER B 570 -6.48 10.12 -22.43
CA SER B 570 -6.07 9.97 -21.02
C SER B 570 -4.77 9.15 -20.95
N PHE B 571 -4.64 8.11 -21.75
CA PHE B 571 -3.40 7.31 -21.75
C PHE B 571 -2.21 8.15 -22.21
N ASP B 572 -2.40 8.97 -23.24
CA ASP B 572 -1.30 9.78 -23.78
C ASP B 572 -0.84 10.82 -22.76
N ILE B 573 -1.76 11.48 -22.11
CA ILE B 573 -1.41 12.70 -21.35
C ILE B 573 -0.86 12.30 -19.99
N THR B 574 -1.21 11.14 -19.45
CA THR B 574 -0.83 10.79 -18.05
C THR B 574 0.30 9.77 -18.03
N ALA B 575 0.99 9.55 -19.15
CA ALA B 575 2.08 8.56 -19.19
C ALA B 575 3.24 9.02 -18.28
N THR B 576 3.80 8.10 -17.51
CA THR B 576 5.00 8.37 -16.67
C THR B 576 5.86 7.13 -16.56
N GLN B 577 7.07 7.31 -16.06
CA GLN B 577 8.01 6.21 -15.78
C GLN B 577 8.75 6.50 -14.49
N GLU B 578 9.24 5.44 -13.85
CA GLU B 578 9.88 5.53 -12.52
C GLU B 578 11.38 5.33 -12.71
N ILE B 579 12.16 6.25 -12.16
CA ILE B 579 13.64 6.21 -12.21
C ILE B 579 14.12 6.22 -10.78
N ASN B 580 15.02 5.30 -10.47
CA ASN B 580 15.74 5.30 -9.18
C ASN B 580 16.98 6.17 -9.34
N THR B 581 17.09 7.21 -8.53
CA THR B 581 18.24 8.13 -8.56
C THR B 581 18.93 8.13 -7.21
N ASP B 582 20.18 8.57 -7.20
CA ASP B 582 20.92 8.81 -5.93
C ASP B 582 20.12 9.78 -5.05
N CYS B 583 19.18 10.49 -5.64
CA CYS B 583 18.55 11.66 -5.02
C CYS B 583 17.18 11.33 -4.45
N GLY B 584 16.67 10.11 -4.69
CA GLY B 584 15.30 9.67 -4.36
C GLY B 584 14.67 8.95 -5.51
N ILE B 585 13.36 8.77 -5.46
CA ILE B 585 12.60 8.16 -6.57
C ILE B 585 11.89 9.27 -7.35
N ASN B 586 11.95 9.21 -8.66
CA ASN B 586 11.42 10.30 -9.53
C ASN B 586 10.42 9.75 -10.55
N LYS B 587 9.36 10.50 -10.79
CA LYS B 587 8.36 10.16 -11.83
C LYS B 587 8.57 11.06 -13.06
N VAL B 588 9.06 10.46 -14.13
CA VAL B 588 9.46 11.22 -15.34
C VAL B 588 8.29 11.21 -16.32
N VAL B 589 7.93 12.41 -16.77
CA VAL B 589 6.86 12.58 -17.78
C VAL B 589 7.45 12.25 -19.15
N THR B 590 6.96 11.19 -19.78
CA THR B 590 7.57 10.63 -21.00
C THR B 590 7.52 11.65 -22.14
N TRP B 591 6.40 12.34 -22.31
CA TRP B 591 6.20 13.19 -23.51
C TRP B 591 6.91 14.53 -23.37
N PHE B 592 7.66 14.77 -22.30
CA PHE B 592 8.29 16.09 -22.07
C PHE B 592 9.24 16.44 -23.22
N GLY B 593 9.92 15.43 -23.76
CA GLY B 593 10.91 15.65 -24.82
C GLY B 593 10.27 16.28 -26.05
N LYS B 594 9.19 15.69 -26.52
CA LYS B 594 8.56 16.12 -27.79
C LYS B 594 7.77 17.42 -27.57
N ALA B 595 7.29 17.67 -26.36
CA ALA B 595 6.45 18.86 -26.10
C ALA B 595 7.24 20.12 -26.39
N LEU B 596 8.50 20.20 -25.96
CA LEU B 596 9.29 21.46 -25.99
C LEU B 596 10.63 21.28 -26.66
N ASN B 597 10.93 20.10 -27.24
CA ASN B 597 12.20 19.87 -27.96
C ASN B 597 13.40 20.05 -27.01
N ILE B 598 13.41 19.31 -25.90
CA ILE B 598 14.55 19.23 -24.96
C ILE B 598 15.00 17.78 -24.91
N LEU B 599 16.26 17.54 -25.22
CA LEU B 599 16.83 16.17 -25.34
C LEU B 599 16.02 15.37 -26.36
N ASN B 600 15.43 16.04 -27.34
CA ASN B 600 14.52 15.38 -28.29
C ASN B 600 15.28 14.84 -29.50
N THR B 601 16.60 14.84 -29.47
CA THR B 601 17.45 14.53 -30.65
C THR B 601 17.65 13.02 -30.78
N SER B 602 17.14 12.22 -29.85
CA SER B 602 17.43 10.77 -29.79
C SER B 602 16.14 9.96 -29.80
N ASP B 603 16.27 8.65 -29.61
CA ASP B 603 15.12 7.72 -29.65
C ASP B 603 14.23 7.94 -28.43
N SER B 604 14.82 8.01 -27.25
CA SER B 604 14.07 8.04 -25.97
C SER B 604 14.48 9.27 -25.16
N PHE B 605 13.53 9.88 -24.48
CA PHE B 605 13.80 11.04 -23.61
C PHE B 605 14.26 10.55 -22.25
N VAL B 606 13.59 9.55 -21.71
CA VAL B 606 13.91 9.06 -20.34
C VAL B 606 15.36 8.53 -20.30
N GLU B 607 15.79 7.82 -21.33
CA GLU B 607 17.15 7.23 -21.33
C GLU B 607 18.19 8.36 -21.29
N GLU B 608 18.00 9.39 -22.09
CA GLU B 608 18.95 10.52 -22.12
C GLU B 608 18.96 11.21 -20.76
N PHE B 609 17.81 11.31 -20.11
CA PHE B 609 17.70 12.04 -18.83
C PHE B 609 18.62 11.38 -17.79
N GLN B 610 18.63 10.05 -17.74
CA GLN B 610 19.45 9.33 -16.74
C GLN B 610 20.93 9.60 -16.98
N ASN B 611 21.38 9.52 -18.23
CA ASN B 611 22.83 9.63 -18.55
C ASN B 611 23.33 11.03 -18.21
N LEU B 612 22.59 12.07 -18.57
CA LEU B 612 23.09 13.47 -18.42
C LEU B 612 22.63 14.06 -17.10
N GLY B 613 21.44 13.71 -16.62
CA GLY B 613 20.95 14.18 -15.32
C GLY B 613 20.12 15.45 -15.46
N PRO B 614 19.57 15.94 -14.34
CA PRO B 614 18.68 17.10 -14.37
C PRO B 614 19.31 18.37 -14.96
N ILE B 615 20.62 18.55 -14.80
CA ILE B 615 21.29 19.80 -15.24
C ILE B 615 21.09 20.02 -16.74
N SER B 616 21.00 18.93 -17.51
CA SER B 616 20.95 19.02 -18.98
C SER B 616 19.70 19.77 -19.47
N LEU B 617 18.66 19.92 -18.64
CA LEU B 617 17.39 20.53 -19.11
C LEU B 617 17.58 22.03 -19.31
N ILE B 618 18.16 22.72 -18.34
CA ILE B 618 18.26 24.20 -18.39
C ILE B 618 19.33 24.62 -19.42
N ASN B 619 19.33 25.89 -19.76
CA ASN B 619 20.19 26.42 -20.85
C ASN B 619 21.52 26.93 -20.27
N LYS B 620 21.49 27.83 -19.31
CA LYS B 620 22.72 28.38 -18.69
C LYS B 620 23.20 27.47 -17.57
N LYS B 621 24.16 26.59 -17.87
CA LYS B 621 24.57 25.54 -16.91
C LYS B 621 25.36 26.15 -15.73
N GLU B 622 26.49 26.79 -16.01
CA GLU B 622 27.41 27.25 -14.94
C GLU B 622 27.21 28.75 -14.73
N ASN B 623 26.78 29.13 -13.54
CA ASN B 623 26.58 30.57 -13.21
C ASN B 623 27.06 30.92 -11.80
N LEU B 624 27.57 29.95 -11.03
CA LEU B 624 27.93 30.20 -9.62
C LEU B 624 29.12 31.15 -9.54
N SER B 625 29.17 31.93 -8.47
CA SER B 625 30.30 32.85 -8.22
C SER B 625 30.61 32.87 -6.72
N MET B 626 31.88 32.72 -6.37
CA MET B 626 32.31 32.80 -4.96
C MET B 626 32.16 34.23 -4.48
N PRO B 627 31.59 34.46 -3.28
CA PRO B 627 31.52 35.80 -2.71
C PRO B 627 32.84 36.20 -2.03
N ILE B 628 32.84 37.40 -1.44
CA ILE B 628 34.05 37.95 -0.76
C ILE B 628 33.99 37.59 0.71
N ILE B 629 35.03 36.93 1.20
CA ILE B 629 35.07 36.41 2.59
C ILE B 629 36.05 37.25 3.39
N GLU B 630 35.72 37.48 4.66
CA GLU B 630 36.51 38.36 5.56
C GLU B 630 36.71 37.68 6.91
N ILE B 631 37.13 36.42 6.92
CA ILE B 631 37.35 35.68 8.20
C ILE B 631 38.69 36.13 8.78
N TYR B 632 38.64 37.05 9.73
CA TYR B 632 39.83 37.38 10.57
C TYR B 632 39.71 36.61 11.87
N GLY B 633 40.00 35.31 11.79
CA GLY B 633 39.81 34.34 12.88
C GLY B 633 40.82 34.49 14.01
N ILE B 634 41.86 35.29 13.83
CA ILE B 634 42.92 35.47 14.87
C ILE B 634 42.29 36.24 16.01
N PRO B 635 42.27 35.70 17.25
CA PRO B 635 41.79 36.48 18.38
C PRO B 635 42.57 37.80 18.54
N ASN B 636 41.87 38.85 18.94
CA ASN B 636 42.41 40.23 18.89
C ASN B 636 43.12 40.60 20.21
N MET B 638 45.24 40.10 23.95
CA MET B 638 46.28 39.27 24.62
C MET B 638 46.42 39.65 26.09
N LEU B 639 45.86 40.78 26.52
CA LEU B 639 46.01 41.27 27.91
C LEU B 639 45.47 40.23 28.91
N GLY B 640 46.14 40.14 30.05
CA GLY B 640 45.76 39.28 31.18
C GLY B 640 45.54 37.84 30.76
N LEU B 641 44.49 37.21 31.26
CA LEU B 641 44.17 35.78 30.96
C LEU B 641 45.37 34.91 31.33
N PRO B 642 45.71 34.81 32.63
CA PRO B 642 46.88 34.05 33.04
C PRO B 642 46.67 32.54 33.27
N LEU B 643 45.42 32.08 33.22
CA LEU B 643 45.07 30.68 33.57
C LEU B 643 44.45 29.99 32.37
N ASN B 644 44.08 28.72 32.54
CA ASN B 644 43.39 27.93 31.49
C ASN B 644 41.94 28.41 31.33
N ASP B 645 41.48 29.36 32.13
CA ASP B 645 40.17 30.01 31.91
C ASP B 645 40.18 30.83 30.61
N LEU B 646 41.29 30.85 29.88
CA LEU B 646 41.33 31.35 28.48
C LEU B 646 40.29 30.60 27.63
N ASN B 647 39.99 29.35 27.99
CA ASN B 647 39.05 28.52 27.19
C ASN B 647 37.71 29.23 27.03
N GLU B 648 37.28 29.99 28.03
CA GLU B 648 36.00 30.74 27.94
C GLU B 648 36.02 31.67 26.73
N LYS B 649 37.11 32.42 26.56
CA LYS B 649 37.22 33.38 25.43
C LYS B 649 37.28 32.59 24.11
N LEU B 650 38.07 31.53 24.08
CA LEU B 650 38.30 30.80 22.80
C LEU B 650 37.02 30.12 22.32
N PHE B 651 36.19 29.63 23.24
CA PHE B 651 34.98 28.88 22.86
C PHE B 651 34.00 29.80 22.12
N ASN B 652 33.82 31.04 22.59
CA ASN B 652 32.91 32.00 21.92
C ASN B 652 33.39 32.29 20.51
N ILE B 653 34.69 32.35 20.28
CA ILE B 653 35.24 32.54 18.91
C ILE B 653 34.89 31.30 18.07
N TYR B 654 34.96 30.12 18.67
CA TYR B 654 34.65 28.88 17.94
C TYR B 654 33.20 28.91 17.46
N LEU B 655 32.28 29.35 18.32
CA LEU B 655 30.83 29.39 17.97
C LEU B 655 30.60 30.34 16.78
N LYS B 656 31.19 31.53 16.82
CA LYS B 656 30.94 32.53 15.75
C LYS B 656 31.37 31.99 14.39
N ASN B 657 32.52 31.33 14.34
CA ASN B 657 33.04 30.82 13.04
C ASN B 657 32.03 29.86 12.42
N ILE B 658 31.28 29.13 13.24
CA ILE B 658 30.24 28.23 12.71
C ILE B 658 29.18 29.07 12.01
N LEU B 659 28.70 30.13 12.66
CA LEU B 659 27.63 30.98 12.05
C LEU B 659 28.13 31.53 10.71
N TYR B 660 29.33 32.07 10.68
CA TYR B 660 29.87 32.67 9.44
C TYR B 660 29.84 31.61 8.33
N PHE B 661 30.07 30.36 8.67
CA PHE B 661 29.98 29.28 7.66
C PHE B 661 28.55 29.13 7.17
N LYS B 662 27.58 29.34 8.05
CA LYS B 662 26.14 29.19 7.71
C LYS B 662 25.71 30.30 6.75
N LYS B 663 26.04 31.55 7.07
CA LYS B 663 25.62 32.70 6.24
C LYS B 663 26.13 32.49 4.82
N VAL B 664 27.32 31.94 4.68
CA VAL B 664 27.86 31.63 3.33
C VAL B 664 26.96 30.56 2.69
N TYR B 665 26.51 29.59 3.48
CA TYR B 665 25.61 28.53 2.98
C TYR B 665 24.32 29.16 2.44
N PHE B 666 23.74 30.08 3.19
CA PHE B 666 22.50 30.77 2.74
C PHE B 666 22.77 31.55 1.46
N ASN B 667 23.96 32.07 1.29
CA ASN B 667 24.28 32.82 0.07
C ASN B 667 24.17 31.90 -1.14
N PHE B 668 24.59 30.65 -1.00
CA PHE B 668 24.56 29.71 -2.15
C PHE B 668 23.12 29.32 -2.44
N LEU B 669 22.30 29.13 -1.39
CA LEU B 669 20.87 28.76 -1.60
C LEU B 669 20.19 29.87 -2.40
N ASP B 670 20.41 31.12 -2.01
CA ASP B 670 19.82 32.29 -2.71
C ASP B 670 20.28 32.30 -4.16
N GLN B 671 21.53 31.98 -4.42
CA GLN B 671 22.05 31.89 -5.81
C GLN B 671 21.36 30.76 -6.56
N TRP B 672 21.15 29.63 -5.90
CA TRP B 672 20.47 28.47 -6.53
C TRP B 672 19.05 28.92 -6.87
N TRP B 673 18.37 29.59 -5.94
CA TRP B 673 16.98 30.04 -6.16
C TRP B 673 16.93 30.99 -7.35
N THR B 674 17.74 32.03 -7.31
CA THR B 674 17.65 33.15 -8.28
C THR B 674 18.19 32.74 -9.65
N GLU B 675 19.17 31.85 -9.72
CA GLU B 675 19.86 31.53 -11.00
C GLU B 675 19.54 30.14 -11.52
N TYR B 676 19.21 29.19 -10.65
CA TYR B 676 19.00 27.77 -11.05
C TYR B 676 17.55 27.36 -10.95
N TYR B 677 16.82 27.81 -9.93
CA TYR B 677 15.40 27.42 -9.80
C TYR B 677 14.58 28.18 -10.83
N SER B 678 14.88 29.46 -11.03
CA SER B 678 14.14 30.32 -11.97
C SER B 678 13.98 29.62 -13.32
N GLN B 679 15.02 29.00 -13.82
CA GLN B 679 14.97 28.37 -15.15
C GLN B 679 14.11 27.11 -15.10
N TYR B 680 14.01 26.45 -13.96
CA TYR B 680 13.14 25.24 -13.85
C TYR B 680 11.69 25.71 -13.81
N PHE B 681 11.39 26.74 -13.05
CA PHE B 681 10.00 27.26 -12.97
C PHE B 681 9.52 27.69 -14.35
N ASP B 682 10.43 28.16 -15.21
CA ASP B 682 10.06 28.54 -16.59
C ASP B 682 9.57 27.32 -17.36
N LEU B 683 10.24 26.19 -17.21
CA LEU B 683 9.84 24.98 -17.93
C LEU B 683 8.46 24.51 -17.45
N ILE B 684 8.15 24.73 -16.18
CA ILE B 684 6.84 24.30 -15.64
C ILE B 684 5.75 25.11 -16.34
N CYS B 685 5.92 26.43 -16.41
CA CYS B 685 4.90 27.28 -17.03
C CYS B 685 4.71 26.87 -18.50
N MET B 686 5.77 26.64 -19.22
CA MET B 686 5.66 26.27 -20.64
C MET B 686 4.99 24.91 -20.78
N ALA B 687 5.28 23.98 -19.90
CA ALA B 687 4.66 22.63 -19.96
C ALA B 687 3.15 22.72 -19.71
N LYS B 688 2.73 23.57 -18.77
CA LYS B 688 1.29 23.79 -18.55
C LYS B 688 0.64 24.39 -19.80
N GLN B 689 1.28 25.37 -20.41
CA GLN B 689 0.72 25.98 -21.64
C GLN B 689 0.56 24.89 -22.70
N SER B 690 1.42 23.90 -22.70
CA SER B 690 1.40 22.85 -23.73
C SER B 690 0.18 21.93 -23.49
N ILE B 691 -0.07 21.58 -22.23
CA ILE B 691 -1.18 20.64 -21.91
C ILE B 691 -2.50 21.30 -22.33
N LEU B 692 -2.69 22.55 -21.97
CA LEU B 692 -3.96 23.24 -22.26
C LEU B 692 -4.13 23.37 -23.78
N ALA B 693 -3.06 23.62 -24.51
CA ALA B 693 -3.14 23.74 -25.99
C ALA B 693 -3.65 22.42 -26.58
N GLN B 694 -3.13 21.29 -26.14
CA GLN B 694 -3.57 19.99 -26.66
C GLN B 694 -5.03 19.74 -26.25
N GLU B 695 -5.42 20.14 -25.06
CA GLU B 695 -6.82 19.98 -24.60
C GLU B 695 -7.75 20.79 -25.50
N LYS B 696 -7.36 21.99 -25.85
CA LYS B 696 -8.19 22.87 -26.68
C LYS B 696 -8.40 22.26 -28.05
N LEU B 697 -7.45 21.48 -28.55
CA LEU B 697 -7.58 20.87 -29.89
C LEU B 697 -8.58 19.71 -29.86
N ILE B 698 -8.59 18.92 -28.79
CA ILE B 698 -9.51 17.75 -28.73
C ILE B 698 -10.96 18.25 -28.67
N LYS B 699 -11.21 19.33 -27.94
CA LYS B 699 -12.58 19.86 -27.87
C LYS B 699 -13.05 20.19 -29.30
N GLN B 700 -12.22 20.82 -30.12
CA GLN B 700 -12.63 21.21 -31.49
C GLN B 700 -12.97 19.96 -32.32
N ILE B 701 -12.15 18.93 -32.21
CA ILE B 701 -12.43 17.72 -33.01
C ILE B 701 -13.79 17.15 -32.60
N ILE B 702 -14.07 17.10 -31.29
CA ILE B 702 -15.36 16.58 -30.80
C ILE B 702 -16.48 17.52 -31.25
N GLN B 703 -16.28 18.80 -31.12
CA GLN B 703 -17.34 19.77 -31.51
C GLN B 703 -17.70 19.60 -32.98
N ASN B 704 -16.70 19.48 -33.85
CA ASN B 704 -16.95 19.39 -35.30
C ASN B 704 -17.80 18.16 -35.60
N LYS B 705 -17.48 17.02 -34.97
CA LYS B 705 -18.19 15.76 -35.25
C LYS B 705 -19.66 15.89 -34.84
N LEU B 706 -19.92 16.48 -33.69
CA LEU B 706 -21.31 16.62 -33.20
C LEU B 706 -22.09 17.59 -34.08
N GLN B 707 -21.49 18.69 -34.50
CA GLN B 707 -22.19 19.68 -35.36
C GLN B 707 -22.60 19.00 -36.66
N ASP B 708 -21.73 18.20 -37.24
CA ASP B 708 -22.05 17.46 -38.48
C ASP B 708 -23.22 16.50 -38.22
N LEU B 709 -23.17 15.81 -37.09
CA LEU B 709 -24.19 14.76 -36.80
C LEU B 709 -25.56 15.41 -36.59
N PHE B 710 -25.61 16.65 -36.09
CA PHE B 710 -26.89 17.36 -35.87
C PHE B 710 -27.66 17.47 -37.19
N LYS B 711 -26.98 17.43 -38.33
CA LYS B 711 -27.64 17.60 -39.64
C LYS B 711 -28.28 16.29 -40.10
N ALA B 712 -27.92 15.16 -39.49
CA ALA B 712 -28.40 13.83 -39.93
C ALA B 712 -29.85 13.60 -39.46
N ASP B 713 -30.37 12.42 -39.74
CA ASP B 713 -31.79 12.05 -39.45
C ASP B 713 -31.84 11.26 -38.13
N ILE B 714 -31.79 11.98 -37.01
CA ILE B 714 -31.86 11.36 -35.66
C ILE B 714 -32.93 12.12 -34.88
N SER B 715 -33.62 11.39 -34.02
CA SER B 715 -34.74 11.93 -33.21
C SER B 715 -34.28 13.11 -32.36
N MET B 716 -35.10 14.15 -32.30
CA MET B 716 -34.78 15.39 -31.53
C MET B 716 -34.38 15.00 -30.10
N ASP B 717 -35.14 14.12 -29.46
CA ASP B 717 -34.85 13.68 -28.07
C ASP B 717 -33.48 12.99 -27.96
N LYS B 718 -33.14 12.11 -28.89
CA LYS B 718 -31.81 11.43 -28.85
C LYS B 718 -30.70 12.46 -29.01
N LEU B 719 -30.89 13.43 -29.89
CA LEU B 719 -29.88 14.51 -30.04
C LEU B 719 -29.71 15.23 -28.70
N ASN B 720 -30.78 15.46 -27.97
CA ASN B 720 -30.69 16.17 -26.67
C ASN B 720 -29.81 15.39 -25.70
N LEU B 721 -30.00 14.08 -25.65
CA LEU B 721 -29.17 13.25 -24.73
C LEU B 721 -27.72 13.27 -25.20
N MET B 722 -27.47 13.15 -26.48
CA MET B 722 -26.08 13.16 -27.01
C MET B 722 -25.41 14.49 -26.65
N ASN B 723 -26.14 15.58 -26.73
CA ASN B 723 -25.59 16.88 -26.32
C ASN B 723 -25.25 16.88 -24.83
N LEU B 724 -26.11 16.30 -24.01
CA LEU B 724 -25.87 16.25 -22.55
C LEU B 724 -24.67 15.33 -22.25
N ALA B 725 -24.56 14.21 -22.92
CA ALA B 725 -23.44 13.29 -22.67
C ALA B 725 -22.12 13.95 -23.06
N THR B 726 -22.08 14.65 -24.19
CA THR B 726 -20.85 15.33 -24.64
C THR B 726 -20.45 16.41 -23.66
N GLU B 727 -21.41 17.16 -23.15
CA GLU B 727 -21.13 18.27 -22.21
C GLU B 727 -20.49 17.74 -20.94
N LYS B 728 -20.93 16.59 -20.47
CA LYS B 728 -20.36 16.00 -19.24
C LYS B 728 -18.99 15.41 -19.52
N THR B 729 -18.71 15.01 -20.75
CA THR B 729 -17.38 14.48 -21.09
C THR B 729 -16.33 15.58 -21.06
N PHE B 730 -16.67 16.78 -21.47
CA PHE B 730 -15.74 17.92 -21.41
C PHE B 730 -15.27 18.13 -19.97
N ILE B 731 -16.10 17.83 -19.00
CA ILE B 731 -15.68 17.94 -17.59
C ILE B 731 -14.64 16.86 -17.28
N ASP B 732 -14.81 15.69 -17.84
CA ASP B 732 -13.85 14.58 -17.59
C ASP B 732 -12.49 14.89 -18.22
N LEU B 733 -12.47 15.50 -19.40
CA LEU B 733 -11.18 15.85 -20.05
C LEU B 733 -10.44 16.85 -19.17
N SER B 734 -11.14 17.83 -18.63
CA SER B 734 -10.52 18.86 -17.77
C SER B 734 -9.90 18.20 -16.54
N ASN B 735 -10.60 17.26 -15.93
CA ASN B 735 -10.07 16.55 -14.74
C ASN B 735 -8.81 15.75 -15.10
N GLU B 736 -8.82 15.09 -16.24
CA GLU B 736 -7.66 14.25 -16.63
C GLU B 736 -6.45 15.12 -16.94
N SER B 737 -6.68 16.30 -17.52
CA SER B 737 -5.60 17.27 -17.80
C SER B 737 -5.02 17.74 -16.46
N GLN B 738 -5.85 17.94 -15.47
CA GLN B 738 -5.37 18.42 -14.15
C GLN B 738 -4.45 17.37 -13.50
N ILE B 739 -4.66 16.10 -13.76
CA ILE B 739 -3.74 15.05 -13.23
C ILE B 739 -2.36 15.25 -13.85
N ALA B 740 -2.30 15.47 -15.15
CA ALA B 740 -1.03 15.59 -15.87
C ALA B 740 -0.27 16.80 -15.33
N ILE B 741 -0.96 17.90 -15.08
CA ILE B 741 -0.30 19.12 -14.58
C ILE B 741 0.37 18.83 -13.24
N ASN B 742 -0.30 18.05 -12.40
CA ASN B 742 0.29 17.69 -11.10
C ASN B 742 1.55 16.82 -11.29
N ASN B 743 1.53 15.92 -12.25
CA ASN B 743 2.73 15.10 -12.54
C ASN B 743 3.90 15.99 -12.98
N ILE B 744 3.64 17.02 -13.77
CA ILE B 744 4.72 17.91 -14.25
C ILE B 744 5.36 18.61 -13.06
N ASN B 745 4.55 19.13 -12.16
CA ASN B 745 5.06 19.96 -11.06
C ASN B 745 6.09 19.19 -10.24
N ASP B 746 5.68 18.06 -9.67
CA ASP B 746 6.56 17.32 -8.75
C ASP B 746 7.79 16.82 -9.53
N PHE B 747 7.63 16.50 -10.80
CA PHE B 747 8.76 15.95 -11.60
C PHE B 747 9.89 16.99 -11.67
N LEU B 748 9.56 18.25 -11.91
CA LEU B 748 10.60 19.29 -12.11
C LEU B 748 11.00 19.87 -10.76
N ASN B 749 10.12 19.88 -9.77
CA ASN B 749 10.50 20.39 -8.43
C ASN B 749 11.61 19.50 -7.85
N LYS B 750 11.52 18.20 -8.02
CA LYS B 750 12.55 17.28 -7.51
C LYS B 750 13.83 17.41 -8.32
N SER B 751 13.73 17.67 -9.61
CA SER B 751 14.93 17.92 -10.46
C SER B 751 15.65 19.18 -9.97
N ALA B 752 14.92 20.25 -9.69
CA ALA B 752 15.53 21.53 -9.28
C ALA B 752 16.22 21.32 -7.94
N ILE B 753 15.55 20.70 -6.99
CA ILE B 753 16.13 20.46 -5.63
C ILE B 753 17.40 19.62 -5.81
N CYS B 754 17.40 18.71 -6.75
CA CYS B 754 18.51 17.75 -6.87
C CYS B 754 19.77 18.37 -7.47
N VAL B 755 19.63 19.33 -8.37
CA VAL B 755 20.82 20.00 -8.97
C VAL B 755 21.60 20.68 -7.85
N PHE B 756 20.94 21.11 -6.79
CA PHE B 756 21.67 21.67 -5.63
C PHE B 756 22.58 20.60 -5.02
N ASP B 757 22.07 19.39 -4.87
CA ASP B 757 22.80 18.32 -4.17
C ASP B 757 24.05 17.92 -4.94
N THR B 758 23.97 17.82 -6.26
CA THR B 758 25.06 17.21 -7.07
C THR B 758 25.94 18.28 -7.75
N ASN B 759 25.46 19.51 -7.90
CA ASN B 759 26.23 20.54 -8.65
C ASN B 759 26.63 21.69 -7.73
N ILE B 760 25.67 22.37 -7.11
CA ILE B 760 25.99 23.57 -6.31
C ILE B 760 26.70 23.15 -5.02
N TYR B 761 26.22 22.11 -4.37
CA TYR B 761 26.74 21.74 -3.03
C TYR B 761 28.20 21.32 -3.08
N PRO B 762 28.65 20.44 -4.02
CA PRO B 762 30.08 20.10 -4.08
C PRO B 762 30.99 21.32 -4.27
N LYS B 763 30.56 22.31 -5.04
CA LYS B 763 31.37 23.55 -5.21
C LYS B 763 31.47 24.28 -3.86
N PHE B 764 30.40 24.33 -3.10
CA PHE B 764 30.41 25.00 -1.78
C PHE B 764 31.42 24.30 -0.87
N ILE B 765 31.58 22.98 -1.02
CA ILE B 765 32.54 22.23 -0.17
C ILE B 765 33.96 22.69 -0.51
N SER B 766 34.31 22.70 -1.78
CA SER B 766 35.70 23.01 -2.21
C SER B 766 36.06 24.43 -1.77
N PHE B 767 35.18 25.40 -2.00
CA PHE B 767 35.48 26.81 -1.66
C PHE B 767 35.69 26.95 -0.15
N MET B 768 34.88 26.28 0.64
CA MET B 768 34.99 26.40 2.12
C MET B 768 36.16 25.54 2.62
N GLU B 769 36.58 24.54 1.84
CA GLU B 769 37.70 23.65 2.26
C GLU B 769 38.97 24.49 2.44
N GLN B 770 39.23 25.42 1.54
CA GLN B 770 40.44 26.28 1.63
C GLN B 770 40.25 27.32 2.72
N CYS B 771 39.04 27.86 2.86
CA CYS B 771 38.78 28.95 3.83
C CYS B 771 38.95 28.43 5.26
N ILE B 772 38.99 27.13 5.47
CA ILE B 772 39.26 26.56 6.82
C ILE B 772 40.77 26.45 7.05
N ASN B 773 41.50 25.96 6.05
CA ASN B 773 42.97 25.79 6.21
C ASN B 773 43.57 27.16 6.52
N SER B 774 42.88 28.23 6.14
CA SER B 774 43.37 29.61 6.32
C SER B 774 43.09 30.15 7.74
N VAL B 775 42.18 29.56 8.47
CA VAL B 775 41.73 30.12 9.78
C VAL B 775 42.10 29.19 10.93
N ASN B 776 42.09 27.88 10.70
CA ASN B 776 42.46 26.91 11.76
C ASN B 776 43.93 27.09 12.12
N SER B 777 44.79 27.28 11.12
CA SER B 777 46.22 27.55 11.35
C SER B 777 46.37 28.87 12.10
N ASN B 778 45.53 29.85 11.79
CA ASN B 778 45.59 31.17 12.46
C ASN B 778 45.24 31.06 13.94
N VAL B 779 44.59 29.99 14.36
CA VAL B 779 44.29 29.79 15.80
C VAL B 779 45.46 29.08 16.46
N THR B 780 46.14 28.20 15.74
CA THR B 780 47.34 27.52 16.28
C THR B 780 48.40 28.58 16.61
N ALA B 781 48.64 29.49 15.68
CA ALA B 781 49.69 30.53 15.86
C ALA B 781 49.43 31.32 17.15
N PHE B 782 48.16 31.61 17.45
CA PHE B 782 47.81 32.48 18.59
C PHE B 782 48.20 31.82 19.91
N ILE B 783 47.95 30.52 20.04
CA ILE B 783 48.05 29.87 21.38
C ILE B 783 49.51 29.63 21.74
N GLN B 784 50.41 29.52 20.76
CA GLN B 784 51.87 29.50 21.06
C GLN B 784 52.26 30.84 21.71
N LYS B 785 51.74 31.95 21.19
CA LYS B 785 52.12 33.29 21.70
C LYS B 785 51.74 33.41 23.18
N CYS B 786 50.56 32.93 23.55
CA CYS B 786 50.14 32.91 24.97
C CYS B 786 51.17 32.13 25.78
N THR B 787 51.61 32.68 26.91
CA THR B 787 52.76 32.17 27.68
C THR B 787 52.34 31.55 29.02
N ASN B 788 51.33 32.10 29.69
CA ASN B 788 51.02 31.74 31.09
C ASN B 788 50.69 30.25 31.19
N ILE B 789 49.90 29.73 30.25
CA ILE B 789 49.46 28.31 30.30
C ILE B 789 50.68 27.41 30.00
N THR B 790 50.60 26.18 30.45
CA THR B 790 51.70 25.20 30.28
C THR B 790 51.70 24.68 28.85
N GLU B 791 52.83 24.10 28.45
CA GLU B 791 53.00 23.54 27.08
C GLU B 791 52.01 22.39 26.88
N ASP B 792 51.89 21.49 27.85
CA ASP B 792 51.08 20.26 27.67
C ASP B 792 49.65 20.64 27.29
N GLU B 793 49.15 21.76 27.81
CA GLU B 793 47.76 22.20 27.53
C GLU B 793 47.65 22.78 26.12
N LYS B 794 48.74 23.21 25.51
CA LYS B 794 48.68 23.78 24.13
C LYS B 794 48.16 22.73 23.15
N LEU B 795 48.65 21.50 23.26
CA LEU B 795 48.22 20.43 22.33
C LEU B 795 46.72 20.16 22.55
N GLN B 796 46.28 20.17 23.80
CA GLN B 796 44.86 19.87 24.12
C GLN B 796 43.95 20.91 23.47
N LEU B 797 44.24 22.20 23.68
CA LEU B 797 43.33 23.28 23.19
C LEU B 797 43.37 23.32 21.66
N ILE B 798 44.50 23.04 21.04
CA ILE B 798 44.59 23.01 19.56
C ILE B 798 43.67 21.91 19.03
N LYS B 799 43.71 20.74 19.66
CA LYS B 799 42.83 19.62 19.25
C LYS B 799 41.38 19.99 19.51
N LEU B 800 41.13 20.85 20.50
CA LEU B 800 39.74 21.15 20.94
C LEU B 800 39.12 22.29 20.12
N ASN B 801 39.88 23.01 19.31
CA ASN B 801 39.35 24.16 18.54
C ASN B 801 39.80 24.05 17.08
N THR B 802 39.67 22.88 16.49
CA THR B 802 40.07 22.62 15.10
C THR B 802 38.84 22.18 14.33
N PHE B 803 38.61 22.82 13.18
CA PHE B 803 37.45 22.52 12.32
C PHE B 803 37.81 21.37 11.38
N MET B 804 37.03 20.32 11.40
CA MET B 804 37.04 19.30 10.32
C MET B 804 35.98 19.68 9.27
N ASN B 805 35.87 18.88 8.21
CA ASN B 805 34.86 19.10 7.15
C ASN B 805 33.44 19.02 7.71
N ILE B 806 33.23 18.28 8.80
CA ILE B 806 31.85 18.05 9.35
C ILE B 806 31.24 19.38 9.80
N ASP B 807 32.02 20.25 10.43
CA ASP B 807 31.45 21.39 11.17
C ASP B 807 30.65 22.32 10.26
N PHE B 808 31.06 22.50 9.02
CA PHE B 808 30.40 23.46 8.10
C PHE B 808 29.43 22.75 7.16
N GLU B 809 29.27 21.43 7.27
CA GLU B 809 28.46 20.65 6.29
C GLU B 809 26.99 20.73 6.72
N PHE B 810 26.20 21.50 5.98
CA PHE B 810 24.74 21.65 6.22
C PHE B 810 23.99 21.27 4.96
N PHE B 811 23.13 20.27 5.03
CA PHE B 811 22.20 19.93 3.93
C PHE B 811 21.17 18.91 4.42
N ASP B 812 19.90 19.21 4.20
CA ASP B 812 18.78 18.30 4.54
C ASP B 812 17.85 18.28 3.34
N ILE B 813 17.61 17.10 2.79
CA ILE B 813 16.71 17.00 1.61
C ILE B 813 15.28 17.40 2.05
N GLN B 814 14.89 17.09 3.26
CA GLN B 814 13.55 17.48 3.77
C GLN B 814 13.50 18.98 4.04
N SER B 815 14.50 19.55 4.69
CA SER B 815 14.45 20.96 5.14
C SER B 815 14.38 21.90 3.94
N ILE B 816 14.81 21.46 2.77
CA ILE B 816 14.69 22.32 1.56
C ILE B 816 13.29 22.16 0.96
N LYS B 817 12.69 20.98 1.04
CA LYS B 817 11.31 20.77 0.51
C LYS B 817 10.30 21.65 1.26
N ASP B 818 10.51 21.90 2.53
CA ASP B 818 9.59 22.78 3.30
C ASP B 818 9.66 24.19 2.72
N LEU B 819 10.82 24.62 2.21
CA LEU B 819 10.94 25.98 1.62
C LEU B 819 10.15 26.05 0.33
N ILE B 820 10.21 25.00 -0.48
CA ILE B 820 9.53 25.00 -1.82
C ILE B 820 8.01 25.06 -1.65
N THR B 821 7.46 24.56 -0.54
CA THR B 821 6.00 24.46 -0.36
C THR B 821 5.47 25.75 0.25
N SER B 822 4.49 26.36 -0.41
CA SER B 822 3.84 27.61 0.05
C SER B 822 2.56 27.30 0.83
N GLU B 823 1.86 28.33 1.27
CA GLU B 823 0.55 28.13 1.92
C GLU B 823 -0.49 27.72 0.87
N THR B 824 -0.46 28.30 -0.32
CA THR B 824 -1.45 27.97 -1.37
C THR B 824 -1.46 26.46 -1.62
N ASP B 825 -0.32 25.79 -1.52
CA ASP B 825 -0.25 24.34 -1.74
C ASP B 825 -0.95 23.60 -0.60
N LEU B 826 -0.87 24.14 0.62
CA LEU B 826 -1.55 23.53 1.79
C LEU B 826 -3.07 23.59 1.58
N ILE B 827 -3.58 24.73 1.13
CA ILE B 827 -5.05 24.90 0.93
C ILE B 827 -5.53 23.88 -0.10
N LYS B 828 -4.79 23.68 -1.18
CA LYS B 828 -5.21 22.75 -2.25
C LYS B 828 -5.31 21.33 -1.67
N GLU B 829 -4.34 20.90 -0.88
CA GLU B 829 -4.33 19.50 -0.38
C GLU B 829 -5.31 19.35 0.77
N GLU B 830 -5.70 20.45 1.43
CA GLU B 830 -6.66 20.41 2.56
C GLU B 830 -8.10 20.43 2.03
N LYS B 831 -8.31 20.58 0.72
CA LYS B 831 -9.66 20.83 0.16
C LYS B 831 -9.95 19.94 -1.05
N GLU B 832 -9.11 18.93 -1.31
CA GLU B 832 -9.32 17.98 -2.43
C GLU B 832 -9.54 16.59 -1.86
N SER B 833 -10.53 15.88 -2.38
CA SER B 833 -10.85 14.50 -1.95
C SER B 833 -11.56 13.76 -3.07
N ASP B 834 -11.70 12.46 -2.91
CA ASP B 834 -12.35 11.59 -3.92
C ASP B 834 -13.82 11.35 -3.58
N TYR B 835 -14.37 12.03 -2.56
CA TYR B 835 -15.73 11.74 -2.08
C TYR B 835 -16.72 12.78 -2.60
N ASN B 836 -17.78 12.31 -3.23
CA ASN B 836 -18.98 13.13 -3.51
C ASN B 836 -19.96 13.07 -2.34
N LEU B 837 -19.92 12.03 -1.51
CA LEU B 837 -20.83 11.88 -0.35
C LEU B 837 -20.12 11.15 0.78
N PHE B 838 -20.11 11.76 1.95
CA PHE B 838 -19.62 11.13 3.19
C PHE B 838 -20.59 11.43 4.31
N LEU B 839 -21.47 10.48 4.59
CA LEU B 839 -22.58 10.68 5.55
C LEU B 839 -22.01 10.69 6.97
N PHE B 840 -22.41 11.69 7.74
CA PHE B 840 -22.01 11.86 9.16
C PHE B 840 -23.27 11.86 10.01
N THR B 841 -23.35 10.91 10.93
CA THR B 841 -24.52 10.66 11.79
C THR B 841 -24.12 10.86 13.24
N LEU B 842 -24.96 11.51 14.02
CA LEU B 842 -24.60 11.85 15.42
C LEU B 842 -25.88 12.03 16.22
N GLN B 843 -26.17 11.08 17.09
CA GLN B 843 -27.29 11.21 18.05
C GLN B 843 -26.94 12.30 19.05
N GLU B 844 -27.96 13.03 19.47
CA GLU B 844 -27.78 14.11 20.46
C GLU B 844 -29.09 14.27 21.24
N ASP B 845 -29.00 14.87 22.42
CA ASP B 845 -30.16 15.08 23.31
C ASP B 845 -31.30 15.74 22.53
N ASN B 846 -32.37 14.99 22.26
CA ASN B 846 -33.57 15.50 21.54
C ASN B 846 -33.17 16.10 20.18
N ASN B 847 -32.14 15.55 19.55
CA ASN B 847 -31.62 16.11 18.28
C ASN B 847 -30.94 15.01 17.48
N LYS B 848 -31.21 14.98 16.19
CA LYS B 848 -30.44 14.14 15.24
C LYS B 848 -29.60 15.07 14.38
N VAL B 849 -28.41 14.63 14.02
CA VAL B 849 -27.57 15.33 13.02
C VAL B 849 -27.22 14.32 11.92
N ILE B 850 -27.77 14.53 10.75
CA ILE B 850 -27.43 13.72 9.54
C ILE B 850 -27.06 14.68 8.42
N GLU B 851 -25.88 14.54 7.87
CA GLU B 851 -25.37 15.52 6.89
C GLU B 851 -24.13 14.99 6.18
N ASP B 852 -23.72 15.68 5.12
CA ASP B 852 -22.56 15.28 4.31
C ASP B 852 -21.38 16.18 4.66
N ILE B 853 -20.25 15.59 5.03
CA ILE B 853 -19.04 16.35 5.41
C ILE B 853 -17.99 16.19 4.33
N SER B 854 -18.39 15.67 3.17
CA SER B 854 -17.46 15.40 2.03
C SER B 854 -16.89 16.70 1.45
N GLY B 855 -17.50 17.86 1.74
CA GLY B 855 -17.02 19.17 1.24
C GLY B 855 -17.67 19.58 -0.07
N LYS B 856 -18.39 18.69 -0.75
CA LYS B 856 -19.19 19.05 -1.95
C LYS B 856 -20.64 19.36 -1.56
N ASN B 857 -20.96 19.35 -0.27
CA ASN B 857 -22.25 19.82 0.28
C ASN B 857 -23.41 19.20 -0.51
N THR B 858 -23.53 17.89 -0.46
CA THR B 858 -24.74 17.18 -0.93
C THR B 858 -25.92 17.58 -0.01
N LEU B 859 -27.10 17.63 -0.59
CA LEU B 859 -28.32 17.96 0.18
C LEU B 859 -28.96 16.68 0.69
N VAL B 860 -29.41 16.70 1.94
CA VAL B 860 -30.03 15.51 2.59
C VAL B 860 -31.44 15.86 3.03
N LYS B 861 -32.40 15.02 2.69
CA LYS B 861 -33.80 15.16 3.11
C LYS B 861 -34.26 13.84 3.68
N TYR B 862 -34.79 13.85 4.89
CA TYR B 862 -35.25 12.59 5.54
C TYR B 862 -36.54 12.84 6.27
N SER B 863 -37.39 11.82 6.28
CA SER B 863 -38.65 11.80 7.06
C SER B 863 -38.33 11.76 8.54
N ASP B 864 -39.08 12.49 9.35
CA ASP B 864 -38.96 12.34 10.82
C ASP B 864 -39.34 10.92 11.24
N SER B 865 -38.99 10.57 12.46
CA SER B 865 -39.12 9.22 13.03
C SER B 865 -37.92 8.36 12.61
N ILE B 866 -37.01 8.88 11.80
CA ILE B 866 -35.75 8.15 11.51
C ILE B 866 -34.91 8.22 12.78
N SER B 867 -34.69 7.07 13.42
CA SER B 867 -33.96 7.00 14.70
C SER B 867 -32.50 6.64 14.45
N LEU B 868 -31.65 7.00 15.39
CA LEU B 868 -30.23 6.60 15.37
C LEU B 868 -29.99 5.49 16.38
N VAL B 869 -29.24 4.48 15.98
CA VAL B 869 -28.88 3.35 16.89
C VAL B 869 -27.44 2.95 16.62
N TYR B 870 -26.76 2.46 17.63
CA TYR B 870 -25.39 1.96 17.46
C TYR B 870 -25.38 0.75 16.53
N GLY B 871 -24.45 0.77 15.59
CA GLY B 871 -24.33 -0.31 14.60
C GLY B 871 -23.03 -1.07 14.78
N VAL B 872 -22.08 -0.83 13.91
CA VAL B 872 -20.81 -1.62 13.88
C VAL B 872 -19.70 -0.79 14.54
N ASN B 873 -19.55 0.46 14.15
CA ASN B 873 -18.48 1.32 14.69
C ASN B 873 -18.98 2.74 14.97
N GLY B 874 -20.29 2.98 15.01
CA GLY B 874 -20.82 4.31 15.35
C GLY B 874 -22.33 4.33 15.29
N ASP B 875 -22.95 5.30 14.62
CA ASP B 875 -24.43 5.41 14.60
C ASP B 875 -24.96 5.10 13.21
N ALA B 876 -26.02 4.31 13.15
CA ALA B 876 -26.66 3.88 11.91
C ALA B 876 -28.08 4.46 11.82
N LEU B 877 -28.54 4.71 10.62
CA LEU B 877 -29.94 5.13 10.41
C LEU B 877 -30.82 3.92 10.66
N TYR B 878 -31.94 4.10 11.34
CA TYR B 878 -32.89 2.99 11.57
C TYR B 878 -34.23 3.32 10.93
N LEU B 879 -34.49 2.76 9.77
CA LEU B 879 -35.78 2.93 9.07
C LEU B 879 -36.77 1.90 9.62
N LYS B 880 -37.32 2.18 10.79
CA LYS B 880 -38.11 1.17 11.52
C LYS B 880 -39.45 0.92 10.83
N GLU B 881 -40.14 1.98 10.44
CA GLU B 881 -41.55 1.91 9.99
C GLU B 881 -41.63 2.03 8.49
N PRO B 882 -42.71 1.54 7.85
CA PRO B 882 -42.78 1.54 6.39
C PRO B 882 -42.78 2.94 5.79
N ASP B 883 -42.67 2.99 4.46
CA ASP B 883 -42.72 4.24 3.67
C ASP B 883 -41.85 5.33 4.32
N GLU B 884 -40.65 4.97 4.76
CA GLU B 884 -39.66 5.97 5.21
C GLU B 884 -38.59 6.13 4.14
N SER B 885 -38.01 7.32 4.05
CA SER B 885 -37.09 7.61 2.92
C SER B 885 -36.01 8.59 3.32
N VAL B 886 -34.93 8.56 2.58
CA VAL B 886 -33.83 9.56 2.65
C VAL B 886 -33.37 9.85 1.22
N SER B 887 -33.01 11.09 0.95
CA SER B 887 -32.63 11.55 -0.39
C SER B 887 -31.29 12.27 -0.33
N PHE B 888 -30.49 12.08 -1.37
CA PHE B 888 -29.21 12.79 -1.56
C PHE B 888 -29.23 13.44 -2.94
N SER B 889 -28.96 14.73 -3.01
CA SER B 889 -29.05 15.52 -4.27
C SER B 889 -27.67 16.09 -4.60
N ASN B 890 -27.16 15.77 -5.78
CA ASN B 890 -25.85 16.27 -6.24
C ASN B 890 -25.78 16.14 -7.76
N LYS B 891 -25.16 17.11 -8.42
CA LYS B 891 -25.01 17.10 -9.89
C LYS B 891 -24.13 15.95 -10.35
N ALA B 892 -23.21 15.47 -9.51
CA ALA B 892 -22.24 14.42 -9.94
C ALA B 892 -22.97 13.10 -10.12
N PHE B 893 -24.15 12.92 -9.53
CA PHE B 893 -24.86 11.63 -9.57
C PHE B 893 -25.46 11.38 -10.94
N GLU B 894 -25.50 12.34 -11.83
CA GLU B 894 -25.86 12.07 -13.24
C GLU B 894 -24.60 11.55 -13.90
N ASN B 895 -24.56 10.28 -14.26
CA ASN B 895 -23.25 9.68 -14.58
C ASN B 895 -22.85 10.07 -16.00
N GLY B 896 -23.56 9.61 -17.00
CA GLY B 896 -23.15 9.78 -18.40
C GLY B 896 -22.31 8.63 -18.92
N LEU B 897 -21.44 8.94 -19.87
CA LEU B 897 -20.75 7.95 -20.71
C LEU B 897 -19.34 7.65 -20.19
N THR B 898 -18.71 8.57 -19.49
CA THR B 898 -17.24 8.50 -19.26
C THR B 898 -16.88 8.50 -17.77
N ASN B 899 -17.78 8.95 -16.90
CA ASN B 899 -17.52 9.10 -15.45
C ASN B 899 -17.25 7.70 -14.88
N SER B 900 -16.41 7.63 -13.87
CA SER B 900 -16.21 6.39 -13.06
C SER B 900 -16.41 6.70 -11.57
N PHE B 901 -17.01 5.78 -10.83
CA PHE B 901 -17.42 6.02 -9.44
C PHE B 901 -17.50 4.69 -8.67
N SER B 902 -17.73 4.83 -7.36
CA SER B 902 -17.83 3.69 -6.41
C SER B 902 -18.80 4.05 -5.30
N ILE B 903 -19.42 3.01 -4.75
CA ILE B 903 -20.34 3.15 -3.59
C ILE B 903 -20.13 1.98 -2.63
N CYS B 904 -20.19 2.27 -1.34
CA CYS B 904 -20.01 1.27 -0.29
C CYS B 904 -20.80 1.64 0.95
N PHE B 905 -21.35 0.64 1.61
CA PHE B 905 -22.12 0.82 2.87
C PHE B 905 -22.24 -0.49 3.62
N TRP B 906 -22.58 -0.38 4.91
CA TRP B 906 -22.92 -1.54 5.77
C TRP B 906 -24.42 -1.75 5.78
N LEU B 907 -24.88 -2.97 5.87
CA LEU B 907 -26.33 -3.29 5.77
C LEU B 907 -26.74 -4.34 6.81
N ARG B 908 -27.92 -4.18 7.38
CA ARG B 908 -28.51 -5.20 8.28
C ARG B 908 -30.01 -5.20 8.10
N ASN B 909 -30.55 -6.37 7.82
CA ASN B 909 -31.95 -6.55 7.37
C ASN B 909 -32.67 -7.41 8.41
N LEU B 910 -33.80 -6.92 8.88
CA LEU B 910 -34.64 -7.66 9.86
C LEU B 910 -35.92 -8.15 9.20
N GLY B 911 -35.98 -8.22 7.86
CA GLY B 911 -37.18 -8.67 7.13
C GLY B 911 -37.49 -10.14 7.40
N GLU B 912 -36.48 -11.00 7.34
CA GLU B 912 -36.64 -12.47 7.46
C GLU B 912 -37.79 -12.96 6.57
N ASP B 913 -37.91 -12.41 5.37
CA ASP B 913 -38.96 -12.85 4.43
C ASP B 913 -38.39 -12.92 3.03
N ILE B 914 -38.87 -13.88 2.25
CA ILE B 914 -38.44 -14.03 0.82
C ILE B 914 -39.42 -13.24 -0.03
N ILE B 915 -39.13 -11.97 -0.20
CA ILE B 915 -39.99 -11.06 -0.99
C ILE B 915 -39.11 -9.96 -1.56
N THR B 916 -39.35 -9.59 -2.80
CA THR B 916 -38.57 -8.51 -3.46
C THR B 916 -38.87 -7.19 -2.76
N SER B 917 -37.87 -6.34 -2.65
CA SER B 917 -38.04 -5.02 -2.02
C SER B 917 -36.96 -4.07 -2.52
N LYS B 918 -37.33 -2.83 -2.72
CA LYS B 918 -36.37 -1.80 -3.18
C LYS B 918 -35.46 -1.42 -2.00
N LEU B 919 -34.19 -1.17 -2.27
CA LEU B 919 -33.25 -0.71 -1.23
C LEU B 919 -32.65 0.65 -1.61
N ILE B 920 -32.03 0.79 -2.77
CA ILE B 920 -31.28 2.03 -3.11
C ILE B 920 -31.18 2.15 -4.62
N GLU B 921 -31.48 3.33 -5.15
CA GLU B 921 -31.90 3.49 -6.55
C GLU B 921 -31.51 4.86 -7.06
N ASN B 922 -31.07 4.93 -8.31
CA ASN B 922 -30.86 6.19 -9.06
C ASN B 922 -31.31 6.02 -10.49
N LYS B 923 -32.48 5.44 -10.69
CA LYS B 923 -33.03 5.21 -12.04
C LYS B 923 -34.08 6.27 -12.36
N ALA B 924 -34.18 6.60 -13.63
CA ALA B 924 -35.18 7.53 -14.17
C ALA B 924 -35.55 7.08 -15.58
N ASP B 925 -36.75 6.54 -15.76
CA ASP B 925 -37.27 6.06 -17.07
C ASP B 925 -36.48 4.83 -17.53
N ASN B 926 -36.19 3.93 -16.60
CA ASN B 926 -35.49 2.66 -16.86
C ASN B 926 -34.07 2.91 -17.39
N CYS B 927 -33.44 3.99 -16.97
CA CYS B 927 -32.03 4.29 -17.30
C CYS B 927 -31.29 4.60 -16.00
N GLY B 928 -30.21 3.89 -15.72
CA GLY B 928 -29.47 4.06 -14.45
C GLY B 928 -29.12 2.76 -13.76
N TRP B 929 -29.10 2.76 -12.43
CA TRP B 929 -28.75 1.56 -11.63
C TRP B 929 -29.55 1.51 -10.34
N GLU B 930 -29.56 0.35 -9.71
CA GLU B 930 -30.23 0.14 -8.40
C GLU B 930 -29.78 -1.15 -7.73
N ILE B 931 -30.05 -1.25 -6.44
CA ILE B 931 -29.86 -2.48 -5.62
C ILE B 931 -31.17 -2.80 -4.92
N TYR B 932 -31.57 -4.05 -4.90
CA TYR B 932 -32.82 -4.49 -4.26
C TYR B 932 -32.72 -5.95 -3.83
N PHE B 933 -33.62 -6.37 -2.96
CA PHE B 933 -33.65 -7.74 -2.42
C PHE B 933 -34.41 -8.67 -3.34
N GLU B 934 -33.92 -9.89 -3.47
CA GLU B 934 -34.62 -10.97 -4.18
C GLU B 934 -34.24 -12.29 -3.55
N ASN B 935 -35.20 -13.18 -3.41
CA ASN B 935 -34.94 -14.52 -2.80
C ASN B 935 -34.17 -14.28 -1.50
N ASN B 936 -33.08 -14.99 -1.27
CA ASN B 936 -32.26 -14.78 -0.06
C ASN B 936 -31.37 -13.55 -0.24
N GLY B 937 -30.80 -13.37 -1.42
CA GLY B 937 -29.67 -12.43 -1.63
C GLY B 937 -30.07 -11.08 -2.19
N LEU B 938 -29.08 -10.41 -2.77
CA LEU B 938 -29.23 -9.08 -3.40
C LEU B 938 -29.12 -9.19 -4.92
N VAL B 939 -29.57 -8.16 -5.61
CA VAL B 939 -29.36 -8.01 -7.07
C VAL B 939 -28.91 -6.60 -7.40
N PHE B 940 -27.87 -6.48 -8.22
CA PHE B 940 -27.36 -5.16 -8.70
C PHE B 940 -27.69 -5.03 -10.18
N SER B 941 -28.33 -3.93 -10.56
CA SER B 941 -28.82 -3.73 -11.94
C SER B 941 -28.26 -2.42 -12.49
N ILE B 942 -27.97 -2.41 -13.78
CA ILE B 942 -27.48 -1.19 -14.48
C ILE B 942 -27.98 -1.26 -15.92
N VAL B 943 -28.71 -0.24 -16.33
CA VAL B 943 -29.44 -0.25 -17.62
C VAL B 943 -28.98 0.92 -18.48
N ASP B 944 -28.94 0.71 -19.77
CA ASP B 944 -28.41 1.69 -20.74
C ASP B 944 -29.58 2.42 -21.42
N CYS B 945 -29.30 3.58 -21.98
CA CYS B 945 -30.23 4.33 -22.84
C CYS B 945 -30.68 3.50 -24.05
N ASN B 946 -29.83 2.62 -24.56
CA ASN B 946 -30.17 1.79 -25.76
C ASN B 946 -30.85 0.50 -25.35
N GLY B 947 -30.81 0.12 -24.05
CA GLY B 947 -31.44 -1.12 -23.57
C GLY B 947 -30.47 -2.23 -23.22
N ASN B 948 -29.17 -1.99 -23.26
CA ASN B 948 -28.19 -2.97 -22.72
C ASN B 948 -28.29 -2.99 -21.20
N GLU B 949 -28.19 -4.18 -20.62
CA GLU B 949 -28.37 -4.37 -19.17
C GLU B 949 -27.29 -5.28 -18.58
N GLU B 950 -27.13 -5.19 -17.28
CA GLU B 950 -26.41 -6.18 -16.45
C GLU B 950 -27.23 -6.45 -15.20
N ASN B 951 -27.75 -7.66 -15.03
CA ASN B 951 -28.47 -8.07 -13.81
C ASN B 951 -27.66 -9.14 -13.09
N ILE B 952 -26.93 -8.76 -12.05
CA ILE B 952 -26.01 -9.67 -11.34
C ILE B 952 -26.62 -10.06 -10.01
N TYR B 953 -26.57 -11.34 -9.68
CA TYR B 953 -27.19 -11.87 -8.45
C TYR B 953 -26.12 -12.24 -7.44
N LEU B 954 -26.29 -11.82 -6.22
CA LEU B 954 -25.34 -12.07 -5.10
C LEU B 954 -26.10 -12.91 -4.07
N SER B 955 -25.53 -14.02 -3.63
CA SER B 955 -26.30 -15.15 -3.03
C SER B 955 -26.21 -15.21 -1.50
N ASP B 956 -25.23 -14.57 -0.90
CA ASP B 956 -24.86 -14.87 0.51
C ASP B 956 -25.85 -14.26 1.50
N VAL B 957 -26.57 -13.22 1.11
CA VAL B 957 -27.23 -12.33 2.11
C VAL B 957 -28.40 -13.05 2.77
N ILE B 958 -28.45 -12.98 4.10
CA ILE B 958 -29.59 -13.53 4.90
C ILE B 958 -29.90 -12.55 6.02
N SER B 959 -30.92 -12.85 6.82
CA SER B 959 -31.49 -11.87 7.76
C SER B 959 -30.67 -11.77 9.05
N LYS B 960 -30.68 -10.58 9.62
CA LYS B 960 -30.12 -10.27 10.97
C LYS B 960 -28.60 -10.38 11.02
N ASN B 961 -27.92 -10.30 9.90
CA ASN B 961 -26.43 -10.26 9.86
C ASN B 961 -25.96 -8.91 9.32
N TRP B 962 -24.72 -8.58 9.65
CA TRP B 962 -24.07 -7.38 9.12
C TRP B 962 -23.28 -7.74 7.87
N TYR B 963 -23.47 -7.01 6.78
CA TYR B 963 -22.66 -7.22 5.55
C TYR B 963 -22.01 -5.92 5.14
N TYR B 964 -20.85 -6.00 4.53
CA TYR B 964 -20.15 -4.83 3.93
C TYR B 964 -20.16 -4.96 2.39
N ILE B 965 -20.87 -4.07 1.72
CA ILE B 965 -21.04 -4.11 0.25
C ILE B 965 -20.25 -2.98 -0.38
N SER B 966 -19.47 -3.30 -1.41
CA SER B 966 -18.61 -2.33 -2.12
C SER B 966 -18.69 -2.59 -3.63
N ILE B 967 -19.04 -1.55 -4.39
CA ILE B 967 -19.23 -1.63 -5.86
C ILE B 967 -18.36 -0.60 -6.58
N SER B 968 -17.63 -1.02 -7.59
CA SER B 968 -16.80 -0.13 -8.43
C SER B 968 -17.04 -0.20 -9.93
N ILE B 969 -17.10 0.97 -10.56
CA ILE B 969 -17.29 1.11 -12.03
C ILE B 969 -16.03 1.77 -12.58
N ASP B 970 -15.38 1.12 -13.52
CA ASP B 970 -14.14 1.61 -14.15
C ASP B 970 -14.36 1.74 -15.65
N ARG B 971 -14.21 2.93 -16.21
CA ARG B 971 -14.50 3.18 -17.64
C ARG B 971 -13.24 3.10 -18.49
N LEU B 972 -12.07 3.42 -17.93
CA LEU B 972 -10.81 3.27 -18.70
C LEU B 972 -10.54 1.80 -19.02
N ARG B 973 -10.84 0.89 -18.10
CA ARG B 973 -10.63 -0.56 -18.31
C ARG B 973 -11.95 -1.26 -18.67
N ASN B 974 -13.09 -0.60 -18.52
CA ASN B 974 -14.41 -1.23 -18.79
C ASN B 974 -14.59 -2.47 -17.90
N GLN B 975 -14.41 -2.29 -16.61
CA GLN B 975 -14.47 -3.39 -15.64
C GLN B 975 -15.38 -3.01 -14.48
N LEU B 976 -16.16 -3.98 -14.02
CA LEU B 976 -17.05 -3.85 -12.83
C LEU B 976 -16.63 -4.84 -11.74
N LEU B 977 -16.49 -4.35 -10.53
CA LEU B 977 -16.08 -5.18 -9.36
C LEU B 977 -17.11 -5.07 -8.24
N ILE B 978 -17.45 -6.20 -7.63
CA ILE B 978 -18.37 -6.25 -6.45
C ILE B 978 -17.72 -7.07 -5.35
N PHE B 979 -17.71 -6.54 -4.14
CA PHE B 979 -17.17 -7.21 -2.94
C PHE B 979 -18.29 -7.34 -1.91
N ILE B 980 -18.31 -8.47 -1.24
CA ILE B 980 -19.12 -8.68 -0.02
C ILE B 980 -18.16 -8.98 1.11
N ASN B 981 -18.15 -8.13 2.13
CA ASN B 981 -17.19 -8.28 3.27
C ASN B 981 -15.78 -8.30 2.71
N ASP B 982 -15.17 -9.46 2.65
CA ASP B 982 -13.72 -9.59 2.41
C ASP B 982 -13.44 -10.11 1.00
N LYS B 983 -14.39 -10.79 0.37
CA LYS B 983 -14.07 -11.58 -0.83
C LYS B 983 -14.69 -10.96 -2.07
N LEU B 984 -13.97 -11.02 -3.17
CA LEU B 984 -14.43 -10.52 -4.48
C LEU B 984 -15.45 -11.49 -5.04
N ILE B 985 -16.63 -11.01 -5.32
CA ILE B 985 -17.77 -11.86 -5.76
C ILE B 985 -17.81 -11.87 -7.29
N ALA B 986 -17.79 -10.70 -7.92
CA ALA B 986 -18.04 -10.55 -9.36
C ALA B 986 -16.93 -9.74 -10.02
N ASN B 987 -16.58 -10.10 -11.25
CA ASN B 987 -15.57 -9.38 -12.06
C ASN B 987 -16.03 -9.41 -13.50
N GLN B 988 -16.67 -8.33 -13.94
CA GLN B 988 -17.40 -8.31 -15.23
C GLN B 988 -16.82 -7.24 -16.15
N SER B 989 -17.03 -7.41 -17.45
CA SER B 989 -16.76 -6.36 -18.45
C SER B 989 -18.06 -5.65 -18.78
N ILE B 990 -18.06 -4.33 -18.66
CA ILE B 990 -19.25 -3.50 -18.96
C ILE B 990 -18.96 -2.77 -20.26
N GLU B 991 -18.22 -3.40 -21.15
CA GLU B 991 -17.77 -2.80 -22.42
C GLU B 991 -19.00 -2.38 -23.25
N GLN B 992 -20.12 -3.04 -23.10
CA GLN B 992 -21.28 -2.82 -24.00
C GLN B 992 -22.30 -1.84 -23.40
N ILE B 993 -21.99 -1.13 -22.33
CA ILE B 993 -23.05 -0.42 -21.57
C ILE B 993 -23.23 1.02 -22.09
N LEU B 994 -22.21 1.62 -22.64
CA LEU B 994 -22.36 2.96 -23.28
C LEU B 994 -22.95 3.96 -22.28
N ASN B 995 -24.06 4.58 -22.61
CA ASN B 995 -24.47 5.84 -21.93
C ASN B 995 -25.48 5.55 -20.84
N ILE B 996 -25.26 6.14 -19.67
CA ILE B 996 -26.17 6.06 -18.51
C ILE B 996 -26.38 7.44 -17.99
N TYR B 997 -27.58 7.95 -18.11
CA TYR B 997 -27.89 9.33 -17.70
C TYR B 997 -29.19 9.25 -16.91
N SER B 998 -29.17 9.83 -15.72
CA SER B 998 -30.28 9.68 -14.76
C SER B 998 -30.39 10.97 -13.96
N SER B 999 -31.19 10.94 -12.93
CA SER B 999 -31.45 12.12 -12.08
C SER B 999 -30.18 12.56 -11.36
N ASN B 1000 -30.29 13.61 -10.60
CA ASN B 1000 -29.26 14.06 -9.65
C ASN B 1000 -29.58 13.58 -8.22
N THR B 1001 -30.58 12.73 -8.04
CA THR B 1001 -31.06 12.31 -6.70
C THR B 1001 -30.86 10.80 -6.51
N ILE B 1002 -30.30 10.41 -5.38
CA ILE B 1002 -30.26 9.01 -4.91
C ILE B 1002 -31.25 8.86 -3.76
N SER B 1003 -32.07 7.84 -3.82
CA SER B 1003 -33.17 7.60 -2.85
C SER B 1003 -32.93 6.30 -2.10
N LEU B 1004 -33.00 6.38 -0.77
CA LEU B 1004 -32.94 5.23 0.16
C LEU B 1004 -34.33 5.05 0.75
N VAL B 1005 -34.87 3.85 0.66
CA VAL B 1005 -36.29 3.62 1.01
C VAL B 1005 -36.48 2.29 1.75
N ASN B 1006 -37.64 2.17 2.37
CA ASN B 1006 -38.15 0.90 2.94
C ASN B 1006 -39.49 0.57 2.29
N GLU B 1007 -39.88 -0.68 2.36
CA GLU B 1007 -41.25 -1.12 1.99
C GLU B 1007 -41.95 -1.62 3.25
N ASN B 1008 -41.45 -2.70 3.83
CA ASN B 1008 -41.94 -3.20 5.14
C ASN B 1008 -40.78 -3.67 6.02
N ASN B 1009 -39.62 -3.96 5.43
CA ASN B 1009 -38.47 -4.51 6.19
C ASN B 1009 -37.82 -3.41 7.02
N PRO B 1010 -37.73 -3.55 8.36
CA PRO B 1010 -36.89 -2.64 9.12
C PRO B 1010 -35.42 -2.90 8.77
N ILE B 1011 -34.60 -1.86 8.71
CA ILE B 1011 -33.19 -2.00 8.29
C ILE B 1011 -32.32 -0.99 9.00
N TYR B 1012 -31.06 -1.33 9.16
CA TYR B 1012 -30.00 -0.41 9.58
C TYR B 1012 -29.08 -0.15 8.41
N ILE B 1013 -28.62 1.07 8.28
CA ILE B 1013 -27.60 1.45 7.27
C ILE B 1013 -26.52 2.23 7.99
N GLU B 1014 -25.30 2.07 7.58
CA GLU B 1014 -24.17 2.77 8.23
C GLU B 1014 -23.03 3.00 7.24
N GLY B 1015 -22.33 4.10 7.40
CA GLY B 1015 -21.14 4.40 6.59
C GLY B 1015 -21.42 4.52 5.09
N LEU B 1016 -22.57 5.03 4.66
CA LEU B 1016 -22.80 5.25 3.21
C LEU B 1016 -21.84 6.32 2.65
N SER B 1017 -21.18 6.01 1.55
CA SER B 1017 -20.17 6.89 0.93
C SER B 1017 -20.04 6.60 -0.57
N ILE B 1018 -19.74 7.65 -1.33
CA ILE B 1018 -19.62 7.57 -2.82
C ILE B 1018 -18.33 8.21 -3.27
N LEU B 1019 -17.59 7.50 -4.10
CA LEU B 1019 -16.29 7.97 -4.64
C LEU B 1019 -16.40 8.28 -6.12
N ASN B 1020 -15.53 9.17 -6.58
CA ASN B 1020 -15.45 9.57 -8.01
C ASN B 1020 -14.34 8.80 -8.73
N ARG B 1021 -13.97 7.63 -8.25
CA ARG B 1021 -12.97 6.79 -8.93
C ARG B 1021 -13.22 5.33 -8.53
N SER B 1022 -12.66 4.44 -9.32
CA SER B 1022 -12.71 2.99 -9.04
C SER B 1022 -11.75 2.64 -7.88
N ILE B 1023 -11.93 1.46 -7.34
CA ILE B 1023 -11.10 0.97 -6.19
C ILE B 1023 -10.53 -0.39 -6.55
N THR B 1024 -9.55 -0.81 -5.78
CA THR B 1024 -8.84 -2.10 -5.98
C THR B 1024 -9.10 -3.02 -4.79
N SER B 1025 -8.73 -4.28 -4.95
CA SER B 1025 -8.91 -5.32 -3.92
C SER B 1025 -8.21 -4.94 -2.62
N GLU B 1026 -7.02 -4.34 -2.70
CA GLU B 1026 -6.21 -4.06 -1.49
C GLU B 1026 -6.94 -3.03 -0.63
N GLU B 1027 -7.54 -2.02 -1.24
CA GLU B 1027 -8.23 -0.98 -0.47
C GLU B 1027 -9.41 -1.60 0.27
N VAL B 1028 -10.14 -2.51 -0.37
CA VAL B 1028 -11.37 -3.09 0.22
C VAL B 1028 -10.99 -3.85 1.49
N VAL B 1029 -9.96 -4.67 1.39
CA VAL B 1029 -9.58 -5.55 2.53
C VAL B 1029 -9.15 -4.67 3.71
N ASN B 1030 -8.34 -3.66 3.46
CA ASN B 1030 -7.85 -2.78 4.55
C ASN B 1030 -9.03 -2.07 5.22
N ASN B 1031 -9.94 -1.54 4.44
CA ASN B 1031 -11.10 -0.82 5.00
C ASN B 1031 -11.92 -1.76 5.87
N TYR B 1032 -12.16 -2.98 5.39
CA TYR B 1032 -13.02 -3.94 6.10
C TYR B 1032 -12.49 -4.16 7.52
N PHE B 1033 -11.23 -4.57 7.63
CA PHE B 1033 -10.67 -4.98 8.93
C PHE B 1033 -10.42 -3.74 9.80
N SER B 1034 -10.00 -2.64 9.22
CA SER B 1034 -9.74 -1.41 10.01
C SER B 1034 -11.02 -0.94 10.73
N TYR B 1035 -12.17 -1.02 10.06
CA TYR B 1035 -13.44 -0.56 10.66
C TYR B 1035 -13.81 -1.45 11.83
N LEU B 1036 -13.57 -2.75 11.72
CA LEU B 1036 -13.96 -3.71 12.80
C LEU B 1036 -12.93 -3.73 13.94
N ASN B 1037 -11.81 -3.06 13.79
CA ASN B 1037 -10.74 -3.10 14.82
C ASN B 1037 -11.06 -2.10 15.92
N ASN B 1038 -12.10 -2.36 16.70
CA ASN B 1038 -12.46 -1.49 17.85
C ASN B 1038 -12.37 -2.35 19.12
N SER B 1039 -12.84 -1.83 20.25
CA SER B 1039 -12.63 -2.49 21.56
C SER B 1039 -13.73 -3.46 21.95
N TYR B 1040 -14.65 -3.85 21.08
CA TYR B 1040 -15.83 -4.66 21.47
C TYR B 1040 -15.68 -6.10 20.98
N ILE B 1041 -16.20 -7.02 21.77
CA ILE B 1041 -16.37 -8.41 21.32
C ILE B 1041 -17.71 -8.48 20.59
N ARG B 1042 -17.85 -9.39 19.61
CA ARG B 1042 -19.09 -9.46 18.84
C ARG B 1042 -19.68 -10.85 18.87
N ASP B 1043 -20.96 -10.94 18.55
CA ASP B 1043 -21.67 -12.24 18.35
C ASP B 1043 -21.31 -12.86 17.00
N ILE B 1044 -21.90 -14.01 16.75
CA ILE B 1044 -21.76 -14.72 15.45
C ILE B 1044 -22.38 -13.87 14.35
N SER B 1045 -23.40 -13.08 14.68
CA SER B 1045 -24.14 -12.24 13.70
C SER B 1045 -23.50 -10.84 13.54
N GLY B 1046 -22.51 -10.46 14.32
CA GLY B 1046 -21.88 -9.14 14.17
C GLY B 1046 -22.37 -8.13 15.19
N GLU B 1047 -23.21 -8.49 16.16
CA GLU B 1047 -23.67 -7.48 17.15
C GLU B 1047 -22.76 -7.56 18.39
N ARG B 1048 -22.76 -6.50 19.17
CA ARG B 1048 -21.98 -6.43 20.42
C ARG B 1048 -22.52 -7.45 21.43
N LEU B 1049 -21.59 -8.10 22.14
CA LEU B 1049 -21.96 -9.05 23.22
C LEU B 1049 -22.51 -8.26 24.40
N GLU B 1050 -23.33 -8.93 25.19
CA GLU B 1050 -23.93 -8.27 26.37
C GLU B 1050 -23.81 -9.17 27.60
N TYR B 1051 -23.56 -8.55 28.74
CA TYR B 1051 -23.67 -9.23 30.06
C TYR B 1051 -25.12 -9.56 30.36
N ASN B 1052 -25.33 -10.71 31.00
CA ASN B 1052 -26.64 -11.12 31.56
C ASN B 1052 -27.62 -11.39 30.42
N LYS B 1053 -27.15 -11.99 29.33
CA LYS B 1053 -28.00 -12.39 28.18
C LYS B 1053 -27.68 -13.83 27.79
N THR B 1054 -28.70 -14.60 27.48
CA THR B 1054 -28.53 -16.04 27.17
C THR B 1054 -27.90 -16.22 25.79
N TYR B 1055 -27.22 -17.34 25.61
CA TYR B 1055 -26.43 -17.64 24.40
C TYR B 1055 -26.30 -19.14 24.22
N GLU B 1056 -25.91 -19.53 23.03
CA GLU B 1056 -25.47 -20.89 22.71
C GLU B 1056 -24.01 -20.83 22.27
N LEU B 1057 -23.28 -21.91 22.52
CA LEU B 1057 -21.80 -21.90 22.35
C LEU B 1057 -21.39 -22.84 21.23
N TYR B 1058 -20.62 -22.33 20.29
CA TYR B 1058 -20.14 -23.10 19.13
C TYR B 1058 -18.62 -23.03 19.05
N ASN B 1059 -18.02 -24.08 18.47
CA ASN B 1059 -16.56 -24.12 18.24
C ASN B 1059 -16.27 -23.91 16.76
N TYR B 1060 -15.31 -23.06 16.46
CA TYR B 1060 -14.99 -22.68 15.07
C TYR B 1060 -14.72 -23.94 14.21
N VAL B 1061 -14.11 -24.94 14.78
CA VAL B 1061 -13.81 -26.18 14.01
C VAL B 1061 -15.12 -26.90 13.70
N PHE B 1062 -16.07 -26.90 14.61
CA PHE B 1062 -17.41 -27.52 14.37
C PHE B 1062 -18.50 -26.48 14.49
N PRO B 1063 -18.74 -25.69 13.43
CA PRO B 1063 -19.58 -24.49 13.55
C PRO B 1063 -21.09 -24.72 13.73
N GLU B 1064 -21.56 -25.95 13.61
CA GLU B 1064 -23.02 -26.24 13.68
C GLU B 1064 -23.39 -27.15 14.86
N ASN B 1065 -22.43 -27.63 15.64
CA ASN B 1065 -22.71 -28.39 16.87
C ASN B 1065 -22.59 -27.45 18.05
N SER B 1066 -23.57 -27.46 18.94
CA SER B 1066 -23.52 -26.66 20.17
C SER B 1066 -23.16 -27.57 21.35
N LEU B 1067 -22.45 -27.01 22.32
CA LEU B 1067 -22.07 -27.76 23.54
C LEU B 1067 -23.29 -28.14 24.36
N TYR B 1068 -23.24 -29.31 24.99
CA TYR B 1068 -24.29 -29.76 25.90
C TYR B 1068 -23.66 -30.49 27.07
N GLU B 1069 -24.40 -30.54 28.17
CA GLU B 1069 -23.91 -31.11 29.45
C GLU B 1069 -23.86 -32.62 29.35
N VAL B 1070 -22.85 -33.21 29.96
CA VAL B 1070 -22.73 -34.69 30.06
C VAL B 1070 -22.29 -35.04 31.47
N THR B 1071 -22.91 -36.05 32.03
CA THR B 1071 -22.54 -36.61 33.35
C THR B 1071 -21.90 -37.98 33.14
N GLU B 1072 -20.66 -38.13 33.58
CA GLU B 1072 -19.92 -39.41 33.50
C GLU B 1072 -19.74 -39.99 34.92
N ASN B 1073 -19.02 -39.29 35.78
CA ASN B 1073 -19.06 -39.55 37.25
C ASN B 1073 -19.96 -38.48 37.86
N ASN B 1074 -19.99 -38.39 39.18
CA ASN B 1074 -20.79 -37.36 39.89
C ASN B 1074 -20.55 -35.98 39.30
N ASN B 1075 -19.42 -35.78 38.62
CA ASN B 1075 -19.09 -34.48 37.98
C ASN B 1075 -19.88 -34.27 36.69
N ILE B 1076 -19.95 -33.01 36.25
CA ILE B 1076 -20.68 -32.61 35.02
C ILE B 1076 -19.69 -31.92 34.08
N TYR B 1077 -19.63 -32.35 32.84
CA TYR B 1077 -18.67 -31.84 31.84
C TYR B 1077 -19.42 -31.24 30.66
N LEU B 1078 -18.67 -30.72 29.68
CA LEU B 1078 -19.25 -30.25 28.39
C LEU B 1078 -18.56 -30.93 27.21
N SER B 1079 -19.32 -31.22 26.16
CA SER B 1079 -18.75 -31.71 24.89
C SER B 1079 -19.69 -31.36 23.74
N ILE B 1080 -19.20 -31.49 22.52
CA ILE B 1080 -20.06 -31.34 21.32
C ILE B 1080 -20.87 -32.62 21.14
N LYS B 1081 -22.03 -32.49 20.52
CA LYS B 1081 -22.92 -33.63 20.26
C LYS B 1081 -22.31 -34.54 19.20
N ASP B 1082 -22.54 -35.83 19.32
CA ASP B 1082 -22.04 -36.82 18.33
C ASP B 1082 -22.77 -36.66 17.00
N THR B 1083 -22.42 -37.49 16.03
CA THR B 1083 -22.98 -37.39 14.66
C THR B 1083 -24.41 -37.94 14.58
N ASN B 1084 -24.89 -38.63 15.59
CA ASN B 1084 -26.24 -39.28 15.54
C ASN B 1084 -27.25 -38.56 16.43
N ASN B 1085 -26.84 -38.08 17.59
CA ASN B 1085 -27.77 -37.44 18.57
C ASN B 1085 -27.81 -35.93 18.35
N LEU B 1086 -27.61 -35.45 17.12
CA LEU B 1086 -27.59 -33.99 16.83
C LEU B 1086 -28.92 -33.34 17.19
N ASN B 1087 -29.99 -34.13 17.31
CA ASN B 1087 -31.32 -33.58 17.67
C ASN B 1087 -31.31 -32.98 19.08
N ILE B 1088 -30.35 -33.34 19.92
CA ILE B 1088 -30.32 -32.88 21.34
C ILE B 1088 -30.22 -31.35 21.36
N GLN B 1089 -30.80 -30.76 22.39
CA GLN B 1089 -30.77 -29.30 22.59
C GLN B 1089 -29.47 -28.88 23.29
N GLY B 1090 -28.83 -27.85 22.78
CA GLY B 1090 -27.58 -27.33 23.35
C GLY B 1090 -27.80 -26.66 24.68
N ALA B 1091 -26.75 -26.54 25.48
CA ALA B 1091 -26.79 -25.82 26.76
C ALA B 1091 -26.96 -24.31 26.53
N LYS B 1092 -27.26 -23.58 27.59
CA LYS B 1092 -27.50 -22.12 27.53
C LYS B 1092 -26.58 -21.41 28.53
N PHE B 1093 -25.89 -20.38 28.08
CA PHE B 1093 -24.81 -19.75 28.86
C PHE B 1093 -25.10 -18.28 29.07
N LYS B 1094 -24.38 -17.71 30.03
CA LYS B 1094 -24.44 -16.26 30.35
C LYS B 1094 -23.08 -15.81 30.84
N LEU B 1095 -22.80 -14.53 30.67
CA LEU B 1095 -21.55 -13.91 31.11
C LEU B 1095 -21.89 -12.96 32.24
N ILE B 1096 -21.01 -12.87 33.22
CA ILE B 1096 -21.22 -12.07 34.46
C ILE B 1096 -19.95 -11.31 34.76
N ASN B 1097 -20.09 -10.05 35.13
CA ASN B 1097 -18.98 -9.21 35.62
C ASN B 1097 -19.34 -8.76 37.04
N ILE B 1098 -18.34 -8.62 37.89
CA ILE B 1098 -18.55 -8.20 39.30
C ILE B 1098 -19.22 -6.81 39.31
N ASP B 1099 -18.82 -5.95 38.40
CA ASP B 1099 -19.37 -4.59 38.31
C ASP B 1099 -20.74 -4.66 37.62
N ALA B 1100 -21.81 -4.81 38.39
CA ALA B 1100 -23.18 -4.80 37.82
C ALA B 1100 -23.42 -3.45 37.13
N ASN B 1101 -24.43 -3.39 36.27
CA ASN B 1101 -24.80 -2.20 35.46
C ASN B 1101 -23.85 -2.06 34.25
N LYS B 1102 -22.78 -2.85 34.17
CA LYS B 1102 -21.99 -2.99 32.93
C LYS B 1102 -22.82 -3.83 31.94
N GLN B 1103 -22.87 -3.37 30.69
CA GLN B 1103 -23.78 -3.96 29.68
C GLN B 1103 -22.99 -4.70 28.60
N TYR B 1104 -22.05 -4.04 27.96
CA TYR B 1104 -21.37 -4.62 26.78
C TYR B 1104 -19.96 -5.13 27.16
N VAL B 1105 -19.60 -6.26 26.58
CA VAL B 1105 -18.30 -6.91 26.89
C VAL B 1105 -17.21 -6.27 26.05
N GLN B 1106 -16.11 -5.86 26.68
CA GLN B 1106 -14.94 -5.33 25.95
C GLN B 1106 -13.74 -6.26 26.12
N LYS B 1107 -12.75 -6.08 25.29
CA LYS B 1107 -11.54 -6.94 25.33
C LYS B 1107 -10.78 -6.72 26.62
N TRP B 1108 -10.27 -7.81 27.19
CA TRP B 1108 -9.47 -7.84 28.46
C TRP B 1108 -10.37 -7.69 29.68
N ASP B 1109 -11.67 -7.88 29.56
CA ASP B 1109 -12.53 -7.92 30.76
C ASP B 1109 -12.53 -9.32 31.36
N GLU B 1110 -12.72 -9.36 32.66
CA GLU B 1110 -12.73 -10.60 33.47
C GLU B 1110 -14.16 -10.86 33.92
N GLY B 1111 -14.47 -12.14 34.06
CA GLY B 1111 -15.79 -12.53 34.53
C GLY B 1111 -15.90 -13.99 34.79
N VAL B 1112 -17.12 -14.44 35.01
CA VAL B 1112 -17.42 -15.89 35.18
C VAL B 1112 -18.43 -16.29 34.12
N VAL B 1113 -18.65 -17.59 34.00
CA VAL B 1113 -19.63 -18.12 33.03
C VAL B 1113 -20.66 -18.93 33.80
N CYS B 1114 -21.92 -18.65 33.59
CA CYS B 1114 -23.05 -19.25 34.33
C CYS B 1114 -23.91 -20.02 33.34
N LEU B 1115 -24.51 -21.11 33.80
CA LEU B 1115 -25.43 -21.91 32.98
C LEU B 1115 -26.82 -21.84 33.59
N LEU B 1116 -27.81 -21.55 32.77
CA LEU B 1116 -29.22 -21.55 33.22
C LEU B 1116 -29.67 -22.99 33.51
N GLY B 1117 -30.64 -23.10 34.40
CA GLY B 1117 -31.27 -24.37 34.78
C GLY B 1117 -32.03 -24.25 36.08
N ASP B 1118 -32.62 -25.35 36.51
CA ASP B 1118 -33.25 -25.47 37.84
C ASP B 1118 -32.28 -24.99 38.93
N GLU B 1119 -31.00 -25.28 38.79
CA GLU B 1119 -29.98 -24.85 39.76
C GLU B 1119 -28.90 -24.06 39.03
N GLU B 1120 -28.40 -23.00 39.66
CA GLU B 1120 -27.27 -22.23 39.12
C GLU B 1120 -26.02 -23.11 39.09
N LYS B 1121 -25.27 -23.01 38.01
CA LYS B 1121 -23.97 -23.70 37.85
C LYS B 1121 -22.94 -22.70 37.35
N TYR B 1122 -21.68 -22.97 37.62
CA TYR B 1122 -20.58 -22.09 37.19
C TYR B 1122 -19.40 -22.97 36.76
N VAL B 1123 -18.60 -22.45 35.85
CA VAL B 1123 -17.53 -23.27 35.22
C VAL B 1123 -16.30 -23.25 36.16
N ASP B 1124 -15.67 -24.40 36.27
CA ASP B 1124 -14.44 -24.56 37.05
C ASP B 1124 -13.53 -25.58 36.36
N ILE B 1125 -12.24 -25.44 36.55
CA ILE B 1125 -11.23 -26.33 35.93
C ILE B 1125 -10.95 -27.47 36.91
N SER B 1126 -11.11 -28.69 36.43
CA SER B 1126 -10.74 -29.91 37.21
C SER B 1126 -9.22 -29.98 37.37
N SER B 1127 -8.76 -30.69 38.38
CA SER B 1127 -7.31 -30.90 38.65
C SER B 1127 -6.86 -32.30 38.21
N GLU B 1128 -7.68 -33.32 38.44
CA GLU B 1128 -7.36 -34.71 38.03
C GLU B 1128 -7.08 -34.74 36.52
N ASN B 1129 -7.98 -34.17 35.75
CA ASN B 1129 -7.78 -33.91 34.30
C ASN B 1129 -8.15 -32.46 34.07
N ASN B 1130 -7.60 -31.84 33.03
CA ASN B 1130 -7.79 -30.39 32.84
C ASN B 1130 -9.16 -30.11 32.21
N ARG B 1131 -10.09 -31.05 32.25
CA ARG B 1131 -11.44 -30.81 31.72
C ARG B 1131 -12.12 -29.67 32.49
N ILE B 1132 -13.07 -29.03 31.86
CA ILE B 1132 -13.92 -28.01 32.53
C ILE B 1132 -15.14 -28.71 33.11
N GLN B 1133 -15.40 -28.46 34.37
CA GLN B 1133 -16.57 -29.06 35.06
C GLN B 1133 -17.41 -27.97 35.69
N LEU B 1134 -18.68 -28.28 35.90
CA LEU B 1134 -19.65 -27.33 36.49
C LEU B 1134 -19.71 -27.53 38.00
N VAL B 1135 -19.79 -26.43 38.71
CA VAL B 1135 -19.97 -26.43 40.19
C VAL B 1135 -21.19 -25.59 40.52
N ASN B 1136 -21.70 -25.77 41.72
CA ASN B 1136 -22.96 -25.12 42.16
C ASN B 1136 -22.64 -23.97 43.12
N SER B 1137 -21.37 -23.56 43.23
CA SER B 1137 -20.95 -22.49 44.16
C SER B 1137 -20.28 -21.38 43.36
N LYS B 1138 -20.72 -20.13 43.55
CA LYS B 1138 -20.10 -18.98 42.87
C LYS B 1138 -18.73 -18.65 43.47
N ASP B 1139 -18.39 -19.24 44.61
CA ASP B 1139 -17.10 -18.93 45.28
C ASP B 1139 -15.97 -19.61 44.52
N THR B 1140 -16.19 -20.83 44.04
CA THR B 1140 -15.15 -21.63 43.37
C THR B 1140 -15.14 -21.36 41.86
N ALA B 1141 -16.05 -20.54 41.34
CA ALA B 1141 -16.08 -20.23 39.89
C ALA B 1141 -14.76 -19.56 39.50
N LYS B 1142 -14.21 -19.97 38.37
CA LYS B 1142 -12.96 -19.40 37.85
C LYS B 1142 -13.21 -18.04 37.19
N ARG B 1143 -12.23 -17.17 37.27
CA ARG B 1143 -12.29 -15.88 36.55
C ARG B 1143 -11.59 -16.03 35.22
N ILE B 1144 -12.26 -15.63 34.15
CA ILE B 1144 -11.78 -15.87 32.76
C ILE B 1144 -11.67 -14.54 32.03
N ILE B 1145 -10.76 -14.48 31.09
CA ILE B 1145 -10.52 -13.25 30.29
C ILE B 1145 -11.06 -13.43 28.88
N PHE B 1146 -11.79 -12.43 28.40
CA PHE B 1146 -12.38 -12.43 27.05
C PHE B 1146 -11.53 -11.63 26.08
N ASN B 1147 -11.39 -12.14 24.86
CA ASN B 1147 -10.60 -11.49 23.80
C ASN B 1147 -10.97 -12.07 22.43
N ASN B 1148 -10.44 -11.46 21.39
CA ASN B 1148 -10.70 -11.93 20.01
C ASN B 1148 -9.47 -11.73 19.14
N ASP B 1149 -9.60 -12.04 17.86
CA ASP B 1149 -8.51 -11.90 16.89
C ASP B 1149 -8.88 -10.83 15.86
N ILE B 1150 -7.89 -10.09 15.39
CA ILE B 1150 -8.12 -9.00 14.39
C ILE B 1150 -8.70 -9.57 13.09
N PHE B 1151 -8.19 -10.69 12.62
CA PHE B 1151 -8.60 -11.26 11.32
C PHE B 1151 -9.74 -12.26 11.49
N MET B 1152 -10.31 -12.41 12.68
CA MET B 1152 -11.53 -13.23 12.89
C MET B 1152 -12.49 -12.41 13.74
N PRO B 1153 -13.16 -11.40 13.14
CA PRO B 1153 -13.83 -10.36 13.93
C PRO B 1153 -14.98 -10.85 14.82
N ASN B 1154 -15.70 -11.84 14.39
CA ASN B 1154 -16.93 -12.28 15.10
C ASN B 1154 -16.67 -13.53 15.94
N CYS B 1155 -15.44 -13.95 16.14
CA CYS B 1155 -15.11 -15.13 16.97
C CYS B 1155 -14.57 -14.64 18.30
N LEU B 1156 -14.40 -15.56 19.24
CA LEU B 1156 -14.02 -15.19 20.62
C LEU B 1156 -13.04 -16.24 21.15
N THR B 1157 -12.34 -15.88 22.22
CA THR B 1157 -11.42 -16.77 22.98
C THR B 1157 -11.54 -16.54 24.48
N PHE B 1158 -11.45 -17.62 25.24
CA PHE B 1158 -11.37 -17.62 26.72
C PHE B 1158 -9.96 -18.04 27.13
N ALA B 1159 -9.35 -17.31 28.04
CA ALA B 1159 -7.99 -17.56 28.54
C ALA B 1159 -8.02 -17.67 30.06
N TYR B 1160 -7.28 -18.63 30.59
CA TYR B 1160 -7.11 -18.82 32.05
C TYR B 1160 -5.63 -18.93 32.37
N ASN B 1161 -5.09 -17.92 33.03
CA ASN B 1161 -3.65 -17.87 33.42
C ASN B 1161 -2.79 -18.08 32.17
N ASN B 1162 -3.16 -17.44 31.08
CA ASN B 1162 -2.38 -17.45 29.80
C ASN B 1162 -2.44 -18.82 29.12
N LYS B 1163 -3.36 -19.67 29.52
CA LYS B 1163 -3.64 -20.92 28.79
C LYS B 1163 -5.04 -20.78 28.17
N TYR B 1164 -5.16 -20.95 26.87
CA TYR B 1164 -6.48 -20.87 26.21
C TYR B 1164 -7.30 -22.12 26.46
N LEU B 1165 -8.61 -21.98 26.44
CA LEU B 1165 -9.56 -23.12 26.48
C LEU B 1165 -9.85 -23.58 25.04
N SER B 1166 -9.73 -24.87 24.80
CA SER B 1166 -9.95 -25.44 23.46
C SER B 1166 -10.65 -26.79 23.56
N LEU B 1167 -11.00 -27.36 22.41
CA LEU B 1167 -11.52 -28.72 22.37
C LEU B 1167 -10.36 -29.70 22.47
N SER B 1168 -10.66 -30.96 22.73
CA SER B 1168 -9.66 -32.04 22.81
C SER B 1168 -9.80 -33.01 21.64
N LEU B 1169 -8.87 -33.95 21.54
CA LEU B 1169 -8.96 -35.02 20.54
C LEU B 1169 -10.07 -35.99 20.94
N ARG B 1170 -10.57 -36.74 19.97
CA ARG B 1170 -11.73 -37.62 20.24
C ARG B 1170 -11.44 -38.59 21.39
N ASP B 1171 -12.43 -38.83 22.22
CA ASP B 1171 -12.37 -39.81 23.33
C ASP B 1171 -13.68 -40.58 23.32
N ARG B 1172 -13.69 -41.76 22.74
CA ARG B 1172 -14.93 -42.57 22.57
C ARG B 1172 -15.93 -41.75 21.73
N ASN B 1173 -16.89 -41.08 22.37
CA ASN B 1173 -17.91 -40.27 21.65
C ASN B 1173 -17.73 -38.79 21.95
N TYR B 1174 -16.81 -38.41 22.82
CA TYR B 1174 -16.77 -37.03 23.36
C TYR B 1174 -15.54 -36.28 22.84
N ASN B 1175 -15.73 -35.00 22.56
CA ASN B 1175 -14.63 -34.03 22.48
C ASN B 1175 -14.81 -33.04 23.64
N TRP B 1176 -14.03 -33.16 24.68
CA TRP B 1176 -14.22 -32.34 25.90
C TRP B 1176 -13.71 -30.91 25.70
N MET B 1177 -14.22 -30.00 26.51
CA MET B 1177 -13.71 -28.63 26.60
C MET B 1177 -12.67 -28.56 27.74
N ILE B 1178 -11.42 -28.26 27.39
CA ILE B 1178 -10.25 -28.45 28.29
C ILE B 1178 -9.36 -27.22 28.38
N CYS B 1179 -8.48 -27.20 29.36
CA CYS B 1179 -7.37 -26.21 29.48
C CYS B 1179 -6.14 -26.75 28.80
N ASN B 1180 -5.88 -26.30 27.59
CA ASN B 1180 -4.92 -26.99 26.69
C ASN B 1180 -3.51 -26.43 26.88
N ASN B 1181 -2.52 -27.29 26.76
CA ASN B 1181 -1.11 -26.86 26.68
C ASN B 1181 -0.32 -27.62 25.60
N ASN B 1182 -0.91 -28.57 24.90
CA ASN B 1182 -0.19 -29.40 23.92
C ASN B 1182 -0.04 -28.65 22.59
N ASP B 1183 0.93 -29.08 21.79
CA ASP B 1183 1.15 -28.55 20.43
C ASP B 1183 0.56 -29.50 19.38
N ASN B 1184 0.03 -30.64 19.78
CA ASN B 1184 -0.56 -31.62 18.82
C ASN B 1184 -2.04 -31.30 18.57
N ILE B 1185 -2.58 -30.25 19.17
CA ILE B 1185 -3.96 -29.80 18.89
C ILE B 1185 -3.88 -28.59 17.98
N PRO B 1186 -4.68 -28.53 16.90
CA PRO B 1186 -4.67 -27.37 16.01
C PRO B 1186 -4.99 -26.05 16.73
N LYS B 1187 -4.32 -24.99 16.29
CA LYS B 1187 -4.46 -23.64 16.88
C LYS B 1187 -5.88 -23.12 16.70
N ALA B 1188 -6.55 -23.48 15.60
CA ALA B 1188 -7.97 -23.13 15.33
C ALA B 1188 -8.90 -23.62 16.44
N ALA B 1189 -8.52 -24.66 17.19
CA ALA B 1189 -9.45 -25.31 18.14
C ALA B 1189 -9.77 -24.36 19.29
N HIS B 1190 -8.99 -23.29 19.49
CA HIS B 1190 -9.30 -22.36 20.59
C HIS B 1190 -9.98 -21.07 20.12
N LEU B 1191 -10.86 -21.15 19.14
CA LEU B 1191 -11.73 -20.02 18.74
C LEU B 1191 -13.20 -20.44 18.88
N TRP B 1192 -13.97 -19.59 19.56
CA TRP B 1192 -15.38 -19.89 19.87
C TRP B 1192 -16.30 -18.76 19.39
N ALA B 1193 -17.59 -19.07 19.32
CA ALA B 1193 -18.66 -18.17 18.83
C ALA B 1193 -19.88 -18.35 19.72
N LEU B 1194 -20.67 -17.29 19.88
CA LEU B 1194 -21.81 -17.24 20.79
C LEU B 1194 -23.09 -16.86 20.05
N LYS B 1195 -24.18 -17.59 20.36
CA LYS B 1195 -25.56 -17.48 19.79
C LYS B 1195 -25.60 -18.01 18.36
#